data_1WJR
#
_entry.id   1WJR
#
_entity_poly.entity_id   1
_entity_poly.type   'polypeptide(L)'
_entity_poly.pdbx_seq_one_letter_code
;GSSGSSGPIDLITVGSLIELQDSQNPFQYWIVSVIENVGGRLRLRYVGLEDTESYDQWLFYLDYRLRPVGWCQENKYRMD
PPSEIYPLKMASEWKCTLEKSLIDAAKFPLPMEVFKDHADLSGPSSG
;
_entity_poly.pdbx_strand_id   A
#
# COMPACT_ATOMS: atom_id res chain seq x y z
N GLY A 1 7.26 20.32 -1.64
CA GLY A 1 7.11 19.26 -2.62
C GLY A 1 8.41 18.98 -3.36
N SER A 2 8.29 18.56 -4.62
CA SER A 2 9.45 18.25 -5.44
C SER A 2 9.05 17.94 -6.87
N SER A 3 9.59 18.71 -7.81
CA SER A 3 9.28 18.52 -9.22
C SER A 3 10.54 18.17 -10.01
N GLY A 4 10.75 16.87 -10.21
CA GLY A 4 11.92 16.42 -10.95
C GLY A 4 11.60 16.06 -12.38
N SER A 5 12.18 14.97 -12.87
CA SER A 5 11.95 14.53 -14.24
C SER A 5 10.51 14.07 -14.43
N SER A 6 10.15 13.79 -15.68
CA SER A 6 8.80 13.34 -16.00
C SER A 6 8.69 11.82 -15.91
N GLY A 7 8.10 11.35 -14.81
CA GLY A 7 7.93 9.92 -14.62
C GLY A 7 6.89 9.59 -13.56
N PRO A 8 6.98 8.38 -12.99
CA PRO A 8 6.05 7.92 -11.97
C PRO A 8 6.22 8.66 -10.64
N ILE A 9 7.39 9.28 -10.46
CA ILE A 9 7.67 10.03 -9.25
C ILE A 9 6.69 11.19 -9.07
N ASP A 10 6.33 11.82 -10.18
CA ASP A 10 5.39 12.93 -10.15
C ASP A 10 3.95 12.44 -10.00
N LEU A 11 3.71 11.22 -10.46
CA LEU A 11 2.37 10.64 -10.38
C LEU A 11 1.97 10.37 -8.93
N ILE A 12 2.92 9.85 -8.15
CA ILE A 12 2.67 9.55 -6.75
C ILE A 12 2.85 10.80 -5.89
N THR A 13 1.91 11.01 -4.97
CA THR A 13 1.95 12.18 -4.09
C THR A 13 1.67 11.77 -2.64
N VAL A 14 2.45 12.31 -1.72
CA VAL A 14 2.29 12.01 -0.30
C VAL A 14 0.81 11.83 0.05
N GLY A 15 0.50 10.75 0.76
CA GLY A 15 -0.87 10.48 1.14
C GLY A 15 -1.48 9.33 0.36
N SER A 16 -1.04 9.18 -0.88
CA SER A 16 -1.56 8.12 -1.74
C SER A 16 -1.61 6.79 -1.00
N LEU A 17 -2.77 6.15 -1.02
CA LEU A 17 -2.95 4.86 -0.35
C LEU A 17 -2.57 3.71 -1.27
N ILE A 18 -1.76 2.79 -0.74
CA ILE A 18 -1.33 1.63 -1.51
C ILE A 18 -1.24 0.38 -0.64
N GLU A 19 -1.23 -0.78 -1.28
CA GLU A 19 -1.14 -2.05 -0.55
C GLU A 19 0.30 -2.52 -0.44
N LEU A 20 0.57 -3.37 0.54
CA LEU A 20 1.91 -3.89 0.76
C LEU A 20 1.86 -5.35 1.21
N GLN A 21 2.93 -6.09 0.92
CA GLN A 21 3.00 -7.50 1.30
C GLN A 21 3.84 -7.68 2.56
N ASP A 22 3.69 -8.83 3.21
CA ASP A 22 4.43 -9.12 4.44
C ASP A 22 5.61 -10.02 4.14
N SER A 23 6.78 -9.65 4.65
CA SER A 23 8.00 -10.42 4.44
C SER A 23 7.80 -11.87 4.86
N GLN A 24 7.07 -12.07 5.95
CA GLN A 24 6.80 -13.42 6.47
C GLN A 24 5.52 -13.98 5.87
N ASN A 25 4.49 -13.13 5.78
CA ASN A 25 3.20 -13.54 5.23
C ASN A 25 3.00 -12.97 3.84
N PRO A 26 3.40 -13.76 2.82
CA PRO A 26 3.28 -13.36 1.42
C PRO A 26 1.82 -13.32 0.96
N PHE A 27 1.05 -14.31 1.38
CA PHE A 27 -0.36 -14.39 1.02
C PHE A 27 -1.17 -13.28 1.68
N GLN A 28 -0.74 -12.88 2.87
CA GLN A 28 -1.42 -11.83 3.62
C GLN A 28 -0.90 -10.45 3.22
N TYR A 29 -1.78 -9.46 3.20
CA TYR A 29 -1.40 -8.10 2.84
C TYR A 29 -2.05 -7.09 3.77
N TRP A 30 -1.69 -5.82 3.60
CA TRP A 30 -2.24 -4.75 4.44
C TRP A 30 -2.29 -3.44 3.66
N ILE A 31 -3.08 -2.49 4.16
CA ILE A 31 -3.22 -1.19 3.52
C ILE A 31 -2.34 -0.14 4.20
N VAL A 32 -1.58 0.59 3.40
CA VAL A 32 -0.70 1.63 3.91
C VAL A 32 -0.93 2.95 3.20
N SER A 33 -0.37 4.03 3.76
CA SER A 33 -0.52 5.36 3.18
C SER A 33 0.83 6.05 3.08
N VAL A 34 1.15 6.55 1.90
CA VAL A 34 2.41 7.25 1.66
C VAL A 34 2.60 8.39 2.65
N ILE A 35 3.61 8.26 3.50
CA ILE A 35 3.91 9.28 4.50
C ILE A 35 4.75 10.40 3.91
N GLU A 36 5.69 10.03 3.04
CA GLU A 36 6.57 11.01 2.41
C GLU A 36 7.21 10.42 1.15
N ASN A 37 7.43 11.28 0.15
CA ASN A 37 8.02 10.85 -1.10
C ASN A 37 9.29 11.66 -1.40
N VAL A 38 10.45 11.02 -1.24
CA VAL A 38 11.72 11.67 -1.49
C VAL A 38 12.41 11.08 -2.71
N GLY A 39 12.11 11.65 -3.89
CA GLY A 39 12.71 11.17 -5.12
C GLY A 39 12.45 9.69 -5.34
N GLY A 40 11.21 9.25 -5.10
CA GLY A 40 10.86 7.86 -5.29
C GLY A 40 10.83 7.09 -3.98
N ARG A 41 11.33 7.72 -2.92
CA ARG A 41 11.36 7.08 -1.60
C ARG A 41 10.02 7.26 -0.88
N LEU A 42 9.14 6.28 -1.03
CA LEU A 42 7.83 6.32 -0.39
C LEU A 42 7.87 5.66 0.98
N ARG A 43 7.69 6.46 2.02
CA ARG A 43 7.70 5.95 3.39
C ARG A 43 6.32 5.46 3.80
N LEU A 44 6.07 4.17 3.60
CA LEU A 44 4.79 3.57 3.95
C LEU A 44 4.68 3.35 5.45
N ARG A 45 3.46 3.37 5.97
CA ARG A 45 3.22 3.16 7.39
C ARG A 45 1.85 2.55 7.63
N TYR A 46 1.83 1.30 8.09
CA TYR A 46 0.58 0.60 8.35
C TYR A 46 -0.46 1.55 8.94
N VAL A 47 -1.59 1.67 8.25
CA VAL A 47 -2.67 2.53 8.70
C VAL A 47 -3.04 2.25 10.15
N GLY A 48 -3.25 3.30 10.93
CA GLY A 48 -3.60 3.14 12.32
C GLY A 48 -2.49 3.57 13.26
N LEU A 49 -1.25 3.40 12.82
CA LEU A 49 -0.10 3.76 13.63
C LEU A 49 0.43 5.14 13.23
N GLU A 50 -0.44 5.94 12.60
CA GLU A 50 -0.05 7.28 12.18
C GLU A 50 0.59 8.07 13.32
N ASP A 51 0.00 7.95 14.50
CA ASP A 51 0.51 8.64 15.67
C ASP A 51 1.97 8.30 15.92
N THR A 52 2.25 7.01 16.10
CA THR A 52 3.61 6.55 16.35
C THR A 52 4.44 6.59 15.07
N GLU A 53 5.75 6.77 15.22
CA GLU A 53 6.65 6.84 14.08
C GLU A 53 7.84 5.91 14.29
N SER A 54 7.58 4.65 14.63
CA SER A 54 8.63 3.67 14.86
C SER A 54 8.43 2.45 13.97
N TYR A 55 7.19 2.02 13.84
CA TYR A 55 6.86 0.85 13.02
C TYR A 55 6.60 1.25 11.58
N ASP A 56 7.44 2.15 11.06
CA ASP A 56 7.30 2.62 9.68
C ASP A 56 8.12 1.75 8.73
N GLN A 57 8.05 2.07 7.44
CA GLN A 57 8.78 1.32 6.43
C GLN A 57 9.01 2.17 5.19
N TRP A 58 10.24 2.15 4.68
CA TRP A 58 10.60 2.93 3.50
C TRP A 58 10.85 2.00 2.31
N LEU A 59 10.29 2.37 1.15
CA LEU A 59 10.46 1.58 -0.06
C LEU A 59 10.40 2.47 -1.30
N PHE A 60 10.78 1.90 -2.44
CA PHE A 60 10.76 2.64 -3.71
C PHE A 60 9.63 2.15 -4.61
N TYR A 61 9.08 3.06 -5.40
CA TYR A 61 7.99 2.74 -6.31
C TYR A 61 8.39 1.61 -7.26
N LEU A 62 9.68 1.31 -7.29
CA LEU A 62 10.20 0.26 -8.16
C LEU A 62 10.23 -1.09 -7.43
N ASP A 63 9.24 -1.30 -6.57
CA ASP A 63 9.15 -2.55 -5.81
C ASP A 63 8.00 -3.41 -6.32
N TYR A 64 7.99 -4.67 -5.93
CA TYR A 64 6.95 -5.60 -6.35
C TYR A 64 5.82 -5.65 -5.31
N ARG A 65 6.18 -5.46 -4.04
CA ARG A 65 5.22 -5.49 -2.96
C ARG A 65 4.14 -4.43 -3.17
N LEU A 66 4.57 -3.25 -3.61
CA LEU A 66 3.64 -2.14 -3.85
C LEU A 66 2.56 -2.54 -4.84
N ARG A 67 1.33 -2.69 -4.34
CA ARG A 67 0.21 -3.07 -5.20
C ARG A 67 -0.98 -2.13 -4.98
N PRO A 68 -1.81 -1.98 -6.02
CA PRO A 68 -2.99 -1.11 -5.97
C PRO A 68 -4.08 -1.66 -5.06
N VAL A 69 -4.77 -0.77 -4.35
CA VAL A 69 -5.83 -1.17 -3.45
C VAL A 69 -7.10 -1.54 -4.22
N GLY A 70 -7.53 -2.79 -4.06
CA GLY A 70 -8.72 -3.26 -4.74
C GLY A 70 -8.58 -4.68 -5.25
N TRP A 71 -7.36 -5.08 -5.57
CA TRP A 71 -7.09 -6.42 -6.08
C TRP A 71 -7.49 -7.47 -5.05
N CYS A 72 -7.21 -7.19 -3.78
CA CYS A 72 -7.54 -8.12 -2.70
C CYS A 72 -9.05 -8.29 -2.57
N GLN A 73 -9.80 -7.40 -3.22
CA GLN A 73 -11.26 -7.45 -3.18
C GLN A 73 -11.79 -8.44 -4.22
N GLU A 74 -10.88 -9.07 -4.95
CA GLU A 74 -11.27 -10.04 -5.98
C GLU A 74 -11.17 -11.46 -5.45
N ASN A 75 -10.14 -11.72 -4.65
CA ASN A 75 -9.93 -13.04 -4.07
C ASN A 75 -10.03 -13.00 -2.55
N LYS A 76 -9.62 -11.89 -1.97
CA LYS A 76 -9.66 -11.71 -0.52
C LYS A 76 -8.85 -12.80 0.18
N TYR A 77 -7.77 -13.24 -0.45
CA TYR A 77 -6.91 -14.27 0.11
C TYR A 77 -6.85 -14.15 1.63
N ARG A 78 -6.39 -13.00 2.10
CA ARG A 78 -6.28 -12.77 3.54
C ARG A 78 -5.86 -11.31 3.82
N MET A 79 -6.79 -10.53 4.35
CA MET A 79 -6.52 -9.13 4.66
C MET A 79 -6.37 -8.93 6.17
N ASP A 80 -5.14 -9.01 6.65
CA ASP A 80 -4.86 -8.84 8.07
C ASP A 80 -3.44 -8.32 8.29
N PRO A 81 -3.29 -7.41 9.26
CA PRO A 81 -1.99 -6.82 9.58
C PRO A 81 -1.05 -7.82 10.25
N PRO A 82 0.23 -7.43 10.37
CA PRO A 82 1.26 -8.29 10.99
C PRO A 82 1.06 -8.45 12.48
N SER A 83 1.47 -9.59 13.01
CA SER A 83 1.34 -9.88 14.44
C SER A 83 2.19 -8.92 15.27
N GLU A 84 3.08 -8.20 14.59
CA GLU A 84 3.97 -7.25 15.27
C GLU A 84 3.19 -6.00 15.69
N ILE A 85 2.02 -5.80 15.09
CA ILE A 85 1.19 -4.65 15.40
C ILE A 85 -0.22 -5.08 15.81
N TYR A 86 -0.71 -6.12 15.17
CA TYR A 86 -2.05 -6.64 15.46
C TYR A 86 -2.35 -6.54 16.95
N PRO A 87 -1.44 -7.10 17.77
CA PRO A 87 -1.58 -7.10 19.23
C PRO A 87 -1.41 -5.71 19.83
N LEU A 88 -0.55 -4.90 19.21
CA LEU A 88 -0.30 -3.55 19.68
C LEU A 88 -1.61 -2.78 19.83
N LYS A 89 -2.54 -3.00 18.91
CA LYS A 89 -3.84 -2.33 18.95
C LYS A 89 -4.97 -3.34 19.05
N MET A 90 -6.17 -2.85 19.33
CA MET A 90 -7.34 -3.71 19.44
C MET A 90 -7.89 -4.09 18.07
N ALA A 91 -8.25 -5.36 17.91
CA ALA A 91 -8.78 -5.84 16.64
C ALA A 91 -9.68 -4.80 15.99
N SER A 92 -10.46 -4.10 16.82
CA SER A 92 -11.37 -3.08 16.32
C SER A 92 -10.60 -1.89 15.76
N GLU A 93 -9.52 -1.51 16.44
CA GLU A 93 -8.71 -0.38 16.01
C GLU A 93 -8.07 -0.67 14.65
N TRP A 94 -7.80 -1.94 14.39
CA TRP A 94 -7.20 -2.34 13.12
C TRP A 94 -8.24 -2.39 12.00
N LYS A 95 -9.47 -2.69 12.37
CA LYS A 95 -10.56 -2.78 11.40
C LYS A 95 -11.11 -1.39 11.08
N CYS A 96 -11.08 -0.50 12.08
CA CYS A 96 -11.57 0.85 11.90
C CYS A 96 -10.76 1.59 10.85
N THR A 97 -9.46 1.73 11.09
CA THR A 97 -8.57 2.42 10.17
C THR A 97 -8.50 1.69 8.83
N LEU A 98 -8.83 0.41 8.84
CA LEU A 98 -8.81 -0.40 7.63
C LEU A 98 -9.94 -0.01 6.69
N GLU A 99 -11.14 0.12 7.24
CA GLU A 99 -12.31 0.49 6.45
C GLU A 99 -12.20 1.93 5.96
N LYS A 100 -12.17 2.87 6.90
CA LYS A 100 -12.06 4.29 6.57
C LYS A 100 -11.00 4.51 5.49
N SER A 101 -9.88 3.83 5.61
CA SER A 101 -8.80 3.96 4.64
C SER A 101 -9.26 3.51 3.26
N LEU A 102 -9.85 2.33 3.19
CA LEU A 102 -10.34 1.79 1.93
C LEU A 102 -11.06 2.86 1.11
N ILE A 103 -11.95 3.59 1.76
CA ILE A 103 -12.69 4.66 1.09
C ILE A 103 -11.75 5.75 0.59
N ASP A 104 -10.91 6.25 1.48
CA ASP A 104 -9.97 7.31 1.12
C ASP A 104 -9.28 6.99 -0.20
N ALA A 105 -8.86 5.73 -0.37
CA ALA A 105 -8.20 5.31 -1.58
C ALA A 105 -9.04 5.62 -2.81
N ALA A 106 -10.36 5.52 -2.66
CA ALA A 106 -11.27 5.79 -3.76
C ALA A 106 -11.43 7.30 -3.99
N LYS A 107 -10.92 8.09 -3.05
CA LYS A 107 -11.00 9.54 -3.14
C LYS A 107 -9.68 10.13 -3.61
N PHE A 108 -8.59 9.44 -3.31
CA PHE A 108 -7.26 9.89 -3.70
C PHE A 108 -6.46 8.75 -4.34
N PRO A 109 -7.13 8.01 -5.23
CA PRO A 109 -6.50 6.89 -5.94
C PRO A 109 -5.45 7.35 -6.95
N LEU A 110 -4.48 6.48 -7.24
CA LEU A 110 -3.42 6.80 -8.18
C LEU A 110 -3.66 6.10 -9.52
N PRO A 111 -3.14 6.70 -10.60
CA PRO A 111 -3.28 6.15 -11.95
C PRO A 111 -2.46 4.87 -12.14
N MET A 112 -3.07 3.88 -12.80
CA MET A 112 -2.41 2.61 -13.04
C MET A 112 -0.98 2.84 -13.55
N GLU A 113 -0.81 3.82 -14.41
CA GLU A 113 0.49 4.14 -14.97
C GLU A 113 1.60 3.89 -13.94
N VAL A 114 1.42 4.41 -12.74
CA VAL A 114 2.40 4.25 -11.67
C VAL A 114 2.93 2.82 -11.64
N PHE A 115 2.03 1.85 -11.61
CA PHE A 115 2.40 0.44 -11.59
C PHE A 115 2.30 -0.19 -12.98
N LYS A 116 2.84 0.50 -13.97
CA LYS A 116 2.80 0.02 -15.34
C LYS A 116 3.95 -0.95 -15.60
N ASP A 117 3.65 -2.24 -15.50
CA ASP A 117 4.66 -3.29 -15.73
C ASP A 117 4.08 -4.43 -16.55
N HIS A 118 4.93 -5.39 -16.91
CA HIS A 118 4.49 -6.54 -17.69
C HIS A 118 5.59 -7.61 -17.71
N ALA A 119 5.17 -8.86 -17.60
CA ALA A 119 6.11 -9.98 -17.62
C ALA A 119 5.37 -11.31 -17.81
N ASP A 120 6.14 -12.37 -18.02
CA ASP A 120 5.57 -13.70 -18.23
C ASP A 120 4.35 -13.91 -17.32
N LEU A 121 3.19 -14.03 -17.94
CA LEU A 121 1.94 -14.24 -17.20
C LEU A 121 1.21 -15.48 -17.69
N SER A 122 1.92 -16.31 -18.46
CA SER A 122 1.33 -17.53 -18.99
C SER A 122 1.00 -18.51 -17.87
N GLY A 123 0.01 -19.37 -18.12
CA GLY A 123 -0.39 -20.34 -17.12
C GLY A 123 0.78 -21.15 -16.60
N PRO A 124 0.56 -21.85 -15.47
CA PRO A 124 1.59 -22.68 -14.85
C PRO A 124 1.91 -23.93 -15.67
N SER A 125 2.93 -24.66 -15.24
CA SER A 125 3.33 -25.89 -15.93
C SER A 125 3.85 -26.92 -14.95
N SER A 126 3.40 -28.16 -15.11
CA SER A 126 3.81 -29.26 -14.24
C SER A 126 5.27 -29.65 -14.51
N GLY A 127 6.00 -29.95 -13.45
CA GLY A 127 7.39 -30.33 -13.58
C GLY A 127 7.88 -31.16 -12.41
N GLY A 1 16.93 11.33 -4.49
CA GLY A 1 17.33 10.20 -5.31
C GLY A 1 17.68 10.59 -6.72
N SER A 2 16.92 10.07 -7.69
CA SER A 2 17.16 10.37 -9.10
C SER A 2 15.93 11.01 -9.73
N SER A 3 16.06 12.27 -10.12
CA SER A 3 14.97 13.00 -10.74
C SER A 3 15.41 13.66 -12.04
N GLY A 4 14.55 13.61 -13.04
CA GLY A 4 14.88 14.20 -14.33
C GLY A 4 13.75 14.05 -15.34
N SER A 5 13.67 12.88 -15.96
CA SER A 5 12.64 12.61 -16.96
C SER A 5 11.31 12.27 -16.28
N SER A 6 10.22 12.76 -16.85
CA SER A 6 8.88 12.51 -16.30
C SER A 6 8.64 11.01 -16.15
N GLY A 7 8.87 10.50 -14.94
CA GLY A 7 8.67 9.09 -14.68
C GLY A 7 7.48 8.83 -13.78
N PRO A 8 7.44 7.63 -13.18
CA PRO A 8 6.35 7.23 -12.28
C PRO A 8 6.39 8.00 -10.96
N ILE A 9 7.59 8.32 -10.50
CA ILE A 9 7.76 9.06 -9.25
C ILE A 9 6.81 10.25 -9.18
N ASP A 10 6.79 11.04 -10.26
CA ASP A 10 5.93 12.20 -10.32
C ASP A 10 4.45 11.82 -10.16
N LEU A 11 4.08 10.70 -10.78
CA LEU A 11 2.70 10.22 -10.71
C LEU A 11 2.25 10.08 -9.26
N ILE A 12 3.15 9.62 -8.40
CA ILE A 12 2.84 9.44 -6.99
C ILE A 12 2.90 10.78 -6.25
N THR A 13 2.04 10.94 -5.25
CA THR A 13 2.00 12.15 -4.46
C THR A 13 1.68 11.87 -3.00
N VAL A 14 2.49 12.41 -2.10
CA VAL A 14 2.29 12.20 -0.67
C VAL A 14 0.81 12.11 -0.33
N GLY A 15 0.45 11.11 0.47
CA GLY A 15 -0.94 10.93 0.85
C GLY A 15 -1.60 9.76 0.14
N SER A 16 -1.20 9.54 -1.11
CA SER A 16 -1.76 8.45 -1.91
C SER A 16 -1.75 7.14 -1.12
N LEU A 17 -2.89 6.48 -1.08
CA LEU A 17 -3.01 5.21 -0.37
C LEU A 17 -2.60 4.04 -1.26
N ILE A 18 -1.83 3.12 -0.70
CA ILE A 18 -1.38 1.95 -1.44
C ILE A 18 -1.31 0.72 -0.54
N GLU A 19 -1.39 -0.46 -1.15
CA GLU A 19 -1.34 -1.71 -0.41
C GLU A 19 0.07 -2.28 -0.38
N LEU A 20 0.36 -3.08 0.63
CA LEU A 20 1.68 -3.68 0.78
C LEU A 20 1.57 -5.15 1.21
N GLN A 21 2.59 -5.93 0.88
CA GLN A 21 2.60 -7.35 1.23
C GLN A 21 3.45 -7.59 2.48
N ASP A 22 2.88 -8.34 3.43
CA ASP A 22 3.58 -8.64 4.67
C ASP A 22 5.02 -9.05 4.39
N SER A 23 5.96 -8.48 5.15
CA SER A 23 7.36 -8.78 4.99
C SER A 23 7.60 -10.29 4.99
N GLN A 24 6.74 -11.01 5.70
CA GLN A 24 6.85 -12.46 5.79
C GLN A 24 5.64 -13.15 5.17
N ASN A 25 4.46 -12.88 5.74
CA ASN A 25 3.23 -13.47 5.25
C ASN A 25 3.06 -13.19 3.75
N PRO A 26 3.23 -14.24 2.93
CA PRO A 26 3.08 -14.13 1.47
C PRO A 26 1.65 -13.89 1.04
N PHE A 27 0.72 -14.66 1.62
CA PHE A 27 -0.69 -14.54 1.30
C PHE A 27 -1.39 -13.58 2.25
N GLN A 28 -0.76 -12.44 2.49
CA GLN A 28 -1.32 -11.44 3.40
C GLN A 28 -0.85 -10.04 3.01
N TYR A 29 -1.79 -9.09 2.97
CA TYR A 29 -1.47 -7.71 2.61
C TYR A 29 -2.10 -6.75 3.61
N TRP A 30 -1.65 -5.49 3.56
CA TRP A 30 -2.17 -4.46 4.45
C TRP A 30 -2.31 -3.13 3.73
N ILE A 31 -3.03 -2.19 4.34
CA ILE A 31 -3.24 -0.88 3.74
C ILE A 31 -2.30 0.15 4.36
N VAL A 32 -1.67 0.96 3.51
CA VAL A 32 -0.76 2.00 3.96
C VAL A 32 -0.97 3.29 3.19
N SER A 33 -0.32 4.36 3.66
CA SER A 33 -0.44 5.67 3.02
C SER A 33 0.93 6.34 2.91
N VAL A 34 1.18 6.96 1.76
CA VAL A 34 2.45 7.65 1.52
C VAL A 34 2.65 8.77 2.52
N ILE A 35 3.74 8.69 3.29
CA ILE A 35 4.05 9.71 4.28
C ILE A 35 5.00 10.77 3.71
N GLU A 36 6.01 10.31 2.98
CA GLU A 36 6.98 11.22 2.38
C GLU A 36 7.59 10.60 1.12
N ASN A 37 7.86 11.44 0.13
CA ASN A 37 8.44 10.98 -1.13
C ASN A 37 9.76 11.70 -1.41
N VAL A 38 10.87 10.97 -1.25
CA VAL A 38 12.19 11.54 -1.49
C VAL A 38 12.89 10.83 -2.63
N GLY A 39 12.81 11.41 -3.83
CA GLY A 39 13.44 10.82 -4.99
C GLY A 39 12.99 9.39 -5.23
N GLY A 40 11.74 9.09 -4.85
CA GLY A 40 11.21 7.75 -5.04
C GLY A 40 11.10 6.99 -3.74
N ARG A 41 11.55 7.61 -2.65
CA ARG A 41 11.51 6.98 -1.33
C ARG A 41 10.17 7.25 -0.65
N LEU A 42 9.18 6.39 -0.94
CA LEU A 42 7.85 6.53 -0.35
C LEU A 42 7.80 5.91 1.04
N ARG A 43 7.70 6.76 2.06
CA ARG A 43 7.63 6.29 3.44
C ARG A 43 6.22 5.82 3.78
N LEU A 44 6.02 4.51 3.79
CA LEU A 44 4.71 3.94 4.11
C LEU A 44 4.57 3.70 5.60
N ARG A 45 3.38 3.94 6.13
CA ARG A 45 3.12 3.75 7.56
C ARG A 45 1.78 3.05 7.77
N TYR A 46 1.84 1.82 8.28
CA TYR A 46 0.65 1.03 8.53
C TYR A 46 -0.43 1.88 9.20
N VAL A 47 -1.54 2.07 8.50
CA VAL A 47 -2.65 2.87 9.01
C VAL A 47 -2.96 2.49 10.45
N GLY A 48 -3.30 3.49 11.26
CA GLY A 48 -3.63 3.25 12.66
C GLY A 48 -2.50 3.67 13.59
N LEU A 49 -1.27 3.61 13.09
CA LEU A 49 -0.11 3.99 13.90
C LEU A 49 0.42 5.35 13.48
N GLU A 50 -0.46 6.18 12.91
CA GLU A 50 -0.09 7.51 12.47
C GLU A 50 0.60 8.28 13.59
N ASP A 51 -0.02 8.30 14.76
CA ASP A 51 0.53 9.00 15.91
C ASP A 51 1.98 8.59 16.15
N THR A 52 2.21 7.29 16.28
CA THR A 52 3.56 6.78 16.51
C THR A 52 4.35 6.70 15.21
N GLU A 53 5.66 6.78 15.32
CA GLU A 53 6.54 6.70 14.15
C GLU A 53 7.67 5.71 14.37
N SER A 54 7.33 4.53 14.90
CA SER A 54 8.32 3.51 15.17
C SER A 54 8.13 2.31 14.23
N TYR A 55 6.88 1.90 14.05
CA TYR A 55 6.57 0.78 13.17
C TYR A 55 6.39 1.24 11.73
N ASP A 56 7.27 2.12 11.29
CA ASP A 56 7.21 2.64 9.93
C ASP A 56 8.10 1.84 8.99
N GLN A 57 7.89 2.00 7.69
CA GLN A 57 8.68 1.29 6.69
C GLN A 57 8.86 2.14 5.44
N TRP A 58 10.06 2.07 4.86
CA TRP A 58 10.37 2.83 3.66
C TRP A 58 10.52 1.91 2.45
N LEU A 59 10.00 2.34 1.31
CA LEU A 59 10.08 1.56 0.08
C LEU A 59 10.18 2.46 -1.14
N PHE A 60 10.53 1.88 -2.28
CA PHE A 60 10.66 2.63 -3.52
C PHE A 60 9.56 2.27 -4.50
N TYR A 61 8.91 3.28 -5.06
CA TYR A 61 7.82 3.07 -6.01
C TYR A 61 8.11 1.88 -6.91
N LEU A 62 9.37 1.75 -7.33
CA LEU A 62 9.77 0.64 -8.20
C LEU A 62 9.27 -0.69 -7.66
N ASP A 63 9.48 -0.92 -6.37
CA ASP A 63 9.04 -2.15 -5.73
C ASP A 63 7.73 -2.64 -6.33
N TYR A 64 7.57 -3.96 -6.37
CA TYR A 64 6.36 -4.55 -6.93
C TYR A 64 5.26 -4.65 -5.88
N ARG A 65 5.63 -5.16 -4.70
CA ARG A 65 4.68 -5.31 -3.61
C ARG A 65 3.66 -4.18 -3.61
N LEU A 66 4.11 -2.97 -3.93
CA LEU A 66 3.24 -1.81 -3.98
C LEU A 66 2.11 -2.01 -4.97
N ARG A 67 0.96 -2.46 -4.48
CA ARG A 67 -0.20 -2.70 -5.34
C ARG A 67 -1.34 -1.77 -4.98
N PRO A 68 -2.22 -1.49 -5.95
CA PRO A 68 -3.37 -0.60 -5.76
C PRO A 68 -4.43 -1.22 -4.85
N VAL A 69 -5.09 -0.39 -4.06
CA VAL A 69 -6.13 -0.86 -3.16
C VAL A 69 -7.38 -1.25 -3.91
N GLY A 70 -7.92 -2.43 -3.58
CA GLY A 70 -9.12 -2.90 -4.25
C GLY A 70 -8.99 -4.33 -4.73
N TRP A 71 -7.84 -4.65 -5.31
CA TRP A 71 -7.59 -6.00 -5.83
C TRP A 71 -7.95 -7.05 -4.78
N CYS A 72 -7.68 -6.73 -3.51
CA CYS A 72 -7.98 -7.65 -2.41
C CYS A 72 -9.46 -8.03 -2.41
N GLN A 73 -10.30 -7.06 -2.08
CA GLN A 73 -11.75 -7.29 -2.03
C GLN A 73 -12.23 -7.96 -3.32
N GLU A 74 -11.57 -7.66 -4.42
CA GLU A 74 -11.93 -8.22 -5.72
C GLU A 74 -11.80 -9.75 -5.70
N ASN A 75 -10.81 -10.24 -4.98
CA ASN A 75 -10.57 -11.67 -4.87
C ASN A 75 -10.69 -12.14 -3.43
N LYS A 76 -11.49 -11.44 -2.64
CA LYS A 76 -11.69 -11.79 -1.24
C LYS A 76 -10.40 -12.31 -0.62
N TYR A 77 -9.28 -11.72 -1.01
CA TYR A 77 -7.98 -12.13 -0.49
C TYR A 77 -7.89 -11.90 1.01
N ARG A 78 -6.72 -12.14 1.57
CA ARG A 78 -6.51 -11.96 3.01
C ARG A 78 -5.86 -10.61 3.31
N MET A 79 -6.61 -9.74 3.98
CA MET A 79 -6.11 -8.42 4.33
C MET A 79 -5.96 -8.27 5.83
N ASP A 80 -4.88 -8.81 6.38
CA ASP A 80 -4.62 -8.75 7.81
C ASP A 80 -3.21 -8.21 8.08
N PRO A 81 -3.10 -7.33 9.09
CA PRO A 81 -1.81 -6.72 9.47
C PRO A 81 -0.87 -7.72 10.11
N PRO A 82 0.42 -7.34 10.23
CA PRO A 82 1.44 -8.20 10.82
C PRO A 82 1.26 -8.37 12.33
N SER A 83 1.67 -9.53 12.84
CA SER A 83 1.54 -9.82 14.26
C SER A 83 2.41 -8.87 15.09
N GLU A 84 3.24 -8.11 14.41
CA GLU A 84 4.13 -7.15 15.07
C GLU A 84 3.34 -5.96 15.60
N ILE A 85 2.17 -5.72 15.01
CA ILE A 85 1.33 -4.61 15.42
C ILE A 85 -0.08 -5.08 15.77
N TYR A 86 -0.54 -6.13 15.08
CA TYR A 86 -1.86 -6.69 15.31
C TYR A 86 -2.20 -6.66 16.80
N PRO A 87 -1.30 -7.20 17.63
CA PRO A 87 -1.48 -7.26 19.08
C PRO A 87 -1.38 -5.88 19.73
N LEU A 88 -0.51 -5.04 19.18
CA LEU A 88 -0.32 -3.69 19.70
C LEU A 88 -1.65 -2.98 19.89
N LYS A 89 -2.58 -3.24 18.97
CA LYS A 89 -3.90 -2.62 19.02
C LYS A 89 -5.00 -3.69 19.05
N MET A 90 -6.22 -3.27 19.38
CA MET A 90 -7.35 -4.18 19.44
C MET A 90 -7.84 -4.53 18.04
N ALA A 91 -8.12 -5.81 17.81
CA ALA A 91 -8.60 -6.27 16.52
C ALA A 91 -9.53 -5.25 15.89
N SER A 92 -10.40 -4.66 16.70
CA SER A 92 -11.36 -3.67 16.22
C SER A 92 -10.64 -2.42 15.72
N GLU A 93 -9.63 -2.00 16.47
CA GLU A 93 -8.85 -0.81 16.11
C GLU A 93 -8.23 -0.98 14.72
N TRP A 94 -7.80 -2.20 14.41
CA TRP A 94 -7.18 -2.49 13.12
C TRP A 94 -8.23 -2.52 12.02
N LYS A 95 -9.41 -3.01 12.34
CA LYS A 95 -10.51 -3.09 11.38
C LYS A 95 -11.05 -1.71 11.05
N CYS A 96 -11.08 -0.83 12.06
CA CYS A 96 -11.58 0.53 11.88
C CYS A 96 -10.77 1.26 10.80
N THR A 97 -9.52 1.59 11.13
CA THR A 97 -8.65 2.29 10.20
C THR A 97 -8.51 1.53 8.89
N LEU A 98 -8.74 0.22 8.95
CA LEU A 98 -8.63 -0.62 7.77
C LEU A 98 -9.74 -0.31 6.77
N GLU A 99 -10.96 -0.15 7.29
CA GLU A 99 -12.11 0.17 6.44
C GLU A 99 -12.05 1.61 5.94
N LYS A 100 -12.14 2.55 6.87
CA LYS A 100 -12.10 3.97 6.53
C LYS A 100 -11.07 4.23 5.44
N SER A 101 -9.89 3.63 5.60
CA SER A 101 -8.81 3.80 4.63
C SER A 101 -9.25 3.37 3.24
N LEU A 102 -9.67 2.12 3.13
CA LEU A 102 -10.12 1.57 1.84
C LEU A 102 -10.90 2.62 1.06
N ILE A 103 -11.80 3.33 1.73
CA ILE A 103 -12.60 4.36 1.09
C ILE A 103 -11.72 5.48 0.55
N ASP A 104 -10.88 6.05 1.42
CA ASP A 104 -9.98 7.13 1.02
C ASP A 104 -9.28 6.80 -0.29
N ALA A 105 -8.92 5.53 -0.45
CA ALA A 105 -8.23 5.08 -1.66
C ALA A 105 -9.02 5.46 -2.91
N ALA A 106 -10.34 5.40 -2.81
CA ALA A 106 -11.21 5.75 -3.93
C ALA A 106 -11.31 7.26 -4.11
N LYS A 107 -10.90 7.99 -3.08
CA LYS A 107 -10.93 9.45 -3.12
C LYS A 107 -9.57 10.03 -3.47
N PHE A 108 -8.52 9.25 -3.20
CA PHE A 108 -7.16 9.69 -3.48
C PHE A 108 -6.36 8.58 -4.16
N PRO A 109 -7.00 7.91 -5.13
CA PRO A 109 -6.37 6.82 -5.88
C PRO A 109 -5.25 7.30 -6.80
N LEU A 110 -4.44 6.36 -7.28
CA LEU A 110 -3.34 6.70 -8.18
C LEU A 110 -3.53 6.06 -9.54
N PRO A 111 -2.90 6.66 -10.57
CA PRO A 111 -3.00 6.17 -11.94
C PRO A 111 -2.26 4.84 -12.14
N MET A 112 -2.97 3.85 -12.68
CA MET A 112 -2.37 2.54 -12.91
C MET A 112 -0.97 2.67 -13.46
N GLU A 113 -0.75 3.67 -14.32
CA GLU A 113 0.56 3.90 -14.92
C GLU A 113 1.67 3.58 -13.92
N VAL A 114 1.54 4.11 -12.71
CA VAL A 114 2.53 3.89 -11.67
C VAL A 114 2.88 2.41 -11.54
N PHE A 115 1.87 1.59 -11.26
CA PHE A 115 2.07 0.16 -11.11
C PHE A 115 1.89 -0.56 -12.45
N LYS A 116 2.53 -0.02 -13.49
CA LYS A 116 2.44 -0.61 -14.82
C LYS A 116 3.63 -1.53 -15.08
N ASP A 117 3.52 -2.77 -14.60
CA ASP A 117 4.58 -3.76 -14.80
C ASP A 117 4.02 -5.06 -15.37
N HIS A 118 4.00 -5.16 -16.69
CA HIS A 118 3.48 -6.36 -17.35
C HIS A 118 3.73 -6.29 -18.86
N ALA A 119 3.51 -7.41 -19.53
CA ALA A 119 3.72 -7.48 -20.98
C ALA A 119 2.55 -8.17 -21.67
N ASP A 120 1.46 -7.44 -21.85
CA ASP A 120 0.26 -8.00 -22.50
C ASP A 120 -0.10 -9.35 -21.91
N LEU A 121 0.23 -9.54 -20.63
CA LEU A 121 -0.06 -10.79 -19.95
C LEU A 121 -1.46 -10.79 -19.35
N SER A 122 -2.18 -11.90 -19.51
CA SER A 122 -3.54 -12.01 -19.00
C SER A 122 -3.67 -13.23 -18.09
N GLY A 123 -4.76 -13.28 -17.34
CA GLY A 123 -5.00 -14.40 -16.44
C GLY A 123 -4.85 -15.74 -17.13
N PRO A 124 -4.29 -16.72 -16.42
CA PRO A 124 -4.08 -18.07 -16.95
C PRO A 124 -5.39 -18.83 -17.13
N SER A 125 -5.39 -19.81 -18.03
CA SER A 125 -6.57 -20.61 -18.30
C SER A 125 -6.60 -21.86 -17.42
N SER A 126 -7.75 -22.10 -16.80
CA SER A 126 -7.91 -23.27 -15.93
C SER A 126 -7.61 -24.56 -16.68
N GLY A 127 -6.74 -25.39 -16.10
CA GLY A 127 -6.39 -26.65 -16.73
C GLY A 127 -7.59 -27.54 -16.96
N GLY A 1 9.66 17.42 -0.85
CA GLY A 1 9.49 17.89 -2.22
C GLY A 1 10.76 18.52 -2.78
N SER A 2 10.59 19.59 -3.55
CA SER A 2 11.72 20.29 -4.14
C SER A 2 12.49 19.36 -5.08
N SER A 3 11.76 18.58 -5.87
CA SER A 3 12.37 17.66 -6.81
C SER A 3 11.70 17.73 -8.17
N GLY A 4 12.49 17.54 -9.22
CA GLY A 4 11.95 17.60 -10.58
C GLY A 4 12.52 16.52 -11.47
N SER A 5 11.93 15.33 -11.40
CA SER A 5 12.38 14.20 -12.22
C SER A 5 11.21 13.54 -12.92
N SER A 6 11.02 13.87 -14.20
CA SER A 6 9.94 13.31 -14.99
C SER A 6 9.86 11.80 -14.80
N GLY A 7 8.65 11.25 -14.94
CA GLY A 7 8.46 9.82 -14.77
C GLY A 7 7.27 9.50 -13.90
N PRO A 8 7.22 8.25 -13.39
CA PRO A 8 6.14 7.78 -12.53
C PRO A 8 6.17 8.44 -11.15
N ILE A 9 7.38 8.63 -10.63
CA ILE A 9 7.55 9.25 -9.32
C ILE A 9 6.57 10.40 -9.12
N ASP A 10 6.42 11.23 -10.14
CA ASP A 10 5.51 12.36 -10.07
C ASP A 10 4.06 11.89 -9.91
N LEU A 11 3.69 10.87 -10.67
CA LEU A 11 2.34 10.33 -10.61
C LEU A 11 1.89 10.16 -9.16
N ILE A 12 2.78 9.65 -8.32
CA ILE A 12 2.48 9.45 -6.90
C ILE A 12 2.53 10.76 -6.13
N THR A 13 1.55 10.98 -5.27
CA THR A 13 1.48 12.19 -4.47
C THR A 13 1.27 11.86 -3.00
N VAL A 14 2.13 12.43 -2.15
CA VAL A 14 2.04 12.20 -0.72
C VAL A 14 0.59 12.05 -0.26
N GLY A 15 0.33 11.01 0.53
CA GLY A 15 -1.02 10.77 1.01
C GLY A 15 -1.66 9.57 0.34
N SER A 16 -1.30 9.33 -0.91
CA SER A 16 -1.85 8.21 -1.66
C SER A 16 -1.83 6.93 -0.82
N LEU A 17 -2.81 6.06 -1.05
CA LEU A 17 -2.90 4.80 -0.33
C LEU A 17 -2.40 3.65 -1.18
N ILE A 18 -1.49 2.85 -0.61
CA ILE A 18 -0.92 1.71 -1.32
C ILE A 18 -0.95 0.46 -0.46
N GLU A 19 -0.83 -0.70 -1.10
CA GLU A 19 -0.84 -1.98 -0.38
C GLU A 19 0.57 -2.55 -0.27
N LEU A 20 0.80 -3.29 0.82
CA LEU A 20 2.11 -3.90 1.04
C LEU A 20 1.96 -5.37 1.40
N GLN A 21 3.03 -6.14 1.15
CA GLN A 21 3.02 -7.57 1.44
C GLN A 21 3.84 -7.87 2.69
N ASP A 22 3.32 -8.78 3.53
CA ASP A 22 4.01 -9.16 4.75
C ASP A 22 5.27 -9.95 4.44
N SER A 23 6.43 -9.33 4.69
CA SER A 23 7.71 -9.98 4.44
C SER A 23 7.68 -11.45 4.87
N GLN A 24 6.80 -11.75 5.82
CA GLN A 24 6.67 -13.11 6.34
C GLN A 24 5.63 -13.88 5.54
N ASN A 25 4.41 -13.35 5.50
CA ASN A 25 3.31 -14.00 4.78
C ASN A 25 3.12 -13.37 3.40
N PRO A 26 3.54 -14.10 2.36
CA PRO A 26 3.43 -13.63 0.98
C PRO A 26 1.98 -13.60 0.49
N PHE A 27 1.07 -14.09 1.33
CA PHE A 27 -0.35 -14.12 0.99
C PHE A 27 -1.09 -13.01 1.70
N GLN A 28 -0.67 -12.71 2.93
CA GLN A 28 -1.31 -11.67 3.72
C GLN A 28 -0.77 -10.29 3.33
N TYR A 29 -1.68 -9.30 3.27
CA TYR A 29 -1.30 -7.95 2.91
C TYR A 29 -1.93 -6.94 3.86
N TRP A 30 -1.56 -5.67 3.70
CA TRP A 30 -2.10 -4.61 4.55
C TRP A 30 -2.20 -3.30 3.77
N ILE A 31 -2.87 -2.31 4.36
CA ILE A 31 -3.04 -1.02 3.73
C ILE A 31 -2.15 0.03 4.36
N VAL A 32 -1.50 0.84 3.54
CA VAL A 32 -0.62 1.90 4.01
C VAL A 32 -0.87 3.20 3.28
N SER A 33 -0.29 4.29 3.81
CA SER A 33 -0.46 5.61 3.20
C SER A 33 0.88 6.30 3.04
N VAL A 34 1.14 6.82 1.84
CA VAL A 34 2.39 7.51 1.54
C VAL A 34 2.62 8.65 2.53
N ILE A 35 3.68 8.54 3.31
CA ILE A 35 4.02 9.56 4.29
C ILE A 35 4.90 10.64 3.67
N GLU A 36 5.93 10.22 2.94
CA GLU A 36 6.84 11.15 2.29
C GLU A 36 7.44 10.55 1.03
N ASN A 37 7.66 11.39 0.02
CA ASN A 37 8.23 10.93 -1.24
C ASN A 37 9.50 11.69 -1.57
N VAL A 38 10.65 11.06 -1.33
CA VAL A 38 11.93 11.67 -1.61
C VAL A 38 12.61 11.02 -2.81
N GLY A 39 12.38 11.58 -3.99
CA GLY A 39 12.97 11.05 -5.21
C GLY A 39 12.65 9.59 -5.40
N GLY A 40 11.43 9.19 -5.06
CA GLY A 40 11.02 7.81 -5.20
C GLY A 40 10.99 7.07 -3.88
N ARG A 41 11.47 7.71 -2.83
CA ARG A 41 11.49 7.11 -1.50
C ARG A 41 10.16 7.33 -0.79
N LEU A 42 9.25 6.36 -0.93
CA LEU A 42 7.94 6.44 -0.30
C LEU A 42 7.96 5.82 1.09
N ARG A 43 7.67 6.63 2.10
CA ARG A 43 7.66 6.15 3.48
C ARG A 43 6.27 5.66 3.87
N LEU A 44 6.05 4.37 3.76
CA LEU A 44 4.76 3.77 4.10
C LEU A 44 4.69 3.46 5.59
N ARG A 45 3.52 3.71 6.19
CA ARG A 45 3.32 3.46 7.61
C ARG A 45 1.99 2.76 7.85
N TYR A 46 2.05 1.57 8.46
CA TYR A 46 0.85 0.80 8.75
C TYR A 46 -0.25 1.69 9.31
N VAL A 47 -1.36 1.76 8.59
CA VAL A 47 -2.49 2.58 9.01
C VAL A 47 -2.91 2.25 10.44
N GLY A 48 -3.26 3.28 11.20
CA GLY A 48 -3.67 3.09 12.58
C GLY A 48 -2.58 3.47 13.56
N LEU A 49 -1.34 3.37 13.13
CA LEU A 49 -0.20 3.72 13.99
C LEU A 49 0.37 5.07 13.61
N GLU A 50 -0.48 5.96 13.12
CA GLU A 50 -0.05 7.29 12.71
C GLU A 50 0.58 8.04 13.89
N ASP A 51 0.09 7.77 15.09
CA ASP A 51 0.61 8.41 16.29
C ASP A 51 2.09 8.09 16.49
N THR A 52 2.40 6.80 16.53
CA THR A 52 3.78 6.36 16.71
C THR A 52 4.58 6.51 15.42
N GLU A 53 5.90 6.67 15.55
CA GLU A 53 6.77 6.82 14.40
C GLU A 53 7.92 5.82 14.46
N SER A 54 7.61 4.58 14.84
CA SER A 54 8.63 3.54 14.93
C SER A 54 8.29 2.37 14.01
N TYR A 55 7.00 2.06 13.90
CA TYR A 55 6.55 0.96 13.05
C TYR A 55 6.33 1.45 11.61
N ASP A 56 7.26 2.25 11.12
CA ASP A 56 7.18 2.78 9.76
C ASP A 56 7.94 1.89 8.78
N GLN A 57 7.78 2.16 7.49
CA GLN A 57 8.46 1.39 6.46
C GLN A 57 8.79 2.26 5.26
N TRP A 58 9.87 1.93 4.57
CA TRP A 58 10.30 2.69 3.40
C TRP A 58 10.47 1.76 2.19
N LEU A 59 10.04 2.25 1.03
CA LEU A 59 10.14 1.46 -0.20
C LEU A 59 10.32 2.38 -1.41
N PHE A 60 10.60 1.78 -2.57
CA PHE A 60 10.79 2.54 -3.79
C PHE A 60 9.67 2.26 -4.78
N TYR A 61 9.07 3.33 -5.31
CA TYR A 61 7.98 3.20 -6.27
C TYR A 61 8.25 2.07 -7.25
N LEU A 62 9.52 1.76 -7.46
CA LEU A 62 9.91 0.70 -8.37
C LEU A 62 9.88 -0.67 -7.67
N ASP A 63 8.95 -0.82 -6.74
CA ASP A 63 8.81 -2.07 -6.00
C ASP A 63 7.51 -2.78 -6.36
N TYR A 64 7.55 -4.10 -6.42
CA TYR A 64 6.38 -4.89 -6.75
C TYR A 64 5.34 -4.83 -5.64
N ARG A 65 5.83 -4.96 -4.40
CA ARG A 65 4.95 -4.93 -3.23
C ARG A 65 3.92 -3.82 -3.36
N LEU A 66 4.37 -2.64 -3.78
CA LEU A 66 3.49 -1.49 -3.95
C LEU A 66 2.39 -1.79 -4.96
N ARG A 67 1.23 -2.21 -4.47
CA ARG A 67 0.10 -2.53 -5.33
C ARG A 67 -1.07 -1.59 -5.07
N PRO A 68 -1.93 -1.41 -6.07
CA PRO A 68 -3.11 -0.54 -5.98
C PRO A 68 -4.16 -1.09 -5.04
N VAL A 69 -4.80 -0.19 -4.28
CA VAL A 69 -5.84 -0.59 -3.33
C VAL A 69 -7.13 -0.95 -4.06
N GLY A 70 -7.57 -2.20 -3.91
CA GLY A 70 -8.79 -2.64 -4.55
C GLY A 70 -8.68 -4.07 -5.07
N TRP A 71 -7.47 -4.50 -5.36
CA TRP A 71 -7.24 -5.86 -5.87
C TRP A 71 -7.39 -6.88 -4.76
N CYS A 72 -6.92 -6.53 -3.56
CA CYS A 72 -7.00 -7.43 -2.42
C CYS A 72 -8.45 -7.60 -1.96
N GLN A 73 -9.18 -6.49 -1.92
CA GLN A 73 -10.58 -6.51 -1.50
C GLN A 73 -11.26 -7.80 -1.94
N GLU A 74 -11.16 -8.10 -3.23
CA GLU A 74 -11.77 -9.30 -3.78
C GLU A 74 -11.34 -10.54 -3.00
N ASN A 75 -11.84 -11.70 -3.42
CA ASN A 75 -11.50 -12.95 -2.75
C ASN A 75 -10.24 -13.57 -3.36
N LYS A 76 -9.29 -12.71 -3.71
CA LYS A 76 -8.03 -13.17 -4.30
C LYS A 76 -6.97 -13.39 -3.22
N TYR A 77 -6.86 -12.44 -2.31
CA TYR A 77 -5.89 -12.53 -1.23
C TYR A 77 -6.52 -12.13 0.10
N ARG A 78 -5.69 -12.08 1.15
CA ARG A 78 -6.17 -11.71 2.48
C ARG A 78 -5.65 -10.33 2.88
N MET A 79 -6.53 -9.52 3.45
CA MET A 79 -6.16 -8.17 3.88
C MET A 79 -6.11 -8.08 5.40
N ASP A 80 -4.97 -8.43 5.97
CA ASP A 80 -4.78 -8.39 7.42
C ASP A 80 -3.35 -8.01 7.78
N PRO A 81 -3.20 -7.19 8.83
CA PRO A 81 -1.89 -6.74 9.30
C PRO A 81 -1.07 -7.85 9.93
N PRO A 82 0.21 -7.57 10.20
CA PRO A 82 1.12 -8.55 10.81
C PRO A 82 0.77 -8.85 12.26
N SER A 83 1.66 -9.57 12.94
CA SER A 83 1.44 -9.93 14.34
C SER A 83 2.32 -9.09 15.25
N GLU A 84 3.01 -8.10 14.67
CA GLU A 84 3.89 -7.23 15.45
C GLU A 84 3.14 -6.00 15.92
N ILE A 85 1.94 -5.79 15.38
CA ILE A 85 1.12 -4.64 15.75
C ILE A 85 -0.28 -5.08 16.16
N TYR A 86 -0.76 -6.15 15.54
CA TYR A 86 -2.10 -6.67 15.85
C TYR A 86 -2.37 -6.63 17.35
N PRO A 87 -1.43 -7.18 18.14
CA PRO A 87 -1.54 -7.22 19.59
C PRO A 87 -1.40 -5.83 20.23
N LEU A 88 -0.75 -4.93 19.51
CA LEU A 88 -0.54 -3.57 20.00
C LEU A 88 -1.87 -2.82 20.11
N LYS A 89 -2.73 -3.01 19.11
CA LYS A 89 -4.03 -2.36 19.09
C LYS A 89 -5.16 -3.39 19.11
N MET A 90 -6.33 -2.96 19.54
CA MET A 90 -7.49 -3.85 19.60
C MET A 90 -7.99 -4.19 18.20
N ALA A 91 -8.33 -5.46 17.99
CA ALA A 91 -8.82 -5.92 16.71
C ALA A 91 -9.70 -4.85 16.04
N SER A 92 -10.57 -4.24 16.83
CA SER A 92 -11.46 -3.20 16.32
C SER A 92 -10.67 -2.07 15.68
N GLU A 93 -9.67 -1.58 16.41
CA GLU A 93 -8.83 -0.48 15.90
C GLU A 93 -8.29 -0.81 14.51
N TRP A 94 -7.76 -2.02 14.35
CA TRP A 94 -7.22 -2.44 13.07
C TRP A 94 -8.32 -2.56 12.02
N LYS A 95 -9.52 -2.92 12.46
CA LYS A 95 -10.66 -3.07 11.56
C LYS A 95 -11.22 -1.71 11.17
N CYS A 96 -11.12 -0.74 12.08
CA CYS A 96 -11.62 0.60 11.83
C CYS A 96 -10.78 1.31 10.78
N THR A 97 -9.48 1.43 11.07
CA THR A 97 -8.56 2.10 10.14
C THR A 97 -8.49 1.37 8.82
N LEU A 98 -8.84 0.09 8.83
CA LEU A 98 -8.81 -0.73 7.62
C LEU A 98 -9.89 -0.29 6.65
N GLU A 99 -11.11 -0.13 7.15
CA GLU A 99 -12.23 0.31 6.32
C GLU A 99 -12.05 1.75 5.86
N LYS A 100 -12.07 2.68 6.82
CA LYS A 100 -11.90 4.09 6.51
C LYS A 100 -10.85 4.30 5.42
N SER A 101 -9.69 3.70 5.61
CA SER A 101 -8.60 3.82 4.65
C SER A 101 -9.07 3.47 3.25
N LEU A 102 -9.56 2.24 3.09
CA LEU A 102 -10.06 1.78 1.80
C LEU A 102 -10.74 2.90 1.03
N ILE A 103 -11.67 3.58 1.71
CA ILE A 103 -12.40 4.68 1.10
C ILE A 103 -11.46 5.78 0.62
N ASP A 104 -10.54 6.18 1.48
CA ASP A 104 -9.56 7.21 1.15
C ASP A 104 -8.90 6.92 -0.19
N ALA A 105 -8.58 5.65 -0.42
CA ALA A 105 -7.94 5.24 -1.66
C ALA A 105 -8.79 5.62 -2.87
N ALA A 106 -10.10 5.51 -2.72
CA ALA A 106 -11.03 5.84 -3.80
C ALA A 106 -11.14 7.36 -3.97
N LYS A 107 -10.63 8.10 -3.00
CA LYS A 107 -10.67 9.55 -3.04
C LYS A 107 -9.34 10.13 -3.50
N PHE A 108 -8.26 9.44 -3.16
CA PHE A 108 -6.92 9.87 -3.55
C PHE A 108 -6.16 8.76 -4.26
N PRO A 109 -6.86 8.07 -5.18
CA PRO A 109 -6.27 6.97 -5.95
C PRO A 109 -5.23 7.45 -6.95
N LEU A 110 -4.42 6.52 -7.46
CA LEU A 110 -3.38 6.85 -8.43
C LEU A 110 -3.65 6.18 -9.77
N PRO A 111 -3.12 6.77 -10.85
CA PRO A 111 -3.28 6.25 -12.21
C PRO A 111 -2.52 4.94 -12.42
N MET A 112 -3.25 3.90 -12.82
CA MET A 112 -2.65 2.59 -13.07
C MET A 112 -1.27 2.75 -13.69
N GLU A 113 -1.12 3.74 -14.56
CA GLU A 113 0.15 3.99 -15.24
C GLU A 113 1.32 3.74 -14.28
N VAL A 114 1.20 4.24 -13.06
CA VAL A 114 2.25 4.07 -12.06
C VAL A 114 2.70 2.62 -11.97
N PHE A 115 1.75 1.72 -11.72
CA PHE A 115 2.05 0.30 -11.61
C PHE A 115 1.83 -0.41 -12.95
N LYS A 116 2.30 0.23 -14.02
CA LYS A 116 2.16 -0.35 -15.36
C LYS A 116 2.97 -1.62 -15.50
N ASP A 117 4.17 -1.62 -14.94
CA ASP A 117 5.05 -2.78 -15.00
C ASP A 117 4.38 -4.00 -14.36
N HIS A 118 4.11 -5.02 -15.17
CA HIS A 118 3.47 -6.22 -14.69
C HIS A 118 4.13 -7.47 -15.28
N ALA A 119 4.04 -8.59 -14.57
CA ALA A 119 4.63 -9.84 -15.04
C ALA A 119 3.90 -11.03 -14.44
N ASP A 120 4.41 -12.22 -14.73
CA ASP A 120 3.81 -13.45 -14.23
C ASP A 120 2.36 -13.59 -14.70
N LEU A 121 2.15 -13.45 -16.00
CA LEU A 121 0.82 -13.55 -16.57
C LEU A 121 0.36 -15.00 -16.65
N SER A 122 1.29 -15.90 -16.94
CA SER A 122 0.98 -17.32 -17.04
C SER A 122 1.25 -18.02 -15.71
N GLY A 123 0.19 -18.23 -14.94
CA GLY A 123 0.31 -18.88 -13.65
C GLY A 123 -0.48 -20.17 -13.57
N PRO A 124 -0.31 -20.92 -12.47
CA PRO A 124 -1.00 -22.19 -12.25
C PRO A 124 -2.50 -22.00 -12.00
N SER A 125 -3.32 -22.77 -12.71
CA SER A 125 -4.76 -22.69 -12.56
C SER A 125 -5.45 -23.94 -13.11
N SER A 126 -6.17 -24.63 -12.24
CA SER A 126 -6.87 -25.85 -12.64
C SER A 126 -7.75 -25.60 -13.86
N GLY A 127 -8.21 -26.69 -14.48
CA GLY A 127 -9.05 -26.57 -15.65
C GLY A 127 -8.40 -25.76 -16.76
N GLY A 1 13.10 25.60 -5.88
CA GLY A 1 12.54 25.10 -7.13
C GLY A 1 12.87 23.64 -7.38
N SER A 2 12.53 23.15 -8.56
CA SER A 2 12.80 21.76 -8.91
C SER A 2 12.50 21.51 -10.39
N SER A 3 13.54 21.26 -11.16
CA SER A 3 13.40 21.02 -12.59
C SER A 3 13.46 19.51 -12.89
N GLY A 4 12.70 19.08 -13.88
CA GLY A 4 12.69 17.68 -14.26
C GLY A 4 11.46 16.95 -13.75
N SER A 5 11.67 15.84 -13.05
CA SER A 5 10.57 15.06 -12.51
C SER A 5 9.76 14.41 -13.63
N SER A 6 10.47 13.87 -14.62
CA SER A 6 9.82 13.22 -15.75
C SER A 6 9.78 11.72 -15.55
N GLY A 7 8.66 11.23 -14.99
CA GLY A 7 8.51 9.82 -14.76
C GLY A 7 7.33 9.50 -13.85
N PRO A 8 7.31 8.26 -13.32
CA PRO A 8 6.23 7.81 -12.44
C PRO A 8 6.29 8.49 -11.07
N ILE A 9 7.50 8.72 -10.59
CA ILE A 9 7.69 9.37 -9.28
C ILE A 9 6.69 10.49 -9.08
N ASP A 10 6.59 11.39 -10.07
CA ASP A 10 5.67 12.51 -10.00
C ASP A 10 4.24 12.03 -9.77
N LEU A 11 3.86 10.97 -10.48
CA LEU A 11 2.52 10.42 -10.36
C LEU A 11 2.14 10.21 -8.89
N ILE A 12 3.07 9.64 -8.13
CA ILE A 12 2.84 9.40 -6.71
C ILE A 12 2.98 10.67 -5.90
N THR A 13 1.98 10.95 -5.07
CA THR A 13 1.99 12.15 -4.24
C THR A 13 1.69 11.81 -2.78
N VAL A 14 2.50 12.34 -1.88
CA VAL A 14 2.32 12.09 -0.45
C VAL A 14 0.84 11.97 -0.10
N GLY A 15 0.50 10.93 0.67
CA GLY A 15 -0.87 10.73 1.07
C GLY A 15 -1.54 9.60 0.30
N SER A 16 -1.05 9.34 -0.91
CA SER A 16 -1.60 8.29 -1.75
C SER A 16 -1.64 6.97 -0.99
N LEU A 17 -2.79 6.31 -1.03
CA LEU A 17 -2.96 5.02 -0.34
C LEU A 17 -2.50 3.87 -1.23
N ILE A 18 -1.67 3.00 -0.68
CA ILE A 18 -1.15 1.85 -1.41
C ILE A 18 -1.18 0.59 -0.56
N GLU A 19 -1.07 -0.56 -1.21
CA GLU A 19 -1.08 -1.84 -0.51
C GLU A 19 0.33 -2.41 -0.39
N LEU A 20 0.53 -3.30 0.57
CA LEU A 20 1.83 -3.92 0.79
C LEU A 20 1.67 -5.38 1.19
N GLN A 21 2.71 -6.17 0.92
CA GLN A 21 2.69 -7.60 1.27
C GLN A 21 3.73 -7.91 2.34
N ASP A 22 3.34 -8.75 3.30
CA ASP A 22 4.25 -9.12 4.38
C ASP A 22 5.66 -9.37 3.85
N SER A 23 6.64 -8.73 4.48
CA SER A 23 8.03 -8.88 4.08
C SER A 23 8.36 -10.34 3.79
N GLN A 24 7.58 -11.24 4.38
CA GLN A 24 7.79 -12.68 4.19
C GLN A 24 6.49 -13.37 3.80
N ASN A 25 5.52 -13.33 4.71
CA ASN A 25 4.22 -13.96 4.48
C ASN A 25 3.65 -13.55 3.12
N PRO A 26 3.69 -14.47 2.15
CA PRO A 26 3.19 -14.23 0.80
C PRO A 26 1.67 -14.11 0.75
N PHE A 27 1.00 -14.78 1.69
CA PHE A 27 -0.45 -14.75 1.76
C PHE A 27 -0.93 -13.79 2.85
N GLN A 28 -0.36 -12.58 2.85
CA GLN A 28 -0.71 -11.57 3.83
C GLN A 28 -0.37 -10.17 3.33
N TYR A 29 -1.36 -9.28 3.36
CA TYR A 29 -1.16 -7.91 2.90
C TYR A 29 -1.81 -6.92 3.86
N TRP A 30 -1.54 -5.64 3.66
CA TRP A 30 -2.10 -4.59 4.49
C TRP A 30 -2.17 -3.26 3.73
N ILE A 31 -2.98 -2.34 4.25
CA ILE A 31 -3.13 -1.03 3.62
C ILE A 31 -2.22 0.00 4.28
N VAL A 32 -1.56 0.81 3.46
CA VAL A 32 -0.66 1.85 3.97
C VAL A 32 -0.89 3.17 3.24
N SER A 33 -0.27 4.23 3.76
CA SER A 33 -0.41 5.55 3.16
C SER A 33 0.95 6.22 2.99
N VAL A 34 1.19 6.79 1.82
CA VAL A 34 2.45 7.47 1.53
C VAL A 34 2.69 8.62 2.50
N ILE A 35 3.65 8.44 3.40
CA ILE A 35 3.99 9.46 4.38
C ILE A 35 4.84 10.56 3.75
N GLU A 36 5.89 10.16 3.05
CA GLU A 36 6.78 11.12 2.41
C GLU A 36 7.42 10.50 1.16
N ASN A 37 7.66 11.34 0.16
CA ASN A 37 8.26 10.87 -1.10
C ASN A 37 9.56 11.63 -1.38
N VAL A 38 10.69 10.95 -1.20
CA VAL A 38 12.00 11.55 -1.43
C VAL A 38 12.66 10.95 -2.67
N GLY A 39 12.39 11.54 -3.83
CA GLY A 39 12.97 11.04 -5.06
C GLY A 39 12.66 9.58 -5.31
N GLY A 40 11.42 9.19 -5.03
CA GLY A 40 11.02 7.81 -5.23
C GLY A 40 10.98 7.03 -3.93
N ARG A 41 11.48 7.63 -2.87
CA ARG A 41 11.51 6.97 -1.56
C ARG A 41 10.20 7.20 -0.82
N LEU A 42 9.29 6.24 -0.92
CA LEU A 42 7.99 6.33 -0.25
C LEU A 42 8.04 5.69 1.13
N ARG A 43 7.72 6.45 2.16
CA ARG A 43 7.73 5.95 3.53
C ARG A 43 6.33 5.48 3.94
N LEU A 44 6.05 4.20 3.70
CA LEU A 44 4.76 3.62 4.03
C LEU A 44 4.65 3.39 5.54
N ARG A 45 3.43 3.51 6.07
CA ARG A 45 3.19 3.30 7.49
C ARG A 45 1.86 2.59 7.72
N TYR A 46 1.93 1.42 8.34
CA TYR A 46 0.74 0.63 8.62
C TYR A 46 -0.36 1.51 9.22
N VAL A 47 -1.49 1.60 8.52
CA VAL A 47 -2.62 2.40 8.97
C VAL A 47 -2.98 2.07 10.41
N GLY A 48 -3.22 3.10 11.21
CA GLY A 48 -3.58 2.90 12.60
C GLY A 48 -2.47 3.33 13.55
N LEU A 49 -1.23 3.26 13.07
CA LEU A 49 -0.07 3.64 13.89
C LEU A 49 0.44 5.01 13.49
N GLU A 50 -0.43 5.82 12.90
CA GLU A 50 -0.06 7.17 12.48
C GLU A 50 0.58 7.95 13.62
N ASP A 51 -0.02 7.85 14.80
CA ASP A 51 0.50 8.55 15.98
C ASP A 51 1.96 8.19 16.22
N THR A 52 2.22 6.91 16.46
CA THR A 52 3.58 6.44 16.70
C THR A 52 4.42 6.49 15.44
N GLU A 53 5.67 6.91 15.59
CA GLU A 53 6.59 7.01 14.45
C GLU A 53 7.75 6.05 14.60
N SER A 54 7.44 4.77 14.82
CA SER A 54 8.47 3.75 14.98
C SER A 54 8.17 2.53 14.12
N TYR A 55 6.87 2.24 13.94
CA TYR A 55 6.45 1.11 13.14
C TYR A 55 6.20 1.52 11.69
N ASP A 56 7.09 2.36 11.17
CA ASP A 56 6.98 2.83 9.79
C ASP A 56 7.69 1.88 8.83
N GLN A 57 7.60 2.18 7.54
CA GLN A 57 8.23 1.35 6.52
C GLN A 57 8.62 2.18 5.30
N TRP A 58 9.81 1.91 4.76
CA TRP A 58 10.29 2.64 3.60
C TRP A 58 10.50 1.70 2.41
N LEU A 59 10.07 2.14 1.24
CA LEU A 59 10.20 1.34 0.03
C LEU A 59 10.43 2.22 -1.19
N PHE A 60 10.72 1.59 -2.33
CA PHE A 60 10.95 2.32 -3.57
C PHE A 60 9.84 2.07 -4.58
N TYR A 61 9.18 3.15 -5.00
CA TYR A 61 8.09 3.04 -5.95
C TYR A 61 8.37 1.97 -7.00
N LEU A 62 9.65 1.74 -7.27
CA LEU A 62 10.06 0.74 -8.24
C LEU A 62 10.11 -0.65 -7.61
N ASP A 63 9.15 -0.93 -6.73
CA ASP A 63 9.08 -2.22 -6.07
C ASP A 63 7.95 -3.08 -6.65
N TYR A 64 7.88 -4.33 -6.20
CA TYR A 64 6.86 -5.25 -6.69
C TYR A 64 5.70 -5.35 -5.69
N ARG A 65 6.03 -5.27 -4.41
CA ARG A 65 5.02 -5.35 -3.36
C ARG A 65 3.97 -4.25 -3.53
N LEU A 66 4.43 -3.07 -3.91
CA LEU A 66 3.53 -1.93 -4.11
C LEU A 66 2.43 -2.27 -5.12
N ARG A 67 1.19 -2.29 -4.65
CA ARG A 67 0.05 -2.61 -5.51
C ARG A 67 -1.13 -1.71 -5.17
N PRO A 68 -2.02 -1.51 -6.17
CA PRO A 68 -3.21 -0.68 -6.00
C PRO A 68 -4.25 -1.32 -5.08
N VAL A 69 -4.94 -0.49 -4.30
CA VAL A 69 -5.96 -0.98 -3.38
C VAL A 69 -7.17 -1.51 -4.13
N GLY A 70 -7.84 -2.49 -3.54
CA GLY A 70 -9.02 -3.08 -4.16
C GLY A 70 -8.78 -4.51 -4.61
N TRP A 71 -7.62 -4.76 -5.20
CA TRP A 71 -7.27 -6.10 -5.68
C TRP A 71 -7.45 -7.13 -4.56
N CYS A 72 -6.98 -6.79 -3.37
CA CYS A 72 -7.08 -7.69 -2.23
C CYS A 72 -8.46 -7.59 -1.59
N GLN A 73 -9.49 -7.57 -2.41
CA GLN A 73 -10.87 -7.47 -1.92
C GLN A 73 -11.52 -8.85 -1.87
N GLU A 74 -11.20 -9.69 -2.86
CA GLU A 74 -11.76 -11.04 -2.92
C GLU A 74 -11.46 -11.81 -1.65
N ASN A 75 -11.91 -13.07 -1.60
CA ASN A 75 -11.69 -13.91 -0.44
C ASN A 75 -10.54 -14.89 -0.69
N LYS A 76 -9.54 -14.44 -1.44
CA LYS A 76 -8.38 -15.27 -1.75
C LYS A 76 -7.22 -14.93 -0.82
N TYR A 77 -6.78 -13.69 -0.84
CA TYR A 77 -5.67 -13.25 -0.01
C TYR A 77 -6.17 -12.70 1.32
N ARG A 78 -5.31 -12.74 2.33
CA ARG A 78 -5.67 -12.25 3.67
C ARG A 78 -5.29 -10.78 3.82
N MET A 79 -6.27 -9.95 4.16
CA MET A 79 -6.03 -8.52 4.34
C MET A 79 -5.85 -8.19 5.82
N ASP A 80 -5.19 -9.08 6.54
CA ASP A 80 -4.94 -8.88 7.96
C ASP A 80 -3.50 -8.43 8.21
N PRO A 81 -3.32 -7.52 9.17
CA PRO A 81 -2.00 -6.99 9.53
C PRO A 81 -1.12 -8.03 10.21
N PRO A 82 0.18 -7.72 10.34
CA PRO A 82 1.15 -8.61 10.97
C PRO A 82 0.93 -8.75 12.48
N SER A 83 1.40 -9.85 13.05
CA SER A 83 1.25 -10.09 14.48
C SER A 83 2.24 -9.25 15.28
N GLU A 84 2.99 -8.41 14.58
CA GLU A 84 3.97 -7.55 15.23
C GLU A 84 3.32 -6.27 15.74
N ILE A 85 2.18 -5.92 15.16
CA ILE A 85 1.45 -4.71 15.56
C ILE A 85 0.09 -5.06 16.14
N TYR A 86 -0.45 -6.19 15.73
CA TYR A 86 -1.76 -6.64 16.22
C TYR A 86 -1.85 -6.50 17.73
N PRO A 87 -0.84 -7.03 18.43
CA PRO A 87 -0.78 -6.97 19.90
C PRO A 87 -0.54 -5.55 20.42
N LEU A 88 -0.64 -4.58 19.53
CA LEU A 88 -0.43 -3.18 19.90
C LEU A 88 -1.75 -2.42 19.92
N LYS A 89 -2.68 -2.83 19.06
CA LYS A 89 -3.99 -2.19 18.98
C LYS A 89 -5.10 -3.23 19.03
N MET A 90 -6.30 -2.79 19.40
CA MET A 90 -7.45 -3.69 19.48
C MET A 90 -7.91 -4.11 18.09
N ALA A 91 -8.18 -5.40 17.92
CA ALA A 91 -8.63 -5.93 16.64
C ALA A 91 -9.58 -4.96 15.94
N SER A 92 -10.34 -4.21 16.73
CA SER A 92 -11.29 -3.25 16.18
C SER A 92 -10.56 -2.08 15.53
N GLU A 93 -9.56 -1.55 16.23
CA GLU A 93 -8.79 -0.43 15.72
C GLU A 93 -8.28 -0.71 14.31
N TRP A 94 -7.67 -1.88 14.13
CA TRP A 94 -7.16 -2.28 12.83
C TRP A 94 -8.26 -2.35 11.79
N LYS A 95 -9.44 -2.81 12.21
CA LYS A 95 -10.58 -2.93 11.31
C LYS A 95 -11.17 -1.55 11.01
N CYS A 96 -11.06 -0.64 11.97
CA CYS A 96 -11.59 0.72 11.80
C CYS A 96 -10.81 1.47 10.74
N THR A 97 -9.55 1.76 11.03
CA THR A 97 -8.69 2.49 10.10
C THR A 97 -8.57 1.75 8.77
N LEU A 98 -8.79 0.44 8.80
CA LEU A 98 -8.72 -0.38 7.60
C LEU A 98 -9.88 -0.07 6.65
N GLU A 99 -11.06 0.08 7.21
CA GLU A 99 -12.25 0.38 6.42
C GLU A 99 -12.21 1.82 5.91
N LYS A 100 -12.24 2.77 6.83
CA LYS A 100 -12.20 4.19 6.49
C LYS A 100 -11.21 4.45 5.35
N SER A 101 -10.00 3.91 5.49
CA SER A 101 -8.97 4.08 4.49
C SER A 101 -9.46 3.62 3.11
N LEU A 102 -9.89 2.37 3.04
CA LEU A 102 -10.40 1.81 1.80
C LEU A 102 -11.18 2.84 0.99
N ILE A 103 -12.06 3.56 1.68
CA ILE A 103 -12.86 4.60 1.04
C ILE A 103 -11.99 5.72 0.50
N ASP A 104 -11.14 6.26 1.36
CA ASP A 104 -10.24 7.35 0.97
C ASP A 104 -9.55 7.03 -0.36
N ALA A 105 -9.12 5.79 -0.50
CA ALA A 105 -8.44 5.35 -1.73
C ALA A 105 -9.30 5.65 -2.96
N ALA A 106 -10.61 5.52 -2.80
CA ALA A 106 -11.53 5.78 -3.90
C ALA A 106 -11.67 7.28 -4.17
N LYS A 107 -11.23 8.08 -3.22
CA LYS A 107 -11.30 9.53 -3.34
C LYS A 107 -9.95 10.12 -3.74
N PHE A 108 -8.88 9.40 -3.40
CA PHE A 108 -7.53 9.84 -3.73
C PHE A 108 -6.72 8.71 -4.38
N PRO A 109 -7.37 8.00 -5.32
CA PRO A 109 -6.73 6.90 -6.04
C PRO A 109 -5.64 7.37 -7.00
N LEU A 110 -4.67 6.49 -7.24
CA LEU A 110 -3.56 6.83 -8.13
C LEU A 110 -3.76 6.19 -9.51
N PRO A 111 -3.17 6.80 -10.54
CA PRO A 111 -3.27 6.32 -11.92
C PRO A 111 -2.50 5.01 -12.13
N MET A 112 -3.15 4.05 -12.77
CA MET A 112 -2.52 2.75 -13.03
C MET A 112 -1.14 2.93 -13.64
N GLU A 113 -0.98 3.98 -14.44
CA GLU A 113 0.29 4.26 -15.09
C GLU A 113 1.46 4.02 -14.13
N VAL A 114 1.25 4.37 -12.87
CA VAL A 114 2.28 4.19 -11.84
C VAL A 114 2.77 2.75 -11.81
N PHE A 115 1.83 1.81 -11.70
CA PHE A 115 2.16 0.39 -11.66
C PHE A 115 1.97 -0.25 -13.02
N LYS A 116 2.46 0.41 -14.06
CA LYS A 116 2.34 -0.09 -15.43
C LYS A 116 3.53 -0.99 -15.77
N ASP A 117 3.88 -1.88 -14.83
CA ASP A 117 4.99 -2.80 -15.04
C ASP A 117 4.48 -4.18 -15.47
N HIS A 118 3.53 -4.18 -16.39
CA HIS A 118 2.96 -5.43 -16.89
C HIS A 118 2.29 -5.22 -18.25
N ALA A 119 1.79 -6.31 -18.82
CA ALA A 119 1.12 -6.24 -20.12
C ALA A 119 -0.31 -6.76 -20.02
N ASP A 120 -0.44 -8.01 -19.59
CA ASP A 120 -1.76 -8.63 -19.45
C ASP A 120 -1.68 -9.90 -18.62
N LEU A 121 -2.78 -10.23 -17.94
CA LEU A 121 -2.83 -11.43 -17.11
C LEU A 121 -3.40 -12.60 -17.88
N SER A 122 -2.79 -13.77 -17.70
CA SER A 122 -3.23 -14.98 -18.39
C SER A 122 -3.70 -16.04 -17.38
N GLY A 123 -3.02 -16.10 -16.25
CA GLY A 123 -3.38 -17.06 -15.22
C GLY A 123 -2.36 -17.12 -14.10
N PRO A 124 -2.56 -16.31 -13.06
CA PRO A 124 -1.66 -16.25 -11.91
C PRO A 124 -1.74 -17.50 -11.06
N SER A 125 -2.75 -18.33 -11.31
CA SER A 125 -2.94 -19.57 -10.56
C SER A 125 -2.71 -20.78 -11.45
N SER A 126 -2.39 -21.91 -10.82
CA SER A 126 -2.14 -23.14 -11.56
C SER A 126 -2.96 -24.29 -10.98
N GLY A 127 -2.72 -24.61 -9.72
CA GLY A 127 -3.44 -25.70 -9.08
C GLY A 127 -3.24 -25.71 -7.57
N GLY A 1 11.31 16.52 -6.00
CA GLY A 1 12.60 15.91 -5.76
C GLY A 1 13.74 16.79 -6.21
N SER A 2 13.94 16.86 -7.52
CA SER A 2 15.02 17.67 -8.10
C SER A 2 14.57 18.33 -9.39
N SER A 3 15.16 19.48 -9.70
CA SER A 3 14.82 20.22 -10.91
C SER A 3 14.81 19.29 -12.12
N GLY A 4 13.71 19.33 -12.88
CA GLY A 4 13.60 18.49 -14.06
C GLY A 4 12.33 17.66 -14.05
N SER A 5 12.36 16.54 -14.77
CA SER A 5 11.20 15.66 -14.85
C SER A 5 11.45 14.36 -14.09
N SER A 6 10.38 13.62 -13.83
CA SER A 6 10.48 12.36 -13.10
C SER A 6 9.50 11.33 -13.68
N GLY A 7 9.94 10.08 -13.74
CA GLY A 7 9.09 9.01 -14.26
C GLY A 7 7.83 8.84 -13.45
N PRO A 8 7.69 7.66 -12.81
CA PRO A 8 6.52 7.34 -11.99
C PRO A 8 6.48 8.15 -10.70
N ILE A 9 7.65 8.34 -10.09
CA ILE A 9 7.74 9.10 -8.85
C ILE A 9 6.77 10.28 -8.85
N ASP A 10 6.77 11.04 -9.94
CA ASP A 10 5.89 12.19 -10.07
C ASP A 10 4.43 11.78 -9.96
N LEU A 11 4.08 10.67 -10.60
CA LEU A 11 2.72 10.15 -10.58
C LEU A 11 2.21 10.03 -9.14
N ILE A 12 3.08 9.54 -8.25
CA ILE A 12 2.72 9.38 -6.85
C ILE A 12 2.81 10.70 -6.09
N THR A 13 2.00 10.83 -5.05
CA THR A 13 1.99 12.04 -4.24
C THR A 13 1.69 11.73 -2.78
N VAL A 14 2.41 12.39 -1.88
CA VAL A 14 2.22 12.18 -0.46
C VAL A 14 0.73 12.12 -0.10
N GLY A 15 0.32 11.00 0.49
CA GLY A 15 -1.08 10.83 0.86
C GLY A 15 -1.73 9.67 0.14
N SER A 16 -1.21 9.33 -1.04
CA SER A 16 -1.76 8.25 -1.83
C SER A 16 -1.74 6.94 -1.06
N LEU A 17 -2.81 6.16 -1.20
CA LEU A 17 -2.92 4.88 -0.51
C LEU A 17 -2.37 3.74 -1.37
N ILE A 18 -1.63 2.84 -0.74
CA ILE A 18 -1.06 1.70 -1.45
C ILE A 18 -0.99 0.47 -0.56
N GLU A 19 -1.05 -0.70 -1.17
CA GLU A 19 -1.00 -1.96 -0.43
C GLU A 19 0.44 -2.41 -0.22
N LEU A 20 0.62 -3.42 0.61
CA LEU A 20 1.95 -3.95 0.91
C LEU A 20 1.88 -5.43 1.27
N GLN A 21 2.90 -6.19 0.85
CA GLN A 21 2.96 -7.61 1.13
C GLN A 21 3.97 -7.91 2.23
N ASP A 22 3.71 -8.95 3.01
CA ASP A 22 4.61 -9.34 4.09
C ASP A 22 5.98 -9.73 3.55
N SER A 23 6.91 -10.02 4.45
CA SER A 23 8.26 -10.39 4.07
C SER A 23 8.44 -11.90 4.12
N GLN A 24 7.58 -12.57 4.87
CA GLN A 24 7.64 -14.03 5.00
C GLN A 24 6.31 -14.66 4.63
N ASN A 25 5.22 -13.94 4.89
CA ASN A 25 3.89 -14.44 4.58
C ASN A 25 3.22 -13.58 3.49
N PRO A 26 3.49 -13.92 2.23
CA PRO A 26 2.93 -13.21 1.08
C PRO A 26 1.43 -13.43 0.93
N PHE A 27 0.87 -14.28 1.78
CA PHE A 27 -0.55 -14.59 1.75
C PHE A 27 -1.34 -13.60 2.60
N GLN A 28 -0.64 -12.60 3.13
CA GLN A 28 -1.28 -11.60 3.97
C GLN A 28 -0.72 -10.21 3.68
N TYR A 29 -1.57 -9.33 3.14
CA TYR A 29 -1.15 -7.97 2.81
C TYR A 29 -1.88 -6.95 3.68
N TRP A 30 -1.37 -5.73 3.70
CA TRP A 30 -1.97 -4.66 4.49
C TRP A 30 -2.04 -3.36 3.69
N ILE A 31 -2.87 -2.43 4.15
CA ILE A 31 -3.03 -1.15 3.48
C ILE A 31 -2.21 -0.07 4.17
N VAL A 32 -1.49 0.72 3.37
CA VAL A 32 -0.66 1.80 3.90
C VAL A 32 -0.87 3.09 3.12
N SER A 33 -0.43 4.20 3.71
CA SER A 33 -0.58 5.51 3.07
C SER A 33 0.76 6.21 2.96
N VAL A 34 1.09 6.69 1.76
CA VAL A 34 2.35 7.39 1.54
C VAL A 34 2.52 8.56 2.50
N ILE A 35 3.55 8.50 3.32
CA ILE A 35 3.83 9.55 4.29
C ILE A 35 4.68 10.66 3.68
N GLU A 36 5.73 10.26 2.96
CA GLU A 36 6.63 11.21 2.32
C GLU A 36 7.31 10.59 1.11
N ASN A 37 7.65 11.42 0.13
CA ASN A 37 8.30 10.95 -1.08
C ASN A 37 9.60 11.73 -1.33
N VAL A 38 10.72 11.02 -1.29
CA VAL A 38 12.02 11.64 -1.52
C VAL A 38 12.75 10.97 -2.68
N GLY A 39 12.57 11.52 -3.88
CA GLY A 39 13.21 10.97 -5.06
C GLY A 39 12.92 9.49 -5.24
N GLY A 40 11.69 9.09 -4.95
CA GLY A 40 11.30 7.71 -5.09
C GLY A 40 11.21 6.99 -3.76
N ARG A 41 11.62 7.67 -2.69
CA ARG A 41 11.58 7.10 -1.35
C ARG A 41 10.22 7.35 -0.69
N LEU A 42 9.30 6.42 -0.87
CA LEU A 42 7.96 6.53 -0.29
C LEU A 42 7.91 5.91 1.09
N ARG A 43 7.76 6.75 2.11
CA ARG A 43 7.71 6.28 3.49
C ARG A 43 6.30 5.82 3.84
N LEU A 44 6.08 4.51 3.80
CA LEU A 44 4.78 3.94 4.11
C LEU A 44 4.61 3.76 5.62
N ARG A 45 3.37 3.82 6.08
CA ARG A 45 3.07 3.66 7.50
C ARG A 45 1.72 2.98 7.70
N TYR A 46 1.75 1.72 8.14
CA TYR A 46 0.53 0.96 8.38
C TYR A 46 -0.58 1.86 8.92
N VAL A 47 -1.72 1.85 8.24
CA VAL A 47 -2.86 2.68 8.65
C VAL A 47 -3.24 2.39 10.10
N GLY A 48 -3.60 3.44 10.83
CA GLY A 48 -3.99 3.29 12.21
C GLY A 48 -2.89 3.72 13.17
N LEU A 49 -1.64 3.62 12.71
CA LEU A 49 -0.50 4.00 13.54
C LEU A 49 0.05 5.36 13.11
N GLU A 50 -0.84 6.23 12.63
CA GLU A 50 -0.44 7.57 12.19
C GLU A 50 0.21 8.34 13.33
N ASP A 51 -0.45 8.33 14.49
CA ASP A 51 0.06 9.04 15.66
C ASP A 51 1.51 8.66 15.95
N THR A 52 1.76 7.35 16.04
CA THR A 52 3.10 6.85 16.31
C THR A 52 3.93 6.77 15.04
N GLU A 53 5.23 6.94 15.17
CA GLU A 53 6.13 6.89 14.03
C GLU A 53 7.31 5.96 14.30
N SER A 54 7.04 4.83 14.94
CA SER A 54 8.07 3.86 15.27
C SER A 54 7.96 2.62 14.39
N TYR A 55 6.73 2.16 14.17
CA TYR A 55 6.49 0.99 13.34
C TYR A 55 6.32 1.37 11.88
N ASP A 56 7.17 2.30 11.41
CA ASP A 56 7.11 2.76 10.03
C ASP A 56 7.99 1.90 9.14
N GLN A 57 7.90 2.12 7.84
CA GLN A 57 8.69 1.36 6.88
C GLN A 57 8.87 2.13 5.58
N TRP A 58 10.11 2.22 5.11
CA TRP A 58 10.42 2.94 3.88
C TRP A 58 10.59 1.98 2.71
N LEU A 59 10.06 2.35 1.56
CA LEU A 59 10.16 1.50 0.36
C LEU A 59 10.20 2.37 -0.90
N PHE A 60 10.66 1.77 -2.00
CA PHE A 60 10.74 2.47 -3.27
C PHE A 60 9.60 2.06 -4.19
N TYR A 61 9.02 3.04 -4.89
CA TYR A 61 7.92 2.78 -5.81
C TYR A 61 8.22 1.57 -6.68
N LEU A 62 9.47 1.43 -7.08
CA LEU A 62 9.89 0.31 -7.93
C LEU A 62 9.48 -1.01 -7.31
N ASP A 63 9.57 -1.10 -5.98
CA ASP A 63 9.20 -2.33 -5.27
C ASP A 63 8.03 -3.02 -5.96
N TYR A 64 8.10 -4.35 -6.02
CA TYR A 64 7.06 -5.13 -6.66
C TYR A 64 5.93 -5.44 -5.67
N ARG A 65 6.14 -5.07 -4.42
CA ARG A 65 5.15 -5.31 -3.37
C ARG A 65 4.29 -4.08 -3.14
N LEU A 66 4.00 -3.36 -4.22
CA LEU A 66 3.19 -2.14 -4.14
C LEU A 66 2.02 -2.20 -5.12
N ARG A 67 0.93 -2.83 -4.69
CA ARG A 67 -0.25 -2.95 -5.54
C ARG A 67 -1.35 -2.00 -5.07
N PRO A 68 -2.26 -1.65 -5.99
CA PRO A 68 -3.37 -0.74 -5.70
C PRO A 68 -4.42 -1.38 -4.78
N VAL A 69 -5.00 -0.56 -3.92
CA VAL A 69 -6.01 -1.04 -2.98
C VAL A 69 -7.21 -1.62 -3.72
N GLY A 70 -7.76 -2.71 -3.19
CA GLY A 70 -8.91 -3.35 -3.81
C GLY A 70 -8.64 -4.80 -4.18
N TRP A 71 -7.48 -5.04 -4.79
CA TRP A 71 -7.11 -6.39 -5.20
C TRP A 71 -7.17 -7.35 -4.03
N CYS A 72 -6.68 -6.91 -2.87
CA CYS A 72 -6.68 -7.74 -1.66
C CYS A 72 -7.99 -7.59 -0.91
N GLN A 73 -8.61 -6.42 -1.01
CA GLN A 73 -9.87 -6.14 -0.33
C GLN A 73 -10.75 -7.39 -0.33
N GLU A 74 -11.01 -7.93 -1.51
CA GLU A 74 -11.85 -9.12 -1.64
C GLU A 74 -11.34 -10.24 -0.74
N ASN A 75 -12.16 -11.27 -0.57
CA ASN A 75 -11.80 -12.40 0.27
C ASN A 75 -10.94 -13.40 -0.50
N LYS A 76 -9.91 -12.90 -1.17
CA LYS A 76 -9.02 -13.75 -1.95
C LYS A 76 -8.13 -14.59 -1.04
N TYR A 77 -7.21 -13.93 -0.35
CA TYR A 77 -6.29 -14.61 0.55
C TYR A 77 -6.55 -14.20 2.00
N ARG A 78 -6.19 -12.96 2.33
CA ARG A 78 -6.38 -12.44 3.67
C ARG A 78 -6.14 -10.94 3.72
N MET A 79 -6.87 -10.24 4.58
CA MET A 79 -6.73 -8.80 4.71
C MET A 79 -6.42 -8.42 6.16
N ASP A 80 -5.58 -9.22 6.81
CA ASP A 80 -5.21 -8.96 8.20
C ASP A 80 -3.77 -8.44 8.28
N PRO A 81 -3.54 -7.49 9.21
CA PRO A 81 -2.23 -6.89 9.41
C PRO A 81 -1.24 -7.87 10.02
N PRO A 82 0.05 -7.47 10.05
CA PRO A 82 1.12 -8.29 10.61
C PRO A 82 1.02 -8.42 12.13
N SER A 83 1.51 -9.54 12.66
CA SER A 83 1.47 -9.78 14.09
C SER A 83 2.46 -8.88 14.82
N GLU A 84 3.21 -8.09 14.06
CA GLU A 84 4.19 -7.18 14.64
C GLU A 84 3.51 -5.98 15.28
N ILE A 85 2.34 -5.61 14.75
CA ILE A 85 1.59 -4.48 15.28
C ILE A 85 0.27 -4.93 15.87
N TYR A 86 -0.22 -6.08 15.41
CA TYR A 86 -1.48 -6.62 15.90
C TYR A 86 -1.55 -6.56 17.42
N PRO A 87 -0.49 -7.05 18.08
CA PRO A 87 -0.41 -7.07 19.55
C PRO A 87 -0.24 -5.67 20.13
N LEU A 88 -0.43 -4.66 19.29
CA LEU A 88 -0.30 -3.28 19.73
C LEU A 88 -1.67 -2.60 19.83
N LYS A 89 -2.61 -3.07 19.00
CA LYS A 89 -3.96 -2.52 19.01
C LYS A 89 -5.00 -3.63 19.02
N MET A 90 -6.24 -3.29 19.34
CA MET A 90 -7.33 -4.26 19.38
C MET A 90 -7.71 -4.70 17.96
N ALA A 91 -8.22 -5.92 17.84
CA ALA A 91 -8.61 -6.46 16.55
C ALA A 91 -9.62 -5.54 15.87
N SER A 92 -10.41 -4.82 16.67
CA SER A 92 -11.40 -3.91 16.14
C SER A 92 -10.77 -2.61 15.66
N GLU A 93 -9.66 -2.23 16.30
CA GLU A 93 -8.95 -1.01 15.93
C GLU A 93 -8.42 -1.10 14.51
N TRP A 94 -7.78 -2.22 14.18
CA TRP A 94 -7.22 -2.43 12.86
C TRP A 94 -8.32 -2.47 11.80
N LYS A 95 -9.48 -2.99 12.19
CA LYS A 95 -10.62 -3.08 11.28
C LYS A 95 -11.25 -1.71 11.05
N CYS A 96 -11.25 -0.89 12.08
CA CYS A 96 -11.82 0.46 11.99
C CYS A 96 -11.03 1.32 11.01
N THR A 97 -9.76 1.57 11.33
CA THR A 97 -8.90 2.38 10.49
C THR A 97 -8.78 1.79 9.09
N LEU A 98 -9.02 0.48 8.99
CA LEU A 98 -8.95 -0.21 7.71
C LEU A 98 -10.03 0.28 6.75
N GLU A 99 -11.26 0.36 7.26
CA GLU A 99 -12.39 0.82 6.45
C GLU A 99 -12.13 2.22 5.90
N LYS A 100 -12.14 3.21 6.80
CA LYS A 100 -11.90 4.59 6.41
C LYS A 100 -10.88 4.68 5.28
N SER A 101 -9.73 4.03 5.48
CA SER A 101 -8.67 4.03 4.48
C SER A 101 -9.22 3.67 3.10
N LEU A 102 -9.90 2.53 3.03
CA LEU A 102 -10.47 2.06 1.78
C LEU A 102 -11.17 3.20 1.04
N ILE A 103 -11.97 3.96 1.77
CA ILE A 103 -12.69 5.09 1.19
C ILE A 103 -11.72 6.15 0.67
N ASP A 104 -10.65 6.38 1.42
CA ASP A 104 -9.65 7.37 1.03
C ASP A 104 -9.02 7.01 -0.30
N ALA A 105 -9.00 5.72 -0.62
CA ALA A 105 -8.42 5.23 -1.86
C ALA A 105 -9.27 5.66 -3.06
N ALA A 106 -10.58 5.66 -2.88
CA ALA A 106 -11.50 6.04 -3.94
C ALA A 106 -11.56 7.55 -4.10
N LYS A 107 -10.92 8.26 -3.18
CA LYS A 107 -10.89 9.72 -3.21
C LYS A 107 -9.57 10.23 -3.77
N PHE A 108 -8.49 9.50 -3.49
CA PHE A 108 -7.16 9.87 -3.95
C PHE A 108 -6.49 8.70 -4.67
N PRO A 109 -7.24 8.02 -5.52
CA PRO A 109 -6.74 6.87 -6.29
C PRO A 109 -5.74 7.28 -7.36
N LEU A 110 -4.60 6.60 -7.39
CA LEU A 110 -3.56 6.89 -8.37
C LEU A 110 -3.80 6.12 -9.66
N PRO A 111 -3.23 6.65 -10.77
CA PRO A 111 -3.36 6.02 -12.09
C PRO A 111 -2.61 4.70 -12.20
N MET A 112 -3.26 3.70 -12.79
CA MET A 112 -2.65 2.39 -12.96
C MET A 112 -1.24 2.51 -13.52
N GLU A 113 -1.02 3.56 -14.32
CA GLU A 113 0.29 3.78 -14.92
C GLU A 113 1.41 3.55 -13.91
N VAL A 114 1.22 4.04 -12.70
CA VAL A 114 2.21 3.88 -11.64
C VAL A 114 2.63 2.42 -11.49
N PHE A 115 1.66 1.55 -11.30
CA PHE A 115 1.93 0.12 -11.14
C PHE A 115 1.80 -0.60 -12.48
N LYS A 116 2.31 0.02 -13.54
CA LYS A 116 2.24 -0.57 -14.87
C LYS A 116 3.37 -1.57 -15.07
N ASP A 117 3.04 -2.85 -14.98
CA ASP A 117 4.01 -3.92 -15.15
C ASP A 117 3.54 -4.93 -16.18
N HIS A 118 2.41 -5.56 -15.89
CA HIS A 118 1.83 -6.56 -16.79
C HIS A 118 1.15 -5.89 -17.98
N ALA A 119 0.75 -6.71 -18.96
CA ALA A 119 0.09 -6.20 -20.15
C ALA A 119 -1.35 -6.70 -20.24
N ASP A 120 -1.53 -8.00 -20.04
CA ASP A 120 -2.86 -8.61 -20.10
C ASP A 120 -2.82 -10.05 -19.63
N LEU A 121 -3.69 -10.39 -18.70
CA LEU A 121 -3.75 -11.75 -18.15
C LEU A 121 -5.02 -12.46 -18.63
N SER A 122 -5.09 -13.76 -18.35
CA SER A 122 -6.24 -14.56 -18.76
C SER A 122 -7.09 -14.93 -17.54
N GLY A 123 -8.38 -15.18 -17.78
CA GLY A 123 -9.28 -15.55 -16.70
C GLY A 123 -8.97 -16.92 -16.14
N PRO A 124 -10.02 -17.57 -15.60
CA PRO A 124 -9.88 -18.92 -15.01
C PRO A 124 -9.62 -19.99 -16.06
N SER A 125 -9.42 -21.22 -15.61
CA SER A 125 -9.15 -22.34 -16.51
C SER A 125 -10.28 -23.37 -16.44
N SER A 126 -10.73 -23.81 -17.61
CA SER A 126 -11.80 -24.80 -17.70
C SER A 126 -11.67 -25.84 -16.60
N GLY A 127 -10.46 -26.40 -16.46
CA GLY A 127 -10.22 -27.40 -15.45
C GLY A 127 -10.77 -27.01 -14.09
N GLY A 1 11.78 20.89 -5.83
CA GLY A 1 11.85 19.47 -5.54
C GLY A 1 11.38 18.62 -6.70
N SER A 2 11.87 18.92 -7.89
CA SER A 2 11.48 18.18 -9.08
C SER A 2 12.39 18.53 -10.26
N SER A 3 12.77 17.52 -11.03
CA SER A 3 13.64 17.71 -12.18
C SER A 3 12.87 18.29 -13.36
N GLY A 4 11.55 18.18 -13.30
CA GLY A 4 10.71 18.70 -14.37
C GLY A 4 10.74 17.81 -15.59
N SER A 5 10.64 16.51 -15.38
CA SER A 5 10.66 15.55 -16.49
C SER A 5 9.65 14.43 -16.25
N SER A 6 9.52 13.53 -17.23
CA SER A 6 8.58 12.42 -17.13
C SER A 6 9.08 11.37 -16.14
N GLY A 7 8.16 10.67 -15.52
CA GLY A 7 8.53 9.64 -14.56
C GLY A 7 7.40 9.30 -13.61
N PRO A 8 7.43 8.08 -13.05
CA PRO A 8 6.40 7.60 -12.11
C PRO A 8 6.47 8.32 -10.77
N ILE A 9 7.69 8.51 -10.27
CA ILE A 9 7.89 9.18 -9.00
C ILE A 9 6.94 10.36 -8.84
N ASP A 10 6.83 11.17 -9.89
CA ASP A 10 5.95 12.33 -9.87
C ASP A 10 4.49 11.91 -9.75
N LEU A 11 4.13 10.85 -10.48
CA LEU A 11 2.76 10.34 -10.45
C LEU A 11 2.26 10.18 -9.02
N ILE A 12 3.09 9.61 -8.16
CA ILE A 12 2.73 9.41 -6.77
C ILE A 12 2.86 10.71 -5.98
N THR A 13 1.92 10.91 -5.04
CA THR A 13 1.92 12.11 -4.22
C THR A 13 1.70 11.77 -2.75
N VAL A 14 2.47 12.41 -1.87
CA VAL A 14 2.34 12.18 -0.44
C VAL A 14 0.88 12.06 -0.02
N GLY A 15 0.53 10.93 0.60
CA GLY A 15 -0.83 10.71 1.04
C GLY A 15 -1.51 9.58 0.29
N SER A 16 -1.07 9.35 -0.94
CA SER A 16 -1.64 8.29 -1.77
C SER A 16 -1.65 6.96 -1.02
N LEU A 17 -2.79 6.27 -1.05
CA LEU A 17 -2.93 4.99 -0.39
C LEU A 17 -2.43 3.85 -1.27
N ILE A 18 -1.58 3.00 -0.70
CA ILE A 18 -1.03 1.86 -1.44
C ILE A 18 -0.99 0.61 -0.57
N GLU A 19 -1.05 -0.55 -1.22
CA GLU A 19 -1.01 -1.82 -0.50
C GLU A 19 0.42 -2.31 -0.34
N LEU A 20 0.63 -3.17 0.66
CA LEU A 20 1.96 -3.71 0.93
C LEU A 20 1.88 -5.17 1.37
N GLN A 21 2.94 -5.92 1.11
CA GLN A 21 2.99 -7.33 1.48
C GLN A 21 3.84 -7.54 2.73
N ASP A 22 3.34 -8.35 3.65
CA ASP A 22 4.05 -8.64 4.89
C ASP A 22 5.46 -9.14 4.59
N SER A 23 6.21 -9.45 5.65
CA SER A 23 7.57 -9.95 5.51
C SER A 23 7.65 -11.43 5.88
N GLN A 24 6.53 -11.97 6.34
CA GLN A 24 6.48 -13.38 6.73
C GLN A 24 5.36 -14.10 6.02
N ASN A 25 4.26 -13.38 5.76
CA ASN A 25 3.11 -13.95 5.09
C ASN A 25 2.84 -13.24 3.77
N PRO A 26 3.25 -13.87 2.66
CA PRO A 26 3.06 -13.31 1.32
C PRO A 26 1.61 -13.30 0.89
N PHE A 27 0.78 -14.09 1.58
CA PHE A 27 -0.64 -14.16 1.27
C PHE A 27 -1.41 -13.05 1.97
N GLN A 28 -1.00 -12.73 3.19
CA GLN A 28 -1.66 -11.69 3.97
C GLN A 28 -1.05 -10.32 3.66
N TYR A 29 -1.89 -9.41 3.18
CA TYR A 29 -1.43 -8.06 2.85
C TYR A 29 -2.06 -7.02 3.77
N TRP A 30 -1.65 -5.77 3.61
CA TRP A 30 -2.18 -4.68 4.43
C TRP A 30 -2.26 -3.40 3.62
N ILE A 31 -2.95 -2.40 4.18
CA ILE A 31 -3.11 -1.11 3.51
C ILE A 31 -2.26 -0.03 4.19
N VAL A 32 -1.52 0.72 3.39
CA VAL A 32 -0.67 1.79 3.91
C VAL A 32 -0.88 3.08 3.14
N SER A 33 -0.34 4.17 3.68
CA SER A 33 -0.46 5.48 3.04
C SER A 33 0.89 6.15 2.90
N VAL A 34 1.19 6.64 1.70
CA VAL A 34 2.46 7.31 1.43
C VAL A 34 2.67 8.48 2.38
N ILE A 35 3.60 8.32 3.31
CA ILE A 35 3.90 9.37 4.28
C ILE A 35 4.72 10.49 3.64
N GLU A 36 5.78 10.11 2.94
CA GLU A 36 6.64 11.09 2.27
C GLU A 36 7.31 10.48 1.04
N ASN A 37 7.64 11.33 0.09
CA ASN A 37 8.29 10.88 -1.14
C ASN A 37 9.61 11.61 -1.37
N VAL A 38 10.72 10.89 -1.21
CA VAL A 38 12.04 11.47 -1.40
C VAL A 38 12.73 10.88 -2.62
N GLY A 39 12.41 11.41 -3.80
CA GLY A 39 13.02 10.91 -5.02
C GLY A 39 12.76 9.43 -5.24
N GLY A 40 11.49 9.04 -5.19
CA GLY A 40 11.13 7.64 -5.38
C GLY A 40 11.08 6.88 -4.08
N ARG A 41 11.45 7.53 -2.99
CA ARG A 41 11.44 6.90 -1.68
C ARG A 41 10.12 7.13 -0.97
N LEU A 42 9.17 6.22 -1.18
CA LEU A 42 7.85 6.32 -0.56
C LEU A 42 7.85 5.72 0.84
N ARG A 43 7.79 6.58 1.86
CA ARG A 43 7.78 6.13 3.24
C ARG A 43 6.39 5.67 3.66
N LEU A 44 6.14 4.37 3.56
CA LEU A 44 4.86 3.79 3.92
C LEU A 44 4.75 3.59 5.43
N ARG A 45 3.52 3.49 5.93
CA ARG A 45 3.29 3.30 7.36
C ARG A 45 1.93 2.66 7.61
N TYR A 46 1.93 1.43 8.09
CA TYR A 46 0.69 0.72 8.37
C TYR A 46 -0.38 1.66 8.88
N VAL A 47 -1.46 1.79 8.12
CA VAL A 47 -2.57 2.67 8.49
C VAL A 47 -2.98 2.43 9.95
N GLY A 48 -3.16 3.51 10.69
CA GLY A 48 -3.56 3.41 12.08
C GLY A 48 -2.44 3.77 13.03
N LEU A 49 -1.20 3.60 12.58
CA LEU A 49 -0.04 3.91 13.40
C LEU A 49 0.63 5.20 12.95
N GLU A 50 -0.17 6.10 12.38
CA GLU A 50 0.34 7.38 11.89
C GLU A 50 0.93 8.19 13.04
N ASP A 51 0.20 8.27 14.14
CA ASP A 51 0.65 9.02 15.31
C ASP A 51 2.06 8.59 15.71
N THR A 52 2.29 7.29 15.77
CA THR A 52 3.60 6.76 16.14
C THR A 52 4.49 6.58 14.92
N GLU A 53 5.73 7.02 15.03
CA GLU A 53 6.69 6.90 13.94
C GLU A 53 7.75 5.85 14.23
N SER A 54 7.31 4.71 14.76
CA SER A 54 8.22 3.62 15.10
C SER A 54 7.93 2.39 14.25
N TYR A 55 6.66 2.20 13.90
CA TYR A 55 6.25 1.06 13.09
C TYR A 55 6.09 1.46 11.63
N ASP A 56 7.03 2.27 11.14
CA ASP A 56 6.99 2.73 9.76
C ASP A 56 8.00 1.96 8.91
N GLN A 57 7.98 2.21 7.60
CA GLN A 57 8.89 1.54 6.69
C GLN A 57 9.11 2.38 5.43
N TRP A 58 10.17 2.06 4.69
CA TRP A 58 10.49 2.78 3.47
C TRP A 58 10.64 1.83 2.29
N LEU A 59 10.10 2.22 1.14
CA LEU A 59 10.18 1.39 -0.06
C LEU A 59 10.19 2.26 -1.32
N PHE A 60 10.56 1.66 -2.44
CA PHE A 60 10.61 2.37 -3.71
C PHE A 60 9.47 1.93 -4.62
N TYR A 61 8.90 2.89 -5.36
CA TYR A 61 7.80 2.60 -6.27
C TYR A 61 8.16 1.45 -7.21
N LEU A 62 9.45 1.14 -7.29
CA LEU A 62 9.92 0.05 -8.15
C LEU A 62 9.54 -1.31 -7.56
N ASP A 63 9.49 -1.38 -6.24
CA ASP A 63 9.14 -2.63 -5.55
C ASP A 63 8.00 -3.33 -6.26
N TYR A 64 7.82 -4.61 -5.97
CA TYR A 64 6.75 -5.40 -6.58
C TYR A 64 5.59 -5.57 -5.61
N ARG A 65 5.88 -5.49 -4.32
CA ARG A 65 4.85 -5.64 -3.30
C ARG A 65 4.08 -4.33 -3.11
N LEU A 66 4.29 -3.39 -4.02
CA LEU A 66 3.62 -2.10 -3.95
C LEU A 66 2.48 -2.02 -4.96
N ARG A 67 1.39 -2.73 -4.67
CA ARG A 67 0.23 -2.74 -5.56
C ARG A 67 -0.83 -1.77 -5.07
N PRO A 68 -1.75 -1.40 -5.97
CA PRO A 68 -2.84 -0.46 -5.66
C PRO A 68 -3.87 -1.07 -4.72
N VAL A 69 -4.58 -0.21 -4.01
CA VAL A 69 -5.60 -0.66 -3.06
C VAL A 69 -6.90 -0.99 -3.78
N GLY A 70 -7.55 -2.07 -3.38
CA GLY A 70 -8.80 -2.48 -3.99
C GLY A 70 -8.74 -3.88 -4.55
N TRP A 71 -7.64 -4.22 -5.21
CA TRP A 71 -7.46 -5.54 -5.79
C TRP A 71 -7.63 -6.63 -4.73
N CYS A 72 -7.11 -6.37 -3.54
CA CYS A 72 -7.21 -7.33 -2.45
C CYS A 72 -8.54 -7.19 -1.71
N GLN A 73 -9.61 -6.95 -2.47
CA GLN A 73 -10.93 -6.79 -1.89
C GLN A 73 -11.71 -8.09 -1.94
N GLU A 74 -11.89 -8.63 -3.14
CA GLU A 74 -12.62 -9.88 -3.32
C GLU A 74 -12.18 -10.91 -2.29
N ASN A 75 -12.96 -11.99 -2.17
CA ASN A 75 -12.65 -13.05 -1.22
C ASN A 75 -11.59 -14.00 -1.78
N LYS A 76 -10.52 -13.42 -2.31
CA LYS A 76 -9.42 -14.21 -2.88
C LYS A 76 -8.28 -14.36 -1.89
N TYR A 77 -7.77 -13.22 -1.41
CA TYR A 77 -6.67 -13.21 -0.46
C TYR A 77 -7.14 -12.75 0.92
N ARG A 78 -6.22 -12.69 1.87
CA ARG A 78 -6.53 -12.25 3.22
C ARG A 78 -6.08 -10.82 3.46
N MET A 79 -6.94 -10.03 4.10
CA MET A 79 -6.63 -8.63 4.38
C MET A 79 -6.47 -8.41 5.88
N ASP A 80 -5.30 -8.76 6.42
CA ASP A 80 -5.02 -8.59 7.83
C ASP A 80 -3.62 -8.06 8.05
N PRO A 81 -3.47 -7.17 9.05
CA PRO A 81 -2.17 -6.56 9.38
C PRO A 81 -1.21 -7.57 10.00
N PRO A 82 0.08 -7.19 10.08
CA PRO A 82 1.13 -8.03 10.65
C PRO A 82 0.99 -8.21 12.15
N SER A 83 1.42 -9.35 12.66
CA SER A 83 1.34 -9.64 14.09
C SER A 83 2.29 -8.74 14.88
N GLU A 84 3.04 -7.91 14.16
CA GLU A 84 3.99 -7.01 14.79
C GLU A 84 3.28 -5.81 15.42
N ILE A 85 2.15 -5.44 14.82
CA ILE A 85 1.37 -4.30 15.31
C ILE A 85 0.06 -4.78 15.94
N TYR A 86 -0.41 -5.94 15.51
CA TYR A 86 -1.66 -6.51 16.03
C TYR A 86 -1.71 -6.40 17.55
N PRO A 87 -0.63 -6.84 18.22
CA PRO A 87 -0.52 -6.81 19.67
C PRO A 87 -0.38 -5.38 20.21
N LEU A 88 -0.67 -4.40 19.35
CA LEU A 88 -0.58 -3.00 19.74
C LEU A 88 -1.97 -2.37 19.85
N LYS A 89 -2.87 -2.80 18.97
CA LYS A 89 -4.23 -2.28 18.96
C LYS A 89 -5.25 -3.41 19.07
N MET A 90 -6.50 -3.06 19.33
CA MET A 90 -7.56 -4.06 19.46
C MET A 90 -8.02 -4.55 18.08
N ALA A 91 -8.44 -5.80 18.00
CA ALA A 91 -8.90 -6.38 16.75
C ALA A 91 -9.89 -5.46 16.06
N SER A 92 -10.68 -4.74 16.85
CA SER A 92 -11.68 -3.83 16.31
C SER A 92 -11.02 -2.61 15.69
N GLU A 93 -9.96 -2.12 16.33
CA GLU A 93 -9.23 -0.96 15.85
C GLU A 93 -8.75 -1.17 14.42
N TRP A 94 -8.00 -2.25 14.21
CA TRP A 94 -7.47 -2.56 12.89
C TRP A 94 -8.60 -2.70 11.87
N LYS A 95 -9.70 -3.31 12.28
CA LYS A 95 -10.86 -3.50 11.41
C LYS A 95 -11.44 -2.16 11.00
N CYS A 96 -11.67 -1.30 11.99
CA CYS A 96 -12.25 0.03 11.72
C CYS A 96 -11.31 0.86 10.85
N THR A 97 -10.02 0.88 11.23
CA THR A 97 -9.04 1.64 10.48
C THR A 97 -8.91 1.13 9.05
N LEU A 98 -9.07 -0.17 8.88
CA LEU A 98 -8.97 -0.80 7.57
C LEU A 98 -10.02 -0.22 6.61
N GLU A 99 -11.25 -0.09 7.11
CA GLU A 99 -12.34 0.44 6.31
C GLU A 99 -12.06 1.88 5.90
N LYS A 100 -12.07 2.78 6.87
CA LYS A 100 -11.82 4.20 6.62
C LYS A 100 -10.80 4.37 5.50
N SER A 101 -9.66 3.71 5.64
CA SER A 101 -8.59 3.79 4.65
C SER A 101 -9.10 3.38 3.28
N LEU A 102 -9.69 2.20 3.19
CA LEU A 102 -10.23 1.69 1.93
C LEU A 102 -10.94 2.79 1.17
N ILE A 103 -11.84 3.50 1.85
CA ILE A 103 -12.59 4.58 1.22
C ILE A 103 -11.68 5.71 0.79
N ASP A 104 -10.75 6.08 1.68
CA ASP A 104 -9.80 7.15 1.39
C ASP A 104 -9.12 6.93 0.04
N ALA A 105 -8.89 5.67 -0.31
CA ALA A 105 -8.26 5.32 -1.58
C ALA A 105 -9.12 5.76 -2.76
N ALA A 106 -10.43 5.67 -2.59
CA ALA A 106 -11.37 6.05 -3.65
C ALA A 106 -11.43 7.57 -3.80
N LYS A 107 -10.98 8.28 -2.77
CA LYS A 107 -10.98 9.73 -2.78
C LYS A 107 -9.62 10.28 -3.23
N PHE A 108 -8.56 9.55 -2.91
CA PHE A 108 -7.21 9.96 -3.29
C PHE A 108 -6.49 8.83 -4.02
N PRO A 109 -7.19 8.19 -4.96
CA PRO A 109 -6.64 7.09 -5.77
C PRO A 109 -5.58 7.57 -6.75
N LEU A 110 -4.71 6.66 -7.16
CA LEU A 110 -3.64 6.98 -8.10
C LEU A 110 -3.85 6.26 -9.43
N PRO A 111 -3.27 6.82 -10.50
CA PRO A 111 -3.37 6.25 -11.84
C PRO A 111 -2.61 4.93 -11.98
N MET A 112 -3.20 3.98 -12.70
CA MET A 112 -2.58 2.67 -12.91
C MET A 112 -1.17 2.83 -13.49
N GLU A 113 -1.01 3.80 -14.38
CA GLU A 113 0.28 4.05 -15.00
C GLU A 113 1.41 3.84 -14.02
N VAL A 114 1.25 4.38 -12.82
CA VAL A 114 2.27 4.26 -11.78
C VAL A 114 2.74 2.81 -11.64
N PHE A 115 1.79 1.89 -11.51
CA PHE A 115 2.11 0.48 -11.38
C PHE A 115 1.90 -0.25 -12.70
N LYS A 116 2.56 0.23 -13.75
CA LYS A 116 2.46 -0.37 -15.07
C LYS A 116 3.31 -1.64 -15.15
N ASP A 117 2.68 -2.78 -14.90
CA ASP A 117 3.38 -4.07 -14.95
C ASP A 117 2.39 -5.22 -14.81
N HIS A 118 2.89 -6.44 -15.03
CA HIS A 118 2.06 -7.63 -14.93
C HIS A 118 2.85 -8.80 -14.36
N ALA A 119 2.14 -9.77 -13.82
CA ALA A 119 2.78 -10.96 -13.24
C ALA A 119 2.20 -12.24 -13.83
N ASP A 120 0.88 -12.40 -13.70
CA ASP A 120 0.21 -13.58 -14.22
C ASP A 120 -1.26 -13.28 -14.53
N LEU A 121 -1.77 -13.88 -15.59
CA LEU A 121 -3.16 -13.68 -16.00
C LEU A 121 -4.06 -14.77 -15.42
N SER A 122 -4.78 -14.43 -14.36
CA SER A 122 -5.69 -15.38 -13.71
C SER A 122 -6.58 -16.07 -14.75
N GLY A 123 -6.97 -15.33 -15.77
CA GLY A 123 -7.81 -15.89 -16.81
C GLY A 123 -9.21 -16.22 -16.30
N PRO A 124 -10.16 -16.38 -17.25
CA PRO A 124 -11.54 -16.71 -16.92
C PRO A 124 -11.70 -18.13 -16.39
N SER A 125 -12.72 -18.33 -15.56
CA SER A 125 -12.98 -19.64 -14.98
C SER A 125 -14.29 -19.64 -14.20
N SER A 126 -14.85 -20.83 -14.00
CA SER A 126 -16.11 -20.97 -13.27
C SER A 126 -16.04 -20.27 -11.92
N GLY A 127 -17.20 -19.95 -11.36
CA GLY A 127 -17.25 -19.28 -10.08
C GLY A 127 -16.63 -17.89 -10.13
N GLY A 1 11.93 19.77 1.18
CA GLY A 1 12.74 19.60 -0.01
C GLY A 1 12.04 18.79 -1.07
N SER A 2 10.81 19.18 -1.41
CA SER A 2 10.03 18.48 -2.41
C SER A 2 10.79 18.38 -3.73
N SER A 3 10.64 17.25 -4.42
CA SER A 3 11.31 17.04 -5.69
C SER A 3 10.33 16.57 -6.77
N GLY A 4 10.77 16.60 -8.02
CA GLY A 4 9.91 16.17 -9.11
C GLY A 4 10.71 15.68 -10.31
N SER A 5 10.52 14.42 -10.68
CA SER A 5 11.23 13.84 -11.81
C SER A 5 10.30 13.70 -13.01
N SER A 6 10.90 13.58 -14.20
CA SER A 6 10.12 13.44 -15.43
C SER A 6 9.72 11.98 -15.66
N GLY A 7 9.22 11.34 -14.61
CA GLY A 7 8.81 9.96 -14.73
C GLY A 7 7.66 9.61 -13.80
N PRO A 8 7.65 8.36 -13.31
CA PRO A 8 6.59 7.88 -12.40
C PRO A 8 6.70 8.52 -11.03
N ILE A 9 7.84 9.12 -10.74
CA ILE A 9 8.06 9.76 -9.45
C ILE A 9 7.02 10.85 -9.19
N ASP A 10 6.80 11.70 -10.19
CA ASP A 10 5.83 12.79 -10.07
C ASP A 10 4.41 12.24 -9.95
N LEU A 11 4.15 11.13 -10.64
CA LEU A 11 2.84 10.50 -10.61
C LEU A 11 2.35 10.32 -9.17
N ILE A 12 3.24 9.83 -8.32
CA ILE A 12 2.91 9.61 -6.91
C ILE A 12 3.00 10.91 -6.12
N THR A 13 2.16 11.03 -5.10
CA THR A 13 2.14 12.21 -4.26
C THR A 13 1.84 11.86 -2.80
N VAL A 14 2.63 12.43 -1.89
CA VAL A 14 2.45 12.17 -0.47
C VAL A 14 0.97 12.04 -0.11
N GLY A 15 0.62 10.94 0.55
CA GLY A 15 -0.76 10.72 0.94
C GLY A 15 -1.40 9.57 0.18
N SER A 16 -0.96 9.37 -1.06
CA SER A 16 -1.49 8.29 -1.89
C SER A 16 -1.51 6.97 -1.13
N LEU A 17 -2.67 6.33 -1.08
CA LEU A 17 -2.82 5.06 -0.39
C LEU A 17 -2.29 3.90 -1.25
N ILE A 18 -1.53 3.02 -0.63
CA ILE A 18 -0.97 1.87 -1.33
C ILE A 18 -1.08 0.60 -0.48
N GLU A 19 -0.90 -0.55 -1.13
CA GLU A 19 -0.97 -1.83 -0.44
C GLU A 19 0.42 -2.42 -0.23
N LEU A 20 0.53 -3.31 0.74
CA LEU A 20 1.80 -3.95 1.05
C LEU A 20 1.60 -5.41 1.44
N GLN A 21 2.42 -6.29 0.86
CA GLN A 21 2.33 -7.72 1.15
C GLN A 21 3.38 -8.13 2.19
N ASP A 22 2.97 -8.94 3.15
CA ASP A 22 3.86 -9.41 4.20
C ASP A 22 5.03 -10.19 3.60
N SER A 23 6.19 -9.55 3.55
CA SER A 23 7.39 -10.19 3.00
C SER A 23 7.44 -11.67 3.37
N GLN A 24 7.17 -11.96 4.64
CA GLN A 24 7.18 -13.33 5.13
C GLN A 24 5.94 -14.09 4.66
N ASN A 25 4.78 -13.68 5.17
CA ASN A 25 3.52 -14.33 4.82
C ASN A 25 3.04 -13.86 3.45
N PRO A 26 3.00 -14.79 2.49
CA PRO A 26 2.56 -14.49 1.12
C PRO A 26 1.07 -14.20 1.03
N PHE A 27 0.28 -14.99 1.74
CA PHE A 27 -1.17 -14.82 1.75
C PHE A 27 -1.59 -13.81 2.81
N GLN A 28 -0.87 -12.69 2.89
CA GLN A 28 -1.17 -11.66 3.86
C GLN A 28 -0.77 -10.28 3.34
N TYR A 29 -1.68 -9.32 3.45
CA TYR A 29 -1.42 -7.96 2.98
C TYR A 29 -2.01 -6.94 3.94
N TRP A 30 -1.60 -5.68 3.77
CA TRP A 30 -2.09 -4.60 4.63
C TRP A 30 -2.23 -3.30 3.83
N ILE A 31 -2.87 -2.31 4.44
CA ILE A 31 -3.06 -1.02 3.79
C ILE A 31 -2.17 0.04 4.40
N VAL A 32 -1.49 0.81 3.55
CA VAL A 32 -0.60 1.86 4.02
C VAL A 32 -0.83 3.15 3.24
N SER A 33 -0.28 4.25 3.75
CA SER A 33 -0.43 5.55 3.10
C SER A 33 0.92 6.25 2.98
N VAL A 34 1.22 6.73 1.77
CA VAL A 34 2.49 7.42 1.52
C VAL A 34 2.65 8.61 2.45
N ILE A 35 3.65 8.54 3.33
CA ILE A 35 3.91 9.62 4.27
C ILE A 35 4.79 10.70 3.65
N GLU A 36 5.87 10.26 2.99
CA GLU A 36 6.80 11.20 2.34
C GLU A 36 7.47 10.53 1.15
N ASN A 37 7.68 11.31 0.08
CA ASN A 37 8.32 10.80 -1.12
C ASN A 37 9.62 11.53 -1.39
N VAL A 38 10.74 10.85 -1.17
CA VAL A 38 12.05 11.44 -1.38
C VAL A 38 12.75 10.80 -2.58
N GLY A 39 12.59 11.40 -3.74
CA GLY A 39 13.21 10.87 -4.95
C GLY A 39 12.80 9.45 -5.23
N GLY A 40 11.51 9.15 -5.06
CA GLY A 40 11.01 7.82 -5.31
C GLY A 40 10.92 6.99 -4.03
N ARG A 41 11.33 7.58 -2.91
CA ARG A 41 11.29 6.89 -1.63
C ARG A 41 9.96 7.12 -0.93
N LEU A 42 9.02 6.19 -1.15
CA LEU A 42 7.70 6.29 -0.54
C LEU A 42 7.71 5.74 0.88
N ARG A 43 7.59 6.64 1.86
CA ARG A 43 7.58 6.24 3.27
C ARG A 43 6.20 5.78 3.70
N LEU A 44 5.95 4.48 3.59
CA LEU A 44 4.67 3.90 3.97
C LEU A 44 4.58 3.73 5.48
N ARG A 45 3.35 3.74 6.00
CA ARG A 45 3.12 3.59 7.43
C ARG A 45 1.81 2.85 7.69
N TYR A 46 1.91 1.69 8.32
CA TYR A 46 0.74 0.88 8.63
C TYR A 46 -0.37 1.74 9.25
N VAL A 47 -1.49 1.85 8.54
CA VAL A 47 -2.61 2.64 9.02
C VAL A 47 -2.93 2.32 10.48
N GLY A 48 -3.30 3.35 11.24
CA GLY A 48 -3.62 3.15 12.64
C GLY A 48 -2.49 3.57 13.56
N LEU A 49 -1.27 3.54 13.04
CA LEU A 49 -0.11 3.92 13.83
C LEU A 49 0.44 5.27 13.38
N GLU A 50 -0.46 6.16 12.98
CA GLU A 50 -0.07 7.49 12.52
C GLU A 50 0.72 8.22 13.60
N ASP A 51 0.27 8.09 14.84
CA ASP A 51 0.94 8.74 15.97
C ASP A 51 2.40 8.31 16.05
N THR A 52 2.62 7.02 16.23
CA THR A 52 3.97 6.48 16.33
C THR A 52 4.58 6.26 14.95
N GLU A 53 5.80 6.73 14.75
CA GLU A 53 6.49 6.58 13.47
C GLU A 53 7.49 5.42 13.52
N SER A 54 7.81 4.98 14.73
CA SER A 54 8.75 3.88 14.92
C SER A 54 8.32 2.65 14.12
N TYR A 55 7.01 2.51 13.93
CA TYR A 55 6.48 1.38 13.18
C TYR A 55 6.21 1.76 11.73
N ASP A 56 7.18 2.43 11.12
CA ASP A 56 7.07 2.85 9.73
C ASP A 56 8.00 2.04 8.83
N GLN A 57 7.76 2.11 7.52
CA GLN A 57 8.57 1.38 6.56
C GLN A 57 8.77 2.20 5.29
N TRP A 58 9.93 2.04 4.66
CA TRP A 58 10.25 2.76 3.43
C TRP A 58 10.39 1.80 2.26
N LEU A 59 9.90 2.22 1.09
CA LEU A 59 9.97 1.39 -0.11
C LEU A 59 9.92 2.27 -1.36
N PHE A 60 10.41 1.72 -2.47
CA PHE A 60 10.42 2.43 -3.74
C PHE A 60 9.23 2.03 -4.62
N TYR A 61 8.72 2.98 -5.39
CA TYR A 61 7.59 2.72 -6.27
C TYR A 61 7.88 1.55 -7.20
N LEU A 62 9.16 1.29 -7.43
CA LEU A 62 9.56 0.20 -8.31
C LEU A 62 9.14 -1.14 -7.73
N ASP A 63 9.33 -1.32 -6.43
CA ASP A 63 8.96 -2.56 -5.76
C ASP A 63 7.63 -3.08 -6.28
N TYR A 64 7.36 -4.36 -6.04
CA TYR A 64 6.11 -4.98 -6.48
C TYR A 64 5.05 -4.90 -5.40
N ARG A 65 5.42 -5.25 -4.18
CA ARG A 65 4.50 -5.23 -3.05
C ARG A 65 3.60 -4.00 -3.10
N LEU A 66 4.18 -2.87 -3.51
CA LEU A 66 3.43 -1.62 -3.62
C LEU A 66 2.38 -1.70 -4.71
N ARG A 67 1.19 -2.16 -4.35
CA ARG A 67 0.09 -2.30 -5.30
C ARG A 67 -1.07 -1.37 -4.92
N PRO A 68 -1.93 -1.07 -5.91
CA PRO A 68 -3.09 -0.20 -5.71
C PRO A 68 -4.16 -0.87 -4.84
N VAL A 69 -4.81 -0.07 -4.00
CA VAL A 69 -5.86 -0.57 -3.12
C VAL A 69 -7.11 -0.94 -3.91
N GLY A 70 -7.72 -2.06 -3.54
CA GLY A 70 -8.92 -2.50 -4.24
C GLY A 70 -8.79 -3.91 -4.79
N TRP A 71 -7.59 -4.26 -5.23
CA TRP A 71 -7.33 -5.58 -5.79
C TRP A 71 -7.53 -6.66 -4.73
N CYS A 72 -7.08 -6.39 -3.52
CA CYS A 72 -7.21 -7.33 -2.41
C CYS A 72 -8.57 -7.20 -1.73
N GLN A 73 -9.58 -6.81 -2.51
CA GLN A 73 -10.93 -6.64 -1.99
C GLN A 73 -11.75 -7.91 -2.17
N GLU A 74 -11.46 -8.65 -3.25
CA GLU A 74 -12.17 -9.89 -3.53
C GLU A 74 -12.04 -10.87 -2.38
N ASN A 75 -12.57 -12.08 -2.57
CA ASN A 75 -12.50 -13.11 -1.54
C ASN A 75 -11.47 -14.17 -1.90
N LYS A 76 -10.38 -13.74 -2.53
CA LYS A 76 -9.31 -14.63 -2.93
C LYS A 76 -8.11 -14.51 -1.99
N TYR A 77 -7.70 -13.27 -1.74
CA TYR A 77 -6.56 -13.00 -0.86
C TYR A 77 -7.03 -12.50 0.49
N ARG A 78 -6.15 -12.60 1.48
CA ARG A 78 -6.46 -12.14 2.83
C ARG A 78 -5.84 -10.79 3.12
N MET A 79 -6.55 -9.96 3.89
CA MET A 79 -6.06 -8.64 4.24
C MET A 79 -5.96 -8.47 5.75
N ASP A 80 -4.82 -8.89 6.31
CA ASP A 80 -4.60 -8.78 7.74
C ASP A 80 -3.19 -8.27 8.04
N PRO A 81 -3.09 -7.35 9.00
CA PRO A 81 -1.80 -6.77 9.41
C PRO A 81 -0.91 -7.76 10.13
N PRO A 82 0.36 -7.39 10.34
CA PRO A 82 1.35 -8.23 11.02
C PRO A 82 1.04 -8.40 12.51
N SER A 83 1.65 -9.41 13.12
CA SER A 83 1.44 -9.67 14.54
C SER A 83 2.30 -8.75 15.40
N GLU A 84 3.15 -7.98 14.74
CA GLU A 84 4.04 -7.05 15.44
C GLU A 84 3.27 -5.82 15.94
N ILE A 85 2.10 -5.60 15.34
CA ILE A 85 1.27 -4.46 15.72
C ILE A 85 -0.13 -4.92 16.14
N TYR A 86 -0.61 -5.99 15.51
CA TYR A 86 -1.93 -6.53 15.82
C TYR A 86 -2.19 -6.49 17.33
N PRO A 87 -1.24 -7.03 18.10
CA PRO A 87 -1.35 -7.08 19.57
C PRO A 87 -1.21 -5.70 20.20
N LEU A 88 -0.59 -4.78 19.47
CA LEU A 88 -0.39 -3.41 19.96
C LEU A 88 -1.73 -2.68 20.06
N LYS A 89 -2.57 -2.86 19.06
CA LYS A 89 -3.89 -2.22 19.04
C LYS A 89 -4.99 -3.26 19.15
N MET A 90 -6.19 -2.79 19.52
CA MET A 90 -7.35 -3.69 19.67
C MET A 90 -7.77 -4.25 18.32
N ALA A 91 -7.97 -5.56 18.27
CA ALA A 91 -8.38 -6.23 17.04
C ALA A 91 -9.35 -5.37 16.25
N SER A 92 -10.13 -4.56 16.96
CA SER A 92 -11.11 -3.68 16.32
C SER A 92 -10.42 -2.46 15.70
N GLU A 93 -9.49 -1.87 16.44
CA GLU A 93 -8.76 -0.70 15.96
C GLU A 93 -8.20 -0.95 14.57
N TRP A 94 -7.69 -2.15 14.34
CA TRP A 94 -7.12 -2.52 13.05
C TRP A 94 -8.21 -2.68 12.00
N LYS A 95 -9.36 -3.21 12.41
CA LYS A 95 -10.48 -3.42 11.51
C LYS A 95 -11.17 -2.09 11.19
N CYS A 96 -11.04 -1.13 12.09
CA CYS A 96 -11.66 0.18 11.92
C CYS A 96 -10.96 0.95 10.79
N THR A 97 -9.72 1.34 11.04
CA THR A 97 -8.95 2.10 10.06
C THR A 97 -8.86 1.34 8.73
N LEU A 98 -8.88 0.01 8.81
CA LEU A 98 -8.81 -0.83 7.62
C LEU A 98 -9.91 -0.46 6.63
N GLU A 99 -11.11 -0.24 7.14
CA GLU A 99 -12.24 0.11 6.31
C GLU A 99 -12.11 1.54 5.77
N LYS A 100 -12.11 2.50 6.68
CA LYS A 100 -11.99 3.90 6.31
C LYS A 100 -10.98 4.08 5.18
N SER A 101 -9.76 3.59 5.39
CA SER A 101 -8.71 3.70 4.39
C SER A 101 -9.25 3.35 3.01
N LEU A 102 -9.72 2.11 2.85
CA LEU A 102 -10.26 1.65 1.58
C LEU A 102 -10.97 2.78 0.84
N ILE A 103 -11.87 3.47 1.55
CA ILE A 103 -12.62 4.57 0.97
C ILE A 103 -11.68 5.67 0.49
N ASP A 104 -10.78 6.10 1.36
CA ASP A 104 -9.82 7.16 1.04
C ASP A 104 -9.16 6.88 -0.31
N ALA A 105 -8.89 5.61 -0.58
CA ALA A 105 -8.27 5.22 -1.85
C ALA A 105 -9.10 5.66 -3.04
N ALA A 106 -10.42 5.60 -2.89
CA ALA A 106 -11.33 6.00 -3.96
C ALA A 106 -11.42 7.52 -4.06
N LYS A 107 -10.79 8.21 -3.11
CA LYS A 107 -10.80 9.68 -3.09
C LYS A 107 -9.44 10.23 -3.51
N PHE A 108 -8.38 9.50 -3.17
CA PHE A 108 -7.03 9.92 -3.51
C PHE A 108 -6.27 8.80 -4.21
N PRO A 109 -6.94 8.14 -5.16
CA PRO A 109 -6.35 7.02 -5.92
C PRO A 109 -5.26 7.50 -6.88
N LEU A 110 -4.47 6.56 -7.38
CA LEU A 110 -3.40 6.87 -8.32
C LEU A 110 -3.60 6.16 -9.65
N PRO A 111 -3.02 6.74 -10.71
CA PRO A 111 -3.13 6.18 -12.07
C PRO A 111 -2.35 4.87 -12.22
N MET A 112 -2.83 3.99 -13.09
CA MET A 112 -2.18 2.71 -13.32
C MET A 112 -0.75 2.91 -13.81
N GLU A 113 -0.56 3.87 -14.71
CA GLU A 113 0.76 4.15 -15.25
C GLU A 113 1.84 3.95 -14.20
N VAL A 114 1.60 4.47 -13.00
CA VAL A 114 2.55 4.36 -11.90
C VAL A 114 3.01 2.91 -11.73
N PHE A 115 2.06 1.99 -11.67
CA PHE A 115 2.36 0.57 -11.51
C PHE A 115 2.21 -0.16 -12.84
N LYS A 116 2.91 0.32 -13.86
CA LYS A 116 2.86 -0.31 -15.18
C LYS A 116 3.64 -1.61 -15.20
N ASP A 117 2.94 -2.71 -14.93
CA ASP A 117 3.57 -4.03 -14.92
C ASP A 117 2.52 -5.13 -15.05
N HIS A 118 2.73 -6.04 -16.01
CA HIS A 118 1.81 -7.13 -16.23
C HIS A 118 2.45 -8.22 -17.10
N ALA A 119 2.13 -9.47 -16.79
CA ALA A 119 2.69 -10.60 -17.53
C ALA A 119 1.70 -11.77 -17.57
N ASP A 120 1.89 -12.67 -18.52
CA ASP A 120 1.03 -13.84 -18.66
C ASP A 120 0.64 -14.38 -17.30
N LEU A 121 -0.65 -14.37 -17.00
CA LEU A 121 -1.15 -14.87 -15.72
C LEU A 121 -2.34 -15.81 -15.93
N SER A 122 -2.56 -16.69 -14.97
CA SER A 122 -3.67 -17.65 -15.05
C SER A 122 -4.90 -17.12 -14.34
N GLY A 123 -6.06 -17.59 -14.76
CA GLY A 123 -7.31 -17.15 -14.15
C GLY A 123 -8.52 -17.61 -14.92
N PRO A 124 -8.94 -18.87 -14.68
CA PRO A 124 -10.11 -19.46 -15.35
C PRO A 124 -11.42 -18.84 -14.89
N SER A 125 -12.43 -18.91 -15.74
CA SER A 125 -13.75 -18.35 -15.42
C SER A 125 -14.64 -19.40 -14.78
N SER A 126 -14.49 -19.58 -13.47
CA SER A 126 -15.28 -20.56 -12.73
C SER A 126 -16.72 -20.58 -13.24
N GLY A 127 -17.29 -19.40 -13.44
CA GLY A 127 -18.66 -19.30 -13.93
C GLY A 127 -19.67 -19.18 -12.80
N GLY A 1 10.39 24.22 -4.46
CA GLY A 1 9.39 23.17 -4.46
C GLY A 1 9.95 21.82 -4.84
N SER A 2 10.14 21.60 -6.13
CA SER A 2 10.68 20.34 -6.62
C SER A 2 11.10 20.46 -8.08
N SER A 3 12.40 20.40 -8.32
CA SER A 3 12.93 20.50 -9.67
C SER A 3 13.72 19.24 -10.05
N GLY A 4 13.98 19.08 -11.35
CA GLY A 4 14.70 17.92 -11.82
C GLY A 4 14.08 16.61 -11.36
N SER A 5 12.75 16.53 -11.44
CA SER A 5 12.04 15.33 -11.03
C SER A 5 11.08 14.87 -12.11
N SER A 6 11.46 13.81 -12.83
CA SER A 6 10.64 13.28 -13.90
C SER A 6 10.54 11.76 -13.81
N GLY A 7 9.36 11.22 -14.09
CA GLY A 7 9.16 9.78 -14.04
C GLY A 7 7.93 9.39 -13.24
N PRO A 8 7.91 8.16 -12.73
CA PRO A 8 6.79 7.64 -11.94
C PRO A 8 6.70 8.30 -10.57
N ILE A 9 7.83 8.76 -10.06
CA ILE A 9 7.87 9.42 -8.76
C ILE A 9 6.84 10.54 -8.68
N ASP A 10 6.75 11.34 -9.73
CA ASP A 10 5.81 12.44 -9.79
C ASP A 10 4.37 11.94 -9.70
N LEU A 11 4.09 10.87 -10.44
CA LEU A 11 2.74 10.27 -10.45
C LEU A 11 2.22 10.10 -9.02
N ILE A 12 3.06 9.54 -8.15
CA ILE A 12 2.68 9.32 -6.77
C ILE A 12 2.77 10.61 -5.96
N THR A 13 1.81 10.82 -5.07
CA THR A 13 1.78 12.01 -4.24
C THR A 13 1.48 11.67 -2.78
N VAL A 14 2.22 12.26 -1.86
CA VAL A 14 2.03 12.02 -0.44
C VAL A 14 0.55 11.86 -0.10
N GLY A 15 0.23 10.77 0.60
CA GLY A 15 -1.15 10.53 0.97
C GLY A 15 -1.77 9.38 0.19
N SER A 16 -1.29 9.17 -1.03
CA SER A 16 -1.80 8.10 -1.87
C SER A 16 -1.79 6.77 -1.13
N LEU A 17 -2.94 6.09 -1.13
CA LEU A 17 -3.05 4.80 -0.46
C LEU A 17 -2.54 3.67 -1.35
N ILE A 18 -1.76 2.78 -0.76
CA ILE A 18 -1.20 1.65 -1.49
C ILE A 18 -1.16 0.39 -0.63
N GLU A 19 -1.13 -0.77 -1.27
CA GLU A 19 -1.10 -2.04 -0.56
C GLU A 19 0.33 -2.60 -0.53
N LEU A 20 0.60 -3.43 0.47
CA LEU A 20 1.92 -4.03 0.61
C LEU A 20 1.81 -5.51 0.97
N GLN A 21 2.80 -6.29 0.57
CA GLN A 21 2.81 -7.72 0.85
C GLN A 21 3.70 -8.04 2.05
N ASP A 22 3.24 -8.94 2.91
CA ASP A 22 3.98 -9.33 4.10
C ASP A 22 5.12 -10.29 3.73
N SER A 23 6.33 -9.77 3.67
CA SER A 23 7.50 -10.58 3.33
C SER A 23 7.36 -11.99 3.90
N GLN A 24 6.89 -12.08 5.14
CA GLN A 24 6.71 -13.36 5.80
C GLN A 24 5.49 -14.09 5.25
N ASN A 25 4.34 -13.44 5.29
CA ASN A 25 3.10 -14.03 4.80
C ASN A 25 2.75 -13.48 3.43
N PRO A 26 3.11 -14.22 2.38
CA PRO A 26 2.84 -13.84 1.00
C PRO A 26 1.35 -13.89 0.64
N PHE A 27 0.56 -14.45 1.57
CA PHE A 27 -0.88 -14.57 1.36
C PHE A 27 -1.62 -13.45 2.09
N GLN A 28 -1.01 -12.93 3.14
CA GLN A 28 -1.62 -11.85 3.92
C GLN A 28 -1.01 -10.50 3.56
N TYR A 29 -1.86 -9.50 3.38
CA TYR A 29 -1.41 -8.16 3.03
C TYR A 29 -2.02 -7.12 3.95
N TRP A 30 -1.62 -5.87 3.77
CA TRP A 30 -2.14 -4.77 4.58
C TRP A 30 -2.24 -3.48 3.77
N ILE A 31 -2.94 -2.50 4.32
CA ILE A 31 -3.10 -1.21 3.64
C ILE A 31 -2.20 -0.15 4.25
N VAL A 32 -1.47 0.57 3.40
CA VAL A 32 -0.57 1.62 3.85
C VAL A 32 -0.82 2.93 3.10
N SER A 33 -0.42 4.04 3.71
CA SER A 33 -0.61 5.35 3.11
C SER A 33 0.72 6.09 2.98
N VAL A 34 0.98 6.63 1.80
CA VAL A 34 2.21 7.35 1.55
C VAL A 34 2.39 8.50 2.54
N ILE A 35 3.43 8.42 3.35
CA ILE A 35 3.71 9.45 4.34
C ILE A 35 4.58 10.56 3.76
N GLU A 36 5.57 10.17 2.96
CA GLU A 36 6.47 11.13 2.33
C GLU A 36 7.13 10.53 1.10
N ASN A 37 7.39 11.37 0.10
CA ASN A 37 8.03 10.92 -1.14
C ASN A 37 9.25 11.77 -1.46
N VAL A 38 10.43 11.19 -1.32
CA VAL A 38 11.68 11.90 -1.60
C VAL A 38 12.43 11.25 -2.76
N GLY A 39 12.16 11.73 -3.97
CA GLY A 39 12.82 11.18 -5.14
C GLY A 39 12.58 9.70 -5.30
N GLY A 40 11.36 9.25 -5.03
CA GLY A 40 11.03 7.85 -5.15
C GLY A 40 10.99 7.15 -3.81
N ARG A 41 11.39 7.86 -2.76
CA ARG A 41 11.40 7.30 -1.41
C ARG A 41 10.03 7.44 -0.74
N LEU A 42 9.18 6.44 -0.94
CA LEU A 42 7.84 6.46 -0.36
C LEU A 42 7.84 5.87 1.04
N ARG A 43 7.62 6.71 2.04
CA ARG A 43 7.59 6.27 3.43
C ARG A 43 6.20 5.77 3.82
N LEU A 44 5.98 4.47 3.68
CA LEU A 44 4.69 3.88 4.02
C LEU A 44 4.56 3.69 5.53
N ARG A 45 3.32 3.67 6.00
CA ARG A 45 3.06 3.49 7.43
C ARG A 45 1.73 2.76 7.65
N TYR A 46 1.80 1.60 8.31
CA TYR A 46 0.62 0.81 8.58
C TYR A 46 -0.49 1.67 9.19
N VAL A 47 -1.61 1.76 8.49
CA VAL A 47 -2.74 2.55 8.96
C VAL A 47 -3.08 2.21 10.40
N GLY A 48 -3.26 3.24 11.22
CA GLY A 48 -3.59 3.05 12.61
C GLY A 48 -2.48 3.50 13.54
N LEU A 49 -1.24 3.40 13.07
CA LEU A 49 -0.09 3.81 13.86
C LEU A 49 0.43 5.18 13.42
N GLU A 50 -0.48 6.03 12.95
CA GLU A 50 -0.11 7.36 12.50
C GLU A 50 0.63 8.13 13.59
N ASP A 51 0.17 7.99 14.82
CA ASP A 51 0.80 8.66 15.96
C ASP A 51 2.28 8.31 16.05
N THR A 52 2.56 7.02 16.20
CA THR A 52 3.94 6.55 16.30
C THR A 52 4.55 6.35 14.92
N GLU A 53 5.78 6.84 14.75
CA GLU A 53 6.48 6.72 13.48
C GLU A 53 7.44 5.52 13.50
N SER A 54 7.81 5.08 14.70
CA SER A 54 8.72 3.96 14.85
C SER A 54 8.27 2.77 14.00
N TYR A 55 6.95 2.62 13.86
CA TYR A 55 6.40 1.53 13.08
C TYR A 55 6.20 1.95 11.62
N ASP A 56 7.20 2.65 11.08
CA ASP A 56 7.15 3.11 9.70
C ASP A 56 8.03 2.25 8.81
N GLN A 57 7.73 2.25 7.51
CA GLN A 57 8.49 1.46 6.55
C GLN A 57 8.74 2.26 5.27
N TRP A 58 10.00 2.35 4.88
CA TRP A 58 10.37 3.09 3.67
C TRP A 58 10.57 2.14 2.50
N LEU A 59 10.11 2.56 1.33
CA LEU A 59 10.23 1.74 0.12
C LEU A 59 10.29 2.62 -1.13
N PHE A 60 10.75 2.04 -2.24
CA PHE A 60 10.86 2.77 -3.50
C PHE A 60 9.79 2.30 -4.48
N TYR A 61 9.10 3.25 -5.10
CA TYR A 61 8.06 2.94 -6.06
C TYR A 61 8.46 1.77 -6.95
N LEU A 62 9.75 1.68 -7.24
CA LEU A 62 10.28 0.61 -8.08
C LEU A 62 9.83 -0.75 -7.56
N ASP A 63 9.97 -0.95 -6.26
CA ASP A 63 9.58 -2.21 -5.63
C ASP A 63 8.35 -2.80 -6.32
N TYR A 64 8.23 -4.12 -6.27
CA TYR A 64 7.10 -4.80 -6.88
C TYR A 64 5.99 -5.08 -5.86
N ARG A 65 6.40 -5.47 -4.65
CA ARG A 65 5.45 -5.76 -3.59
C ARG A 65 4.27 -4.78 -3.62
N LEU A 66 4.53 -3.58 -4.12
CA LEU A 66 3.50 -2.55 -4.21
C LEU A 66 2.31 -3.05 -5.02
N ARG A 67 1.14 -2.47 -4.75
CA ARG A 67 -0.08 -2.86 -5.46
C ARG A 67 -1.22 -1.88 -5.15
N PRO A 68 -1.93 -1.45 -6.20
CA PRO A 68 -3.05 -0.52 -6.06
C PRO A 68 -4.26 -1.16 -5.38
N VAL A 69 -4.98 -0.37 -4.59
CA VAL A 69 -6.16 -0.86 -3.89
C VAL A 69 -7.19 -1.41 -4.87
N GLY A 70 -7.68 -2.61 -4.58
CA GLY A 70 -8.68 -3.23 -5.45
C GLY A 70 -8.34 -4.67 -5.79
N TRP A 71 -7.05 -5.00 -5.74
CA TRP A 71 -6.60 -6.35 -6.04
C TRP A 71 -6.75 -7.26 -4.83
N CYS A 72 -6.37 -6.74 -3.66
CA CYS A 72 -6.46 -7.51 -2.42
C CYS A 72 -7.80 -7.27 -1.73
N GLN A 73 -8.87 -7.25 -2.53
CA GLN A 73 -10.21 -7.03 -1.98
C GLN A 73 -11.12 -8.21 -2.28
N GLU A 74 -11.02 -8.74 -3.49
CA GLU A 74 -11.83 -9.88 -3.91
C GLU A 74 -11.84 -10.96 -2.83
N ASN A 75 -12.69 -11.96 -3.01
CA ASN A 75 -12.80 -13.05 -2.06
C ASN A 75 -11.76 -14.14 -2.35
N LYS A 76 -10.54 -13.71 -2.65
CA LYS A 76 -9.45 -14.64 -2.95
C LYS A 76 -8.35 -14.55 -1.90
N TYR A 77 -7.78 -13.35 -1.76
CA TYR A 77 -6.70 -13.13 -0.80
C TYR A 77 -7.27 -12.68 0.55
N ARG A 78 -6.38 -12.42 1.50
CA ARG A 78 -6.79 -11.97 2.82
C ARG A 78 -6.19 -10.61 3.15
N MET A 79 -6.98 -9.74 3.77
CA MET A 79 -6.52 -8.41 4.14
C MET A 79 -6.40 -8.28 5.65
N ASP A 80 -5.21 -8.55 6.18
CA ASP A 80 -4.96 -8.47 7.61
C ASP A 80 -3.54 -7.97 7.88
N PRO A 81 -3.39 -7.13 8.91
CA PRO A 81 -2.10 -6.57 9.30
C PRO A 81 -1.17 -7.62 9.92
N PRO A 82 0.11 -7.29 10.01
CA PRO A 82 1.13 -8.18 10.57
C PRO A 82 0.97 -8.36 12.08
N SER A 83 1.37 -9.52 12.59
CA SER A 83 1.26 -9.81 14.02
C SER A 83 2.26 -8.97 14.82
N GLU A 84 3.03 -8.15 14.11
CA GLU A 84 4.03 -7.30 14.75
C GLU A 84 3.36 -6.08 15.39
N ILE A 85 2.19 -5.72 14.89
CA ILE A 85 1.45 -4.58 15.41
C ILE A 85 0.11 -5.00 15.98
N TYR A 86 -0.43 -6.09 15.44
CA TYR A 86 -1.72 -6.60 15.88
C TYR A 86 -1.79 -6.66 17.41
N PRO A 87 -0.77 -7.26 18.03
CA PRO A 87 -0.68 -7.39 19.48
C PRO A 87 -0.44 -6.05 20.17
N LEU A 88 -0.55 -4.97 19.41
CA LEU A 88 -0.34 -3.63 19.95
C LEU A 88 -1.68 -2.89 20.11
N LYS A 89 -2.60 -3.16 19.19
CA LYS A 89 -3.92 -2.53 19.24
C LYS A 89 -5.03 -3.58 19.20
N MET A 90 -6.25 -3.15 19.50
CA MET A 90 -7.39 -4.06 19.49
C MET A 90 -7.77 -4.45 18.07
N ALA A 91 -8.15 -5.70 17.88
CA ALA A 91 -8.53 -6.20 16.57
C ALA A 91 -9.50 -5.24 15.88
N SER A 92 -10.34 -4.57 16.68
CA SER A 92 -11.30 -3.62 16.15
C SER A 92 -10.62 -2.36 15.66
N GLU A 93 -9.60 -1.92 16.39
CA GLU A 93 -8.87 -0.72 16.02
C GLU A 93 -8.35 -0.81 14.58
N TRP A 94 -7.69 -1.92 14.27
CA TRP A 94 -7.14 -2.14 12.93
C TRP A 94 -8.26 -2.15 11.89
N LYS A 95 -9.41 -2.70 12.28
CA LYS A 95 -10.55 -2.78 11.37
C LYS A 95 -11.14 -1.39 11.11
N CYS A 96 -11.19 -0.57 12.15
CA CYS A 96 -11.72 0.78 12.03
C CYS A 96 -10.93 1.59 11.01
N THR A 97 -9.65 1.80 11.30
CA THR A 97 -8.78 2.57 10.41
C THR A 97 -8.69 1.91 9.03
N LEU A 98 -8.84 0.59 8.99
CA LEU A 98 -8.79 -0.15 7.74
C LEU A 98 -9.92 0.26 6.81
N GLU A 99 -11.13 0.31 7.35
CA GLU A 99 -12.30 0.69 6.57
C GLU A 99 -12.16 2.12 6.02
N LYS A 100 -12.16 3.08 6.93
CA LYS A 100 -12.03 4.48 6.55
C LYS A 100 -11.00 4.65 5.43
N SER A 101 -9.85 4.02 5.59
CA SER A 101 -8.79 4.09 4.59
C SER A 101 -9.29 3.65 3.23
N LEU A 102 -9.87 2.45 3.17
CA LEU A 102 -10.39 1.91 1.93
C LEU A 102 -11.06 3.00 1.10
N ILE A 103 -11.91 3.79 1.75
CA ILE A 103 -12.61 4.87 1.06
C ILE A 103 -11.63 5.91 0.53
N ASP A 104 -10.75 6.39 1.40
CA ASP A 104 -9.76 7.38 1.02
C ASP A 104 -9.13 7.04 -0.32
N ALA A 105 -8.89 5.75 -0.54
CA ALA A 105 -8.29 5.28 -1.78
C ALA A 105 -9.11 5.74 -2.99
N ALA A 106 -10.43 5.73 -2.84
CA ALA A 106 -11.32 6.15 -3.92
C ALA A 106 -11.33 7.66 -4.06
N LYS A 107 -10.72 8.35 -3.12
CA LYS A 107 -10.65 9.80 -3.14
C LYS A 107 -9.26 10.29 -3.58
N PHE A 108 -8.25 9.48 -3.32
CA PHE A 108 -6.88 9.81 -3.68
C PHE A 108 -6.20 8.64 -4.39
N PRO A 109 -6.93 8.01 -5.31
CA PRO A 109 -6.42 6.86 -6.07
C PRO A 109 -5.33 7.26 -7.06
N LEU A 110 -4.50 6.29 -7.45
CA LEU A 110 -3.42 6.54 -8.39
C LEU A 110 -3.61 5.75 -9.67
N PRO A 111 -3.04 6.26 -10.78
CA PRO A 111 -3.14 5.61 -12.08
C PRO A 111 -2.34 4.31 -12.16
N MET A 112 -2.64 3.49 -13.15
CA MET A 112 -1.96 2.22 -13.32
C MET A 112 -0.53 2.44 -13.82
N GLU A 113 -0.32 3.56 -14.51
CA GLU A 113 1.00 3.89 -15.05
C GLU A 113 2.09 3.68 -13.99
N VAL A 114 1.79 4.10 -12.77
CA VAL A 114 2.74 3.97 -11.66
C VAL A 114 3.15 2.51 -11.48
N PHE A 115 2.18 1.61 -11.48
CA PHE A 115 2.44 0.19 -11.31
C PHE A 115 2.25 -0.57 -12.62
N LYS A 116 2.96 -0.12 -13.65
CA LYS A 116 2.88 -0.75 -14.96
C LYS A 116 3.67 -2.05 -15.00
N ASP A 117 2.98 -3.17 -15.16
CA ASP A 117 3.62 -4.48 -15.21
C ASP A 117 2.61 -5.58 -15.54
N HIS A 118 3.11 -6.74 -15.94
CA HIS A 118 2.25 -7.86 -16.27
C HIS A 118 2.99 -9.19 -16.07
N ALA A 119 2.23 -10.27 -15.99
CA ALA A 119 2.80 -11.60 -15.80
C ALA A 119 1.96 -12.66 -16.47
N ASP A 120 2.57 -13.81 -16.78
CA ASP A 120 1.88 -14.91 -17.43
C ASP A 120 0.64 -15.31 -16.64
N LEU A 121 -0.53 -14.87 -17.12
CA LEU A 121 -1.78 -15.18 -16.45
C LEU A 121 -2.75 -15.86 -17.41
N SER A 122 -3.61 -16.72 -16.87
CA SER A 122 -4.59 -17.44 -17.69
C SER A 122 -5.38 -16.47 -18.57
N GLY A 123 -5.74 -15.32 -18.00
CA GLY A 123 -6.49 -14.33 -18.75
C GLY A 123 -7.62 -13.72 -17.94
N PRO A 124 -8.24 -12.67 -18.50
CA PRO A 124 -9.35 -11.98 -17.83
C PRO A 124 -10.61 -12.82 -17.77
N SER A 125 -10.70 -13.82 -18.65
CA SER A 125 -11.86 -14.70 -18.70
C SER A 125 -11.42 -16.16 -18.83
N SER A 126 -12.30 -17.07 -18.41
CA SER A 126 -12.02 -18.49 -18.47
C SER A 126 -12.72 -19.14 -19.66
N GLY A 127 -11.98 -19.95 -20.40
CA GLY A 127 -12.55 -20.63 -21.56
C GLY A 127 -13.63 -21.63 -21.18
N GLY A 1 3.24 23.85 -7.75
CA GLY A 1 4.14 23.72 -8.90
C GLY A 1 5.33 22.83 -8.59
N SER A 2 5.53 21.82 -9.43
CA SER A 2 6.64 20.89 -9.24
C SER A 2 7.91 21.41 -9.92
N SER A 3 9.06 20.93 -9.45
CA SER A 3 10.34 21.35 -10.01
C SER A 3 10.55 20.75 -11.40
N GLY A 4 10.33 19.45 -11.52
CA GLY A 4 10.49 18.78 -12.80
C GLY A 4 11.12 17.40 -12.65
N SER A 5 10.27 16.39 -12.47
CA SER A 5 10.74 15.02 -12.31
C SER A 5 10.02 14.09 -13.26
N SER A 6 10.76 13.56 -14.23
CA SER A 6 10.19 12.64 -15.22
C SER A 6 10.19 11.21 -14.69
N GLY A 7 9.03 10.56 -14.78
CA GLY A 7 8.90 9.20 -14.30
C GLY A 7 7.68 8.99 -13.42
N PRO A 8 7.60 7.81 -12.80
CA PRO A 8 6.48 7.47 -11.91
C PRO A 8 6.48 8.28 -10.61
N ILE A 9 7.69 8.54 -10.10
CA ILE A 9 7.83 9.31 -8.87
C ILE A 9 6.86 10.48 -8.82
N ASP A 10 6.81 11.24 -9.91
CA ASP A 10 5.91 12.39 -10.00
C ASP A 10 4.46 11.95 -9.88
N LEU A 11 4.12 10.84 -10.52
CA LEU A 11 2.76 10.31 -10.49
C LEU A 11 2.28 10.15 -9.05
N ILE A 12 3.15 9.65 -8.19
CA ILE A 12 2.81 9.44 -6.79
C ILE A 12 2.90 10.74 -6.00
N THR A 13 1.97 10.93 -5.07
CA THR A 13 1.95 12.13 -4.25
C THR A 13 1.67 11.81 -2.79
N VAL A 14 2.44 12.40 -1.89
CA VAL A 14 2.27 12.17 -0.47
C VAL A 14 0.80 12.04 -0.10
N GLY A 15 0.46 10.97 0.60
CA GLY A 15 -0.92 10.74 1.01
C GLY A 15 -1.58 9.62 0.24
N SER A 16 -1.11 9.38 -0.98
CA SER A 16 -1.66 8.32 -1.83
C SER A 16 -1.70 7.00 -1.07
N LEU A 17 -2.88 6.38 -1.04
CA LEU A 17 -3.06 5.11 -0.35
C LEU A 17 -2.69 3.94 -1.25
N ILE A 18 -1.89 3.01 -0.73
CA ILE A 18 -1.47 1.85 -1.50
C ILE A 18 -1.30 0.63 -0.60
N GLU A 19 -1.40 -0.55 -1.20
CA GLU A 19 -1.27 -1.80 -0.45
C GLU A 19 0.17 -2.31 -0.50
N LEU A 20 0.57 -3.05 0.53
CA LEU A 20 1.92 -3.60 0.59
C LEU A 20 1.88 -5.08 0.95
N GLN A 21 2.99 -5.78 0.67
CA GLN A 21 3.08 -7.21 0.96
C GLN A 21 3.91 -7.45 2.21
N ASP A 22 3.41 -8.32 3.09
CA ASP A 22 4.11 -8.65 4.32
C ASP A 22 5.52 -9.16 4.03
N SER A 23 6.26 -9.48 5.09
CA SER A 23 7.62 -9.98 4.95
C SER A 23 7.69 -11.47 5.29
N GLN A 24 6.64 -11.97 5.91
CA GLN A 24 6.58 -13.38 6.30
C GLN A 24 5.40 -14.08 5.64
N ASN A 25 4.28 -13.36 5.53
CA ASN A 25 3.08 -13.91 4.92
C ASN A 25 2.82 -13.28 3.55
N PRO A 26 3.26 -13.96 2.49
CA PRO A 26 3.10 -13.48 1.11
C PRO A 26 1.64 -13.53 0.66
N PHE A 27 0.77 -14.05 1.52
CA PHE A 27 -0.65 -14.16 1.21
C PHE A 27 -1.45 -13.09 1.96
N GLN A 28 -0.91 -12.63 3.08
CA GLN A 28 -1.57 -11.61 3.87
C GLN A 28 -0.99 -10.22 3.59
N TYR A 29 -1.85 -9.30 3.19
CA TYR A 29 -1.43 -7.94 2.88
C TYR A 29 -2.09 -6.94 3.82
N TRP A 30 -1.71 -5.66 3.66
CA TRP A 30 -2.27 -4.60 4.50
C TRP A 30 -2.40 -3.30 3.71
N ILE A 31 -3.10 -2.33 4.29
CA ILE A 31 -3.29 -1.04 3.64
C ILE A 31 -2.41 0.03 4.25
N VAL A 32 -1.66 0.73 3.41
CA VAL A 32 -0.77 1.79 3.88
C VAL A 32 -1.03 3.10 3.12
N SER A 33 -0.31 4.15 3.52
CA SER A 33 -0.47 5.45 2.88
C SER A 33 0.88 6.17 2.79
N VAL A 34 1.22 6.62 1.58
CA VAL A 34 2.47 7.32 1.35
C VAL A 34 2.62 8.50 2.32
N ILE A 35 3.61 8.38 3.21
CA ILE A 35 3.86 9.43 4.19
C ILE A 35 4.75 10.52 3.62
N GLU A 36 5.84 10.11 2.97
CA GLU A 36 6.77 11.06 2.36
C GLU A 36 7.43 10.45 1.12
N ASN A 37 7.62 11.28 0.10
CA ASN A 37 8.23 10.83 -1.14
C ASN A 37 9.52 11.59 -1.41
N VAL A 38 10.65 10.88 -1.34
CA VAL A 38 11.94 11.49 -1.59
C VAL A 38 12.69 10.78 -2.71
N GLY A 39 12.57 11.31 -3.93
CA GLY A 39 13.23 10.72 -5.06
C GLY A 39 12.91 9.24 -5.22
N GLY A 40 11.71 8.86 -4.82
CA GLY A 40 11.30 7.46 -4.92
C GLY A 40 11.22 6.79 -3.56
N ARG A 41 11.75 7.46 -2.54
CA ARG A 41 11.73 6.91 -1.18
C ARG A 41 10.38 7.14 -0.52
N LEU A 42 9.41 6.29 -0.83
CA LEU A 42 8.08 6.40 -0.27
C LEU A 42 8.01 5.71 1.10
N ARG A 43 7.83 6.50 2.15
CA ARG A 43 7.74 5.96 3.50
C ARG A 43 6.33 5.49 3.81
N LEU A 44 6.09 4.19 3.66
CA LEU A 44 4.77 3.62 3.93
C LEU A 44 4.57 3.37 5.42
N ARG A 45 3.36 3.61 5.90
CA ARG A 45 3.04 3.40 7.31
C ARG A 45 1.74 2.61 7.45
N TYR A 46 1.71 1.72 8.45
CA TYR A 46 0.53 0.90 8.70
C TYR A 46 -0.62 1.75 9.25
N VAL A 47 -1.62 1.96 8.41
CA VAL A 47 -2.79 2.76 8.81
C VAL A 47 -3.18 2.47 10.25
N GLY A 48 -3.60 3.51 10.96
CA GLY A 48 -4.00 3.35 12.34
C GLY A 48 -2.92 3.79 13.31
N LEU A 49 -1.67 3.75 12.86
CA LEU A 49 -0.54 4.14 13.70
C LEU A 49 -0.03 5.52 13.31
N GLU A 50 -0.92 6.34 12.77
CA GLU A 50 -0.56 7.69 12.36
C GLU A 50 -0.20 8.56 13.57
N ASP A 51 -0.73 8.20 14.72
CA ASP A 51 -0.46 8.93 15.95
C ASP A 51 0.95 8.67 16.44
N THR A 52 1.31 7.38 16.53
CA THR A 52 2.63 6.99 16.99
C THR A 52 3.69 7.25 15.92
N GLU A 53 4.79 7.87 16.32
CA GLU A 53 5.87 8.18 15.39
C GLU A 53 6.79 6.98 15.21
N SER A 54 6.19 5.80 15.07
CA SER A 54 6.96 4.57 14.89
C SER A 54 6.15 3.54 14.10
N TYR A 55 6.73 2.35 13.94
CA TYR A 55 6.07 1.27 13.21
C TYR A 55 5.84 1.67 11.75
N ASP A 56 6.91 2.08 11.08
CA ASP A 56 6.83 2.48 9.69
C ASP A 56 7.72 1.61 8.82
N GLN A 57 7.65 1.83 7.51
CA GLN A 57 8.46 1.05 6.56
C GLN A 57 8.74 1.85 5.30
N TRP A 58 10.01 1.99 4.95
CA TRP A 58 10.42 2.73 3.77
C TRP A 58 10.65 1.79 2.59
N LEU A 59 10.15 2.20 1.42
CA LEU A 59 10.31 1.39 0.21
C LEU A 59 10.35 2.28 -1.03
N PHE A 60 10.84 1.71 -2.13
CA PHE A 60 10.94 2.45 -3.38
C PHE A 60 9.82 2.05 -4.34
N TYR A 61 9.14 3.04 -4.90
CA TYR A 61 8.05 2.80 -5.83
C TYR A 61 8.36 1.62 -6.73
N LEU A 62 9.60 1.54 -7.20
CA LEU A 62 10.03 0.46 -8.07
C LEU A 62 9.53 -0.89 -7.56
N ASP A 63 9.70 -1.13 -6.27
CA ASP A 63 9.26 -2.37 -5.65
C ASP A 63 7.99 -2.88 -6.31
N TYR A 64 7.85 -4.19 -6.40
CA TYR A 64 6.68 -4.81 -7.00
C TYR A 64 5.55 -4.94 -5.99
N ARG A 65 5.88 -5.43 -4.80
CA ARG A 65 4.89 -5.61 -3.74
C ARG A 65 3.84 -4.51 -3.79
N LEU A 66 4.27 -3.29 -4.11
CA LEU A 66 3.37 -2.15 -4.20
C LEU A 66 2.20 -2.45 -5.13
N ARG A 67 1.05 -2.75 -4.54
CA ARG A 67 -0.15 -3.05 -5.32
C ARG A 67 -1.28 -2.09 -4.99
N PRO A 68 -2.03 -1.67 -6.02
CA PRO A 68 -3.15 -0.74 -5.86
C PRO A 68 -4.33 -1.38 -5.13
N VAL A 69 -5.00 -0.58 -4.31
CA VAL A 69 -6.15 -1.07 -3.54
C VAL A 69 -7.24 -1.60 -4.47
N GLY A 70 -7.81 -2.74 -4.10
CA GLY A 70 -8.85 -3.35 -4.91
C GLY A 70 -8.63 -4.82 -5.15
N TRP A 71 -7.40 -5.19 -5.48
CA TRP A 71 -7.05 -6.58 -5.73
C TRP A 71 -7.34 -7.44 -4.51
N CYS A 72 -6.96 -6.95 -3.33
CA CYS A 72 -7.17 -7.68 -2.09
C CYS A 72 -8.59 -7.45 -1.57
N GLN A 73 -9.43 -8.46 -1.70
CA GLN A 73 -10.81 -8.37 -1.25
C GLN A 73 -10.94 -8.82 0.21
N GLU A 74 -12.17 -8.88 0.70
CA GLU A 74 -12.42 -9.28 2.08
C GLU A 74 -12.28 -10.79 2.23
N ASN A 75 -12.90 -11.53 1.32
CA ASN A 75 -12.85 -13.00 1.35
C ASN A 75 -11.86 -13.53 0.32
N LYS A 76 -12.08 -13.17 -0.94
CA LYS A 76 -11.20 -13.61 -2.02
C LYS A 76 -9.76 -13.73 -1.53
N TYR A 77 -9.21 -12.62 -1.05
CA TYR A 77 -7.84 -12.59 -0.54
C TYR A 77 -7.81 -12.38 0.96
N ARG A 78 -6.61 -12.29 1.51
CA ARG A 78 -6.44 -12.09 2.95
C ARG A 78 -5.97 -10.66 3.24
N MET A 79 -6.75 -9.94 4.02
CA MET A 79 -6.42 -8.56 4.38
C MET A 79 -6.28 -8.41 5.89
N ASP A 80 -5.06 -8.60 6.38
CA ASP A 80 -4.78 -8.48 7.81
C ASP A 80 -3.37 -7.95 8.05
N PRO A 81 -3.23 -7.08 9.07
CA PRO A 81 -1.95 -6.48 9.43
C PRO A 81 -0.98 -7.49 10.03
N PRO A 82 0.30 -7.11 10.11
CA PRO A 82 1.35 -7.98 10.67
C PRO A 82 1.21 -8.17 12.18
N SER A 83 1.68 -9.30 12.66
CA SER A 83 1.60 -9.62 14.09
C SER A 83 2.57 -8.74 14.89
N GLU A 84 3.33 -7.90 14.18
CA GLU A 84 4.29 -7.02 14.81
C GLU A 84 3.59 -5.83 15.48
N ILE A 85 2.44 -5.45 14.92
CA ILE A 85 1.67 -4.34 15.46
C ILE A 85 0.32 -4.81 15.99
N TYR A 86 -0.15 -5.94 15.49
CA TYR A 86 -1.43 -6.49 15.91
C TYR A 86 -1.55 -6.48 17.44
N PRO A 87 -0.51 -7.00 18.12
CA PRO A 87 -0.48 -7.05 19.58
C PRO A 87 -0.33 -5.67 20.21
N LEU A 88 -0.48 -4.64 19.39
CA LEU A 88 -0.36 -3.26 19.87
C LEU A 88 -1.72 -2.58 19.92
N LYS A 89 -2.60 -2.98 19.02
CA LYS A 89 -3.95 -2.40 18.96
C LYS A 89 -5.01 -3.49 19.04
N MET A 90 -6.23 -3.10 19.35
CA MET A 90 -7.34 -4.04 19.46
C MET A 90 -7.79 -4.51 18.09
N ALA A 91 -8.04 -5.82 17.96
CA ALA A 91 -8.48 -6.39 16.70
C ALA A 91 -9.46 -5.46 15.99
N SER A 92 -10.30 -4.77 16.76
CA SER A 92 -11.27 -3.85 16.19
C SER A 92 -10.60 -2.60 15.65
N GLU A 93 -9.65 -2.07 16.40
CA GLU A 93 -8.93 -0.87 16.00
C GLU A 93 -8.41 -1.01 14.57
N TRP A 94 -7.71 -2.10 14.30
CA TRP A 94 -7.16 -2.35 12.98
C TRP A 94 -8.27 -2.42 11.94
N LYS A 95 -9.36 -3.10 12.28
CA LYS A 95 -10.50 -3.24 11.37
C LYS A 95 -11.17 -1.90 11.13
N CYS A 96 -11.07 -1.01 12.10
CA CYS A 96 -11.67 0.32 11.98
C CYS A 96 -10.97 1.14 10.91
N THR A 97 -9.71 1.50 11.17
CA THR A 97 -8.93 2.29 10.23
C THR A 97 -8.80 1.57 8.89
N LEU A 98 -8.92 0.26 8.91
CA LEU A 98 -8.81 -0.55 7.70
C LEU A 98 -9.89 -0.15 6.69
N GLU A 99 -11.10 0.06 7.18
CA GLU A 99 -12.22 0.45 6.32
C GLU A 99 -12.07 1.89 5.85
N LYS A 100 -11.96 2.80 6.81
CA LYS A 100 -11.80 4.23 6.50
C LYS A 100 -10.87 4.42 5.31
N SER A 101 -9.71 3.77 5.36
CA SER A 101 -8.73 3.87 4.29
C SER A 101 -9.34 3.47 2.95
N LEU A 102 -9.92 2.27 2.91
CA LEU A 102 -10.55 1.75 1.69
C LEU A 102 -11.29 2.87 0.95
N ILE A 103 -12.02 3.68 1.70
CA ILE A 103 -12.77 4.78 1.11
C ILE A 103 -11.84 5.88 0.61
N ASP A 104 -10.97 6.35 1.50
CA ASP A 104 -10.02 7.40 1.14
C ASP A 104 -9.32 7.08 -0.17
N ALA A 105 -9.02 5.80 -0.38
CA ALA A 105 -8.35 5.37 -1.60
C ALA A 105 -9.14 5.77 -2.84
N ALA A 106 -10.47 5.69 -2.74
CA ALA A 106 -11.34 6.04 -3.85
C ALA A 106 -11.45 7.55 -4.00
N LYS A 107 -10.92 8.28 -3.02
CA LYS A 107 -10.95 9.73 -3.05
C LYS A 107 -9.61 10.30 -3.47
N PHE A 108 -8.54 9.57 -3.17
CA PHE A 108 -7.19 9.99 -3.53
C PHE A 108 -6.41 8.86 -4.19
N PRO A 109 -7.08 8.15 -5.11
CA PRO A 109 -6.47 7.03 -5.84
C PRO A 109 -5.39 7.48 -6.81
N LEU A 110 -4.51 6.55 -7.19
CA LEU A 110 -3.43 6.86 -8.12
C LEU A 110 -3.67 6.18 -9.47
N PRO A 111 -3.05 6.74 -10.52
CA PRO A 111 -3.17 6.20 -11.88
C PRO A 111 -2.45 4.86 -12.04
N MET A 112 -3.15 3.89 -12.60
CA MET A 112 -2.58 2.56 -12.82
C MET A 112 -1.18 2.65 -13.39
N GLU A 113 -0.93 3.70 -14.18
CA GLU A 113 0.38 3.90 -14.78
C GLU A 113 1.49 3.70 -13.77
N VAL A 114 1.29 4.21 -12.55
CA VAL A 114 2.27 4.09 -11.48
C VAL A 114 2.76 2.64 -11.36
N PHE A 115 1.87 1.70 -11.61
CA PHE A 115 2.21 0.28 -11.53
C PHE A 115 2.02 -0.40 -12.88
N LYS A 116 2.65 0.17 -13.91
CA LYS A 116 2.54 -0.39 -15.25
C LYS A 116 3.17 -1.78 -15.31
N ASP A 117 2.32 -2.80 -15.40
CA ASP A 117 2.78 -4.18 -15.46
C ASP A 117 1.66 -5.11 -15.88
N HIS A 118 2.02 -6.24 -16.49
CA HIS A 118 1.04 -7.22 -16.95
C HIS A 118 0.35 -7.89 -15.77
N ALA A 119 -0.80 -8.50 -16.02
CA ALA A 119 -1.56 -9.19 -14.98
C ALA A 119 -2.59 -10.13 -15.58
N ASP A 120 -3.02 -11.10 -14.79
CA ASP A 120 -4.02 -12.07 -15.24
C ASP A 120 -5.06 -11.42 -16.13
N LEU A 121 -5.04 -11.76 -17.42
CA LEU A 121 -5.98 -11.20 -18.38
C LEU A 121 -6.68 -12.31 -19.16
N SER A 122 -6.55 -13.54 -18.68
CA SER A 122 -7.17 -14.68 -19.34
C SER A 122 -8.67 -14.71 -19.08
N GLY A 123 -9.06 -14.40 -17.84
CA GLY A 123 -10.46 -14.39 -17.48
C GLY A 123 -11.05 -15.79 -17.46
N PRO A 124 -12.01 -16.01 -16.54
CA PRO A 124 -12.68 -17.31 -16.40
C PRO A 124 -13.60 -17.63 -17.58
N SER A 125 -13.81 -18.90 -17.83
CA SER A 125 -14.68 -19.33 -18.93
C SER A 125 -15.97 -19.96 -18.40
N SER A 126 -17.08 -19.65 -19.04
CA SER A 126 -18.38 -20.18 -18.63
C SER A 126 -18.56 -21.61 -19.14
N GLY A 127 -18.63 -22.56 -18.21
CA GLY A 127 -18.81 -23.95 -18.59
C GLY A 127 -17.69 -24.46 -19.48
N GLY A 1 14.71 21.83 -6.21
CA GLY A 1 13.96 20.90 -5.39
C GLY A 1 13.99 19.49 -5.95
N SER A 2 13.22 19.26 -7.02
CA SER A 2 13.15 17.95 -7.65
C SER A 2 14.46 17.62 -8.35
N SER A 3 14.68 16.33 -8.61
CA SER A 3 15.89 15.87 -9.28
C SER A 3 15.67 15.74 -10.78
N GLY A 4 15.95 16.81 -11.51
CA GLY A 4 15.78 16.80 -12.95
C GLY A 4 14.41 16.30 -13.36
N SER A 5 14.37 15.39 -14.32
CA SER A 5 13.12 14.83 -14.81
C SER A 5 12.80 13.51 -14.11
N SER A 6 11.51 13.27 -13.89
CA SER A 6 11.07 12.04 -13.23
C SER A 6 9.95 11.37 -14.03
N GLY A 7 9.80 10.07 -13.81
CA GLY A 7 8.76 9.32 -14.51
C GLY A 7 7.57 9.02 -13.63
N PRO A 8 7.56 7.81 -13.05
CA PRO A 8 6.47 7.36 -12.17
C PRO A 8 6.45 8.12 -10.85
N ILE A 9 7.64 8.47 -10.35
CA ILE A 9 7.76 9.20 -9.09
C ILE A 9 6.71 10.30 -8.99
N ASP A 10 6.65 11.15 -10.02
CA ASP A 10 5.70 12.24 -10.04
C ASP A 10 4.27 11.73 -9.88
N LEU A 11 3.94 10.68 -10.62
CA LEU A 11 2.60 10.09 -10.55
C LEU A 11 2.15 9.93 -9.10
N ILE A 12 3.04 9.41 -8.26
CA ILE A 12 2.73 9.20 -6.85
C ILE A 12 2.80 10.52 -6.08
N THR A 13 1.80 10.75 -5.23
CA THR A 13 1.75 11.97 -4.44
C THR A 13 1.49 11.65 -2.97
N VAL A 14 2.24 12.31 -2.09
CA VAL A 14 2.10 12.10 -0.66
C VAL A 14 0.64 11.87 -0.28
N GLY A 15 0.40 10.84 0.54
CA GLY A 15 -0.95 10.52 0.97
C GLY A 15 -1.54 9.37 0.19
N SER A 16 -1.08 9.19 -1.04
CA SER A 16 -1.58 8.10 -1.90
C SER A 16 -1.58 6.77 -1.14
N LEU A 17 -2.77 6.19 -1.00
CA LEU A 17 -2.92 4.92 -0.30
C LEU A 17 -2.53 3.75 -1.20
N ILE A 18 -1.72 2.84 -0.66
CA ILE A 18 -1.27 1.68 -1.42
C ILE A 18 -1.07 0.48 -0.50
N GLU A 19 -1.17 -0.72 -1.08
CA GLU A 19 -0.99 -1.95 -0.31
C GLU A 19 0.49 -2.28 -0.15
N LEU A 20 0.78 -3.24 0.72
CA LEU A 20 2.15 -3.65 0.98
C LEU A 20 2.20 -5.07 1.54
N GLN A 21 3.27 -5.80 1.21
CA GLN A 21 3.43 -7.17 1.67
C GLN A 21 4.30 -7.22 2.93
N ASP A 22 3.98 -8.14 3.83
CA ASP A 22 4.74 -8.29 5.06
C ASP A 22 5.99 -9.14 4.84
N SER A 23 7.16 -8.51 4.96
CA SER A 23 8.42 -9.21 4.76
C SER A 23 8.42 -10.56 5.48
N GLN A 24 7.96 -10.55 6.73
CA GLN A 24 7.90 -11.78 7.52
C GLN A 24 6.76 -12.68 7.05
N ASN A 25 5.62 -12.07 6.78
CA ASN A 25 4.45 -12.82 6.32
C ASN A 25 4.08 -12.43 4.89
N PRO A 26 4.78 -13.04 3.92
CA PRO A 26 4.54 -12.77 2.49
C PRO A 26 3.20 -13.32 2.01
N PHE A 27 2.50 -14.03 2.90
CA PHE A 27 1.22 -14.61 2.57
C PHE A 27 0.09 -13.60 2.76
N GLN A 28 0.30 -12.67 3.69
CA GLN A 28 -0.69 -11.64 3.97
C GLN A 28 -0.19 -10.27 3.55
N TYR A 29 -1.06 -9.26 3.65
CA TYR A 29 -0.70 -7.90 3.27
C TYR A 29 -1.43 -6.88 4.14
N TRP A 30 -1.26 -5.61 3.82
CA TRP A 30 -1.90 -4.54 4.58
C TRP A 30 -1.92 -3.25 3.76
N ILE A 31 -2.75 -2.30 4.20
CA ILE A 31 -2.88 -1.02 3.52
C ILE A 31 -2.02 0.05 4.19
N VAL A 32 -1.33 0.85 3.38
CA VAL A 32 -0.48 1.91 3.90
C VAL A 32 -0.72 3.23 3.17
N SER A 33 -0.15 4.32 3.68
CA SER A 33 -0.31 5.62 3.08
C SER A 33 1.03 6.32 2.92
N VAL A 34 1.31 6.82 1.72
CA VAL A 34 2.55 7.51 1.44
C VAL A 34 2.77 8.68 2.41
N ILE A 35 3.76 8.56 3.28
CA ILE A 35 4.06 9.61 4.24
C ILE A 35 4.90 10.70 3.61
N GLU A 36 5.95 10.31 2.88
CA GLU A 36 6.84 11.26 2.23
C GLU A 36 7.43 10.66 0.96
N ASN A 37 7.66 11.51 -0.04
CA ASN A 37 8.22 11.07 -1.31
C ASN A 37 9.50 11.83 -1.63
N VAL A 38 10.64 11.16 -1.47
CA VAL A 38 11.93 11.77 -1.74
C VAL A 38 12.67 11.01 -2.85
N GLY A 39 12.66 11.59 -4.05
CA GLY A 39 13.33 10.96 -5.17
C GLY A 39 12.90 9.53 -5.38
N GLY A 40 11.64 9.24 -5.05
CA GLY A 40 11.12 7.89 -5.21
C GLY A 40 11.00 7.15 -3.90
N ARG A 41 11.56 7.75 -2.84
CA ARG A 41 11.50 7.14 -1.51
C ARG A 41 10.14 7.34 -0.87
N LEU A 42 9.27 6.35 -1.01
CA LEU A 42 7.93 6.42 -0.44
C LEU A 42 7.90 5.83 0.96
N ARG A 43 7.71 6.69 1.96
CA ARG A 43 7.66 6.25 3.34
C ARG A 43 6.27 5.78 3.71
N LEU A 44 6.04 4.46 3.62
CA LEU A 44 4.75 3.88 3.94
C LEU A 44 4.63 3.60 5.43
N ARG A 45 3.41 3.66 5.95
CA ARG A 45 3.18 3.40 7.37
C ARG A 45 1.83 2.70 7.57
N TYR A 46 1.87 1.52 8.17
CA TYR A 46 0.65 0.75 8.43
C TYR A 46 -0.45 1.65 8.99
N VAL A 47 -1.54 1.76 8.25
CA VAL A 47 -2.68 2.58 8.67
C VAL A 47 -3.08 2.27 10.11
N GLY A 48 -3.31 3.32 10.89
CA GLY A 48 -3.70 3.13 12.27
C GLY A 48 -2.60 3.52 13.24
N LEU A 49 -1.35 3.41 12.79
CA LEU A 49 -0.21 3.76 13.63
C LEU A 49 0.34 5.13 13.27
N GLU A 50 -0.53 5.99 12.74
CA GLU A 50 -0.13 7.34 12.34
C GLU A 50 0.53 8.06 13.50
N ASP A 51 0.02 7.85 14.71
CA ASP A 51 0.56 8.50 15.90
C ASP A 51 2.05 8.18 16.05
N THR A 52 2.37 6.89 16.11
CA THR A 52 3.76 6.47 16.25
C THR A 52 4.46 6.39 14.90
N GLU A 53 5.79 6.36 14.92
CA GLU A 53 6.57 6.29 13.70
C GLU A 53 7.49 5.07 13.71
N SER A 54 7.90 4.66 14.91
CA SER A 54 8.78 3.51 15.06
C SER A 54 8.34 2.35 14.17
N TYR A 55 7.02 2.27 13.94
CA TYR A 55 6.46 1.21 13.11
C TYR A 55 6.28 1.69 11.68
N ASP A 56 7.30 2.35 11.14
CA ASP A 56 7.24 2.86 9.78
C ASP A 56 8.06 1.99 8.83
N GLN A 57 7.86 2.16 7.54
CA GLN A 57 8.58 1.38 6.53
C GLN A 57 8.79 2.20 5.26
N TRP A 58 10.03 2.25 4.79
CA TRP A 58 10.36 2.99 3.59
C TRP A 58 10.55 2.05 2.40
N LEU A 59 10.10 2.48 1.23
CA LEU A 59 10.21 1.67 0.01
C LEU A 59 10.30 2.56 -1.22
N PHE A 60 10.55 1.93 -2.37
CA PHE A 60 10.66 2.67 -3.62
C PHE A 60 9.57 2.25 -4.60
N TYR A 61 8.97 3.23 -5.27
CA TYR A 61 7.91 2.97 -6.24
C TYR A 61 8.23 1.73 -7.07
N LEU A 62 9.46 1.66 -7.56
CA LEU A 62 9.89 0.53 -8.39
C LEU A 62 9.42 -0.78 -7.78
N ASP A 63 9.66 -0.95 -6.48
CA ASP A 63 9.25 -2.17 -5.79
C ASP A 63 7.95 -2.72 -6.36
N TYR A 64 7.78 -4.03 -6.26
CA TYR A 64 6.57 -4.68 -6.76
C TYR A 64 5.49 -4.74 -5.69
N ARG A 65 5.89 -5.02 -4.46
CA ARG A 65 4.96 -5.10 -3.34
C ARG A 65 3.83 -4.09 -3.52
N LEU A 66 4.18 -2.86 -3.88
CA LEU A 66 3.20 -1.81 -4.08
C LEU A 66 2.03 -2.31 -4.92
N ARG A 67 0.84 -2.35 -4.32
CA ARG A 67 -0.36 -2.81 -5.03
C ARG A 67 -1.53 -1.87 -4.77
N PRO A 68 -2.25 -1.51 -5.84
CA PRO A 68 -3.40 -0.61 -5.76
C PRO A 68 -4.59 -1.26 -5.06
N VAL A 69 -5.25 -0.49 -4.20
CA VAL A 69 -6.40 -0.99 -3.46
C VAL A 69 -7.47 -1.52 -4.41
N GLY A 70 -8.12 -2.61 -4.00
CA GLY A 70 -9.16 -3.20 -4.83
C GLY A 70 -8.89 -4.66 -5.14
N TRP A 71 -7.62 -5.00 -5.29
CA TRP A 71 -7.23 -6.37 -5.60
C TRP A 71 -7.84 -7.34 -4.61
N CYS A 72 -8.13 -6.86 -3.40
CA CYS A 72 -8.72 -7.70 -2.36
C CYS A 72 -10.18 -8.01 -2.68
N GLN A 73 -10.81 -7.13 -3.45
CA GLN A 73 -12.21 -7.32 -3.83
C GLN A 73 -12.52 -8.79 -4.10
N GLU A 74 -11.48 -9.53 -4.50
CA GLU A 74 -11.64 -10.95 -4.79
C GLU A 74 -11.56 -11.78 -3.51
N ASN A 75 -12.19 -12.95 -3.54
CA ASN A 75 -12.18 -13.84 -2.38
C ASN A 75 -11.01 -14.82 -2.45
N LYS A 76 -9.86 -14.33 -2.91
CA LYS A 76 -8.67 -15.16 -3.03
C LYS A 76 -7.51 -14.53 -2.26
N TYR A 77 -7.67 -13.28 -1.86
CA TYR A 77 -6.64 -12.58 -1.12
C TYR A 77 -7.01 -12.44 0.36
N ARG A 78 -6.01 -12.14 1.18
CA ARG A 78 -6.25 -11.99 2.61
C ARG A 78 -5.76 -10.63 3.10
N MET A 79 -6.65 -9.87 3.75
CA MET A 79 -6.31 -8.55 4.25
C MET A 79 -6.21 -8.57 5.78
N ASP A 80 -5.00 -8.77 6.28
CA ASP A 80 -4.75 -8.81 7.71
C ASP A 80 -3.36 -8.31 8.05
N PRO A 81 -3.26 -7.47 9.08
CA PRO A 81 -1.98 -6.89 9.52
C PRO A 81 -1.08 -7.94 10.17
N PRO A 82 0.22 -7.62 10.27
CA PRO A 82 1.22 -8.52 10.87
C PRO A 82 1.03 -8.65 12.38
N SER A 83 1.39 -9.82 12.91
CA SER A 83 1.26 -10.09 14.34
C SER A 83 2.16 -9.14 15.14
N GLU A 84 3.01 -8.40 14.44
CA GLU A 84 3.92 -7.46 15.09
C GLU A 84 3.16 -6.23 15.59
N ILE A 85 2.01 -5.97 14.99
CA ILE A 85 1.19 -4.82 15.36
C ILE A 85 -0.22 -5.25 15.74
N TYR A 86 -0.71 -6.29 15.08
CA TYR A 86 -2.06 -6.80 15.34
C TYR A 86 -2.35 -6.77 16.84
N PRO A 87 -1.45 -7.36 17.64
CA PRO A 87 -1.60 -7.41 19.10
C PRO A 87 -1.44 -6.04 19.75
N LEU A 88 -0.66 -5.17 19.10
CA LEU A 88 -0.44 -3.83 19.62
C LEU A 88 -1.74 -3.06 19.75
N LYS A 89 -2.62 -3.20 18.76
CA LYS A 89 -3.91 -2.53 18.76
C LYS A 89 -5.05 -3.54 18.93
N MET A 90 -6.24 -3.03 19.25
CA MET A 90 -7.40 -3.89 19.43
C MET A 90 -7.99 -4.29 18.08
N ALA A 91 -8.28 -5.57 17.93
CA ALA A 91 -8.85 -6.09 16.69
C ALA A 91 -9.79 -5.07 16.05
N SER A 92 -10.47 -4.29 16.90
CA SER A 92 -11.40 -3.29 16.41
C SER A 92 -10.65 -2.17 15.67
N GLU A 93 -9.62 -1.64 16.30
CA GLU A 93 -8.83 -0.56 15.71
C GLU A 93 -8.41 -0.93 14.29
N TRP A 94 -7.65 -2.01 14.17
CA TRP A 94 -7.18 -2.46 12.87
C TRP A 94 -8.33 -2.55 11.87
N LYS A 95 -9.42 -3.16 12.29
CA LYS A 95 -10.60 -3.31 11.43
C LYS A 95 -11.24 -1.95 11.16
N CYS A 96 -11.08 -1.03 12.09
CA CYS A 96 -11.65 0.31 11.95
C CYS A 96 -10.91 1.11 10.88
N THR A 97 -9.62 1.36 11.13
CA THR A 97 -8.81 2.11 10.18
C THR A 97 -8.76 1.42 8.83
N LEU A 98 -8.97 0.11 8.82
CA LEU A 98 -8.95 -0.67 7.59
C LEU A 98 -10.05 -0.22 6.64
N GLU A 99 -11.25 0.00 7.19
CA GLU A 99 -12.39 0.43 6.39
C GLU A 99 -12.20 1.88 5.92
N LYS A 100 -12.16 2.80 6.88
CA LYS A 100 -11.99 4.21 6.57
C LYS A 100 -10.90 4.42 5.52
N SER A 101 -9.77 3.73 5.70
CA SER A 101 -8.66 3.84 4.77
C SER A 101 -9.11 3.53 3.34
N LEU A 102 -9.75 2.38 3.16
CA LEU A 102 -10.24 1.97 1.85
C LEU A 102 -10.88 3.14 1.12
N ILE A 103 -11.88 3.75 1.74
CA ILE A 103 -12.59 4.88 1.16
C ILE A 103 -11.61 5.95 0.70
N ASP A 104 -10.73 6.37 1.60
CA ASP A 104 -9.75 7.40 1.29
C ASP A 104 -9.05 7.09 -0.04
N ALA A 105 -8.82 5.80 -0.30
CA ALA A 105 -8.17 5.38 -1.53
C ALA A 105 -8.96 5.83 -2.75
N ALA A 106 -10.28 5.78 -2.64
CA ALA A 106 -11.16 6.17 -3.74
C ALA A 106 -11.21 7.69 -3.88
N LYS A 107 -10.74 8.39 -2.85
CA LYS A 107 -10.74 9.85 -2.85
C LYS A 107 -9.36 10.38 -3.25
N PHE A 108 -8.33 9.59 -2.99
CA PHE A 108 -6.96 9.98 -3.32
C PHE A 108 -6.21 8.85 -3.99
N PRO A 109 -6.89 8.17 -4.94
CA PRO A 109 -6.30 7.05 -5.68
C PRO A 109 -5.19 7.50 -6.64
N LEU A 110 -4.52 6.53 -7.23
CA LEU A 110 -3.43 6.83 -8.18
C LEU A 110 -3.68 6.17 -9.52
N PRO A 111 -3.11 6.74 -10.58
CA PRO A 111 -3.25 6.23 -11.95
C PRO A 111 -2.52 4.91 -12.16
N MET A 112 -3.26 3.88 -12.54
CA MET A 112 -2.68 2.56 -12.77
C MET A 112 -1.28 2.68 -13.38
N GLU A 113 -1.11 3.68 -14.24
CA GLU A 113 0.18 3.91 -14.89
C GLU A 113 1.33 3.61 -13.94
N VAL A 114 1.26 4.16 -12.73
CA VAL A 114 2.30 3.96 -11.73
C VAL A 114 2.65 2.48 -11.59
N PHE A 115 1.62 1.65 -11.39
CA PHE A 115 1.82 0.22 -11.24
C PHE A 115 1.63 -0.49 -12.58
N LYS A 116 2.21 0.07 -13.63
CA LYS A 116 2.11 -0.50 -14.96
C LYS A 116 2.99 -1.74 -15.08
N ASP A 117 2.39 -2.91 -14.90
CA ASP A 117 3.12 -4.17 -14.98
C ASP A 117 2.22 -5.29 -15.52
N HIS A 118 2.73 -6.05 -16.47
CA HIS A 118 1.98 -7.15 -17.06
C HIS A 118 1.74 -8.25 -16.04
N ALA A 119 0.68 -9.02 -16.24
CA ALA A 119 0.34 -10.11 -15.33
C ALA A 119 -0.58 -11.13 -16.01
N ASP A 120 -0.79 -12.26 -15.35
CA ASP A 120 -1.65 -13.30 -15.89
C ASP A 120 -3.04 -12.76 -16.19
N LEU A 121 -3.29 -12.46 -17.45
CA LEU A 121 -4.59 -11.94 -17.87
C LEU A 121 -5.29 -12.89 -18.84
N SER A 122 -5.21 -14.18 -18.55
CA SER A 122 -5.82 -15.20 -19.38
C SER A 122 -7.29 -15.39 -19.02
N GLY A 123 -8.15 -15.44 -20.04
CA GLY A 123 -9.57 -15.62 -19.81
C GLY A 123 -10.40 -15.26 -21.01
N PRO A 124 -11.73 -15.15 -20.82
CA PRO A 124 -12.65 -14.81 -21.89
C PRO A 124 -12.51 -13.37 -22.36
N SER A 125 -11.54 -12.66 -21.78
CA SER A 125 -11.31 -11.27 -22.14
C SER A 125 -11.53 -11.03 -23.63
N SER A 126 -12.19 -9.93 -23.95
CA SER A 126 -12.48 -9.58 -25.35
C SER A 126 -13.30 -10.69 -26.01
N GLY A 127 -14.30 -11.18 -25.30
CA GLY A 127 -15.15 -12.24 -25.83
C GLY A 127 -14.35 -13.37 -26.44
N GLY A 1 0.25 20.81 -18.29
CA GLY A 1 -0.81 19.89 -17.87
C GLY A 1 -0.41 19.07 -16.66
N SER A 2 -1.27 18.13 -16.28
CA SER A 2 -1.00 17.28 -15.14
C SER A 2 -0.46 15.93 -15.58
N SER A 3 0.87 15.84 -15.69
CA SER A 3 1.52 14.60 -16.11
C SER A 3 2.92 14.51 -15.52
N GLY A 4 3.47 13.29 -15.50
CA GLY A 4 4.81 13.09 -14.97
C GLY A 4 5.84 12.88 -16.07
N SER A 5 6.87 13.71 -16.07
CA SER A 5 7.93 13.62 -17.07
C SER A 5 9.10 12.79 -16.55
N SER A 6 9.64 13.19 -15.40
CA SER A 6 10.75 12.49 -14.79
C SER A 6 10.52 10.98 -14.80
N GLY A 7 9.32 10.57 -14.42
CA GLY A 7 8.98 9.16 -14.40
C GLY A 7 7.78 8.86 -13.53
N PRO A 8 7.74 7.65 -12.96
CA PRO A 8 6.63 7.21 -12.10
C PRO A 8 6.61 7.96 -10.76
N ILE A 9 7.80 8.24 -10.22
CA ILE A 9 7.92 8.94 -8.96
C ILE A 9 6.96 10.12 -8.89
N ASP A 10 6.91 10.90 -9.97
CA ASP A 10 6.02 12.06 -10.03
C ASP A 10 4.57 11.64 -9.92
N LEU A 11 4.23 10.54 -10.59
CA LEU A 11 2.86 10.02 -10.57
C LEU A 11 2.35 9.89 -9.14
N ILE A 12 3.19 9.38 -8.26
CA ILE A 12 2.82 9.21 -6.85
C ILE A 12 2.89 10.53 -6.09
N THR A 13 1.94 10.74 -5.20
CA THR A 13 1.90 11.97 -4.41
C THR A 13 1.64 11.67 -2.94
N VAL A 14 2.32 12.41 -2.06
CA VAL A 14 2.15 12.21 -0.62
C VAL A 14 0.69 11.98 -0.25
N GLY A 15 0.45 10.95 0.55
CA GLY A 15 -0.91 10.65 0.97
C GLY A 15 -1.48 9.46 0.24
N SER A 16 -1.06 9.27 -1.02
CA SER A 16 -1.55 8.16 -1.83
C SER A 16 -1.59 6.87 -1.01
N LEU A 17 -2.69 6.14 -1.13
CA LEU A 17 -2.86 4.89 -0.40
C LEU A 17 -2.41 3.70 -1.26
N ILE A 18 -1.65 2.80 -0.66
CA ILE A 18 -1.16 1.62 -1.36
C ILE A 18 -1.08 0.42 -0.43
N GLU A 19 -1.15 -0.78 -1.02
CA GLU A 19 -1.09 -2.01 -0.24
C GLU A 19 0.35 -2.52 -0.15
N LEU A 20 0.62 -3.34 0.87
CA LEU A 20 1.95 -3.90 1.06
C LEU A 20 1.88 -5.39 1.39
N GLN A 21 2.93 -6.11 1.04
CA GLN A 21 2.98 -7.55 1.29
C GLN A 21 3.65 -7.84 2.64
N ASP A 22 3.10 -8.81 3.36
CA ASP A 22 3.64 -9.19 4.66
C ASP A 22 4.84 -10.11 4.51
N SER A 23 5.89 -9.85 5.28
CA SER A 23 7.11 -10.65 5.23
C SER A 23 6.84 -12.07 5.73
N GLN A 24 5.91 -12.19 6.68
CA GLN A 24 5.57 -13.49 7.24
C GLN A 24 4.62 -14.25 6.33
N ASN A 25 3.54 -13.60 5.93
CA ASN A 25 2.55 -14.21 5.06
C ASN A 25 2.51 -13.51 3.71
N PRO A 26 2.85 -14.24 2.64
CA PRO A 26 2.85 -13.72 1.27
C PRO A 26 1.45 -13.43 0.76
N PHE A 27 0.52 -14.36 1.00
CA PHE A 27 -0.85 -14.21 0.56
C PHE A 27 -1.55 -13.08 1.31
N GLN A 28 -1.03 -12.75 2.49
CA GLN A 28 -1.59 -11.69 3.31
C GLN A 28 -1.04 -10.33 2.89
N TYR A 29 -1.81 -9.28 3.13
CA TYR A 29 -1.41 -7.92 2.78
C TYR A 29 -2.02 -6.91 3.73
N TRP A 30 -1.60 -5.64 3.58
CA TRP A 30 -2.11 -4.57 4.43
C TRP A 30 -2.22 -3.27 3.66
N ILE A 31 -2.88 -2.28 4.25
CA ILE A 31 -3.04 -0.97 3.61
C ILE A 31 -2.14 0.07 4.26
N VAL A 32 -1.47 0.87 3.43
CA VAL A 32 -0.59 1.91 3.93
C VAL A 32 -0.80 3.21 3.18
N SER A 33 -0.28 4.31 3.74
CA SER A 33 -0.43 5.63 3.12
C SER A 33 0.93 6.32 3.01
N VAL A 34 1.23 6.82 1.82
CA VAL A 34 2.50 7.51 1.57
C VAL A 34 2.66 8.70 2.52
N ILE A 35 3.65 8.61 3.40
CA ILE A 35 3.91 9.69 4.35
C ILE A 35 4.78 10.78 3.72
N GLU A 36 5.84 10.37 3.04
CA GLU A 36 6.74 11.32 2.39
C GLU A 36 7.39 10.69 1.16
N ASN A 37 7.58 11.49 0.12
CA ASN A 37 8.20 11.02 -1.11
C ASN A 37 9.52 11.74 -1.37
N VAL A 38 10.63 11.05 -1.13
CA VAL A 38 11.95 11.62 -1.34
C VAL A 38 12.63 11.00 -2.55
N GLY A 39 12.41 11.61 -3.73
CA GLY A 39 13.00 11.11 -4.95
C GLY A 39 12.66 9.66 -5.21
N GLY A 40 11.40 9.30 -4.97
CA GLY A 40 10.97 7.93 -5.18
C GLY A 40 10.85 7.15 -3.89
N ARG A 41 11.40 7.70 -2.81
CA ARG A 41 11.36 7.05 -1.51
C ARG A 41 10.02 7.32 -0.81
N LEU A 42 9.10 6.37 -0.92
CA LEU A 42 7.79 6.50 -0.31
C LEU A 42 7.79 5.94 1.11
N ARG A 43 7.63 6.82 2.09
CA ARG A 43 7.61 6.41 3.49
C ARG A 43 6.23 5.93 3.91
N LEU A 44 6.01 4.62 3.81
CA LEU A 44 4.73 4.03 4.17
C LEU A 44 4.62 3.86 5.69
N ARG A 45 3.39 3.94 6.20
CA ARG A 45 3.14 3.79 7.63
C ARG A 45 1.83 3.05 7.88
N TYR A 46 1.94 1.80 8.30
CA TYR A 46 0.76 0.98 8.57
C TYR A 46 -0.36 1.83 9.15
N VAL A 47 -1.45 1.97 8.39
CA VAL A 47 -2.59 2.76 8.82
C VAL A 47 -2.97 2.42 10.26
N GLY A 48 -3.26 3.46 11.05
CA GLY A 48 -3.62 3.25 12.44
C GLY A 48 -2.56 3.74 13.40
N LEU A 49 -1.31 3.73 12.95
CA LEU A 49 -0.19 4.16 13.77
C LEU A 49 0.26 5.57 13.39
N GLU A 50 -0.68 6.36 12.88
CA GLU A 50 -0.38 7.73 12.48
C GLU A 50 -0.11 8.61 13.70
N ASP A 51 -0.78 8.30 14.81
CA ASP A 51 -0.60 9.06 16.04
C ASP A 51 0.79 8.83 16.63
N THR A 52 1.25 7.58 16.58
CA THR A 52 2.56 7.23 17.12
C THR A 52 3.66 7.46 16.08
N GLU A 53 4.75 8.07 16.52
CA GLU A 53 5.88 8.35 15.62
C GLU A 53 6.76 7.13 15.46
N SER A 54 6.13 5.97 15.26
CA SER A 54 6.87 4.72 15.09
C SER A 54 6.06 3.72 14.25
N TYR A 55 6.65 2.55 14.01
CA TYR A 55 6.00 1.52 13.22
C TYR A 55 5.82 1.96 11.78
N ASP A 56 6.90 2.45 11.18
CA ASP A 56 6.86 2.91 9.80
C ASP A 56 7.91 2.18 8.95
N GLN A 57 7.63 2.04 7.66
CA GLN A 57 8.53 1.36 6.75
C GLN A 57 8.71 2.16 5.46
N TRP A 58 9.94 2.16 4.94
CA TRP A 58 10.24 2.89 3.71
C TRP A 58 10.43 1.93 2.54
N LEU A 59 9.93 2.33 1.38
CA LEU A 59 10.05 1.50 0.18
C LEU A 59 10.04 2.36 -1.08
N PHE A 60 10.56 1.81 -2.17
CA PHE A 60 10.61 2.52 -3.44
C PHE A 60 9.50 2.05 -4.38
N TYR A 61 8.98 2.98 -5.17
CA TYR A 61 7.90 2.66 -6.10
C TYR A 61 8.27 1.46 -6.96
N LEU A 62 9.55 1.31 -7.25
CA LEU A 62 10.03 0.19 -8.05
C LEU A 62 9.64 -1.14 -7.42
N ASP A 63 9.64 -1.18 -6.09
CA ASP A 63 9.29 -2.40 -5.37
C ASP A 63 8.17 -3.15 -6.09
N TYR A 64 8.10 -4.46 -5.85
CA TYR A 64 7.09 -5.29 -6.48
C TYR A 64 5.90 -5.51 -5.54
N ARG A 65 6.14 -5.31 -4.24
CA ARG A 65 5.09 -5.48 -3.25
C ARG A 65 4.26 -4.20 -3.10
N LEU A 66 4.03 -3.53 -4.22
CA LEU A 66 3.25 -2.30 -4.22
C LEU A 66 2.15 -2.35 -5.28
N ARG A 67 0.96 -2.80 -4.87
CA ARG A 67 -0.17 -2.91 -5.79
C ARG A 67 -1.29 -1.97 -5.36
N PRO A 68 -2.18 -1.64 -6.31
CA PRO A 68 -3.32 -0.74 -6.06
C PRO A 68 -4.37 -1.39 -5.17
N VAL A 69 -5.04 -0.56 -4.36
CA VAL A 69 -6.07 -1.06 -3.45
C VAL A 69 -7.23 -1.66 -4.23
N GLY A 70 -7.70 -2.83 -3.78
CA GLY A 70 -8.80 -3.48 -4.44
C GLY A 70 -8.45 -4.88 -4.90
N TRP A 71 -7.22 -5.07 -5.35
CA TRP A 71 -6.76 -6.37 -5.82
C TRP A 71 -6.88 -7.43 -4.72
N CYS A 72 -6.56 -7.03 -3.50
CA CYS A 72 -6.65 -7.95 -2.36
C CYS A 72 -8.03 -7.88 -1.72
N GLN A 73 -9.04 -7.58 -2.52
CA GLN A 73 -10.41 -7.49 -2.02
C GLN A 73 -11.12 -8.83 -2.14
N GLU A 74 -10.84 -9.56 -3.21
CA GLU A 74 -11.46 -10.86 -3.45
C GLU A 74 -11.22 -11.79 -2.25
N ASN A 75 -11.68 -13.03 -2.38
CA ASN A 75 -11.52 -14.02 -1.32
C ASN A 75 -10.14 -14.66 -1.37
N LYS A 76 -9.62 -14.83 -2.58
CA LYS A 76 -8.31 -15.44 -2.77
C LYS A 76 -7.28 -14.79 -1.85
N TYR A 77 -7.16 -13.48 -1.94
CA TYR A 77 -6.20 -12.74 -1.12
C TYR A 77 -6.84 -12.32 0.21
N ARG A 78 -6.00 -12.09 1.21
CA ARG A 78 -6.48 -11.69 2.53
C ARG A 78 -5.89 -10.34 2.93
N MET A 79 -6.63 -9.60 3.74
CA MET A 79 -6.19 -8.29 4.20
C MET A 79 -6.00 -8.27 5.71
N ASP A 80 -4.76 -8.39 6.15
CA ASP A 80 -4.44 -8.39 7.57
C ASP A 80 -3.04 -7.84 7.82
N PRO A 81 -2.92 -6.98 8.85
CA PRO A 81 -1.64 -6.36 9.21
C PRO A 81 -0.66 -7.37 9.81
N PRO A 82 0.60 -6.94 9.96
CA PRO A 82 1.66 -7.78 10.53
C PRO A 82 1.46 -8.06 12.01
N SER A 83 1.90 -9.23 12.46
CA SER A 83 1.76 -9.61 13.86
C SER A 83 2.58 -8.69 14.76
N GLU A 84 3.41 -7.85 14.14
CA GLU A 84 4.25 -6.92 14.88
C GLU A 84 3.40 -5.78 15.45
N ILE A 85 2.27 -5.51 14.81
CA ILE A 85 1.39 -4.43 15.25
C ILE A 85 0.00 -4.98 15.58
N TYR A 86 -0.44 -5.98 14.82
CA TYR A 86 -1.74 -6.59 15.03
C TYR A 86 -2.06 -6.69 16.52
N PRO A 87 -1.14 -7.28 17.28
CA PRO A 87 -1.30 -7.44 18.73
C PRO A 87 -1.22 -6.12 19.49
N LEU A 88 -0.47 -5.17 18.93
CA LEU A 88 -0.31 -3.87 19.55
C LEU A 88 -1.65 -3.17 19.71
N LYS A 89 -2.53 -3.35 18.72
CA LYS A 89 -3.86 -2.74 18.77
C LYS A 89 -4.94 -3.82 18.81
N MET A 90 -6.13 -3.43 19.27
CA MET A 90 -7.25 -4.35 19.36
C MET A 90 -7.80 -4.68 17.98
N ALA A 91 -8.02 -5.98 17.73
CA ALA A 91 -8.54 -6.42 16.44
C ALA A 91 -9.51 -5.40 15.86
N SER A 92 -10.30 -4.77 16.73
CA SER A 92 -11.28 -3.78 16.31
C SER A 92 -10.58 -2.54 15.75
N GLU A 93 -9.59 -2.04 16.48
CA GLU A 93 -8.84 -0.87 16.06
C GLU A 93 -8.40 -0.99 14.60
N TRP A 94 -7.58 -1.99 14.33
CA TRP A 94 -7.09 -2.23 12.97
C TRP A 94 -8.24 -2.24 11.97
N LYS A 95 -9.33 -2.91 12.32
CA LYS A 95 -10.50 -2.99 11.46
C LYS A 95 -11.07 -1.59 11.18
N CYS A 96 -11.09 -0.76 12.21
CA CYS A 96 -11.62 0.60 12.09
C CYS A 96 -10.87 1.36 11.01
N THR A 97 -9.56 1.55 11.22
CA THR A 97 -8.74 2.28 10.27
C THR A 97 -8.66 1.55 8.93
N LEU A 98 -8.85 0.23 8.98
CA LEU A 98 -8.81 -0.58 7.76
C LEU A 98 -9.94 -0.21 6.82
N GLU A 99 -11.12 0.05 7.38
CA GLU A 99 -12.28 0.42 6.57
C GLU A 99 -12.13 1.83 6.02
N LYS A 100 -12.05 2.80 6.91
CA LYS A 100 -11.90 4.20 6.50
C LYS A 100 -10.86 4.34 5.40
N SER A 101 -9.68 3.77 5.62
CA SER A 101 -8.61 3.84 4.64
C SER A 101 -9.11 3.50 3.25
N LEU A 102 -9.72 2.32 3.12
CA LEU A 102 -10.26 1.88 1.84
C LEU A 102 -10.97 3.01 1.12
N ILE A 103 -11.83 3.72 1.84
CA ILE A 103 -12.57 4.83 1.27
C ILE A 103 -11.62 5.91 0.75
N ASP A 104 -10.71 6.35 1.61
CA ASP A 104 -9.74 7.37 1.24
C ASP A 104 -9.12 7.08 -0.12
N ALA A 105 -8.82 5.80 -0.36
CA ALA A 105 -8.22 5.37 -1.61
C ALA A 105 -9.09 5.79 -2.80
N ALA A 106 -10.41 5.74 -2.61
CA ALA A 106 -11.34 6.12 -3.67
C ALA A 106 -11.42 7.64 -3.82
N LYS A 107 -10.82 8.35 -2.88
CA LYS A 107 -10.82 9.81 -2.92
C LYS A 107 -9.45 10.34 -3.35
N PHE A 108 -8.41 9.56 -3.11
CA PHE A 108 -7.06 9.95 -3.48
C PHE A 108 -6.32 8.80 -4.17
N PRO A 109 -7.02 8.13 -5.10
CA PRO A 109 -6.46 7.00 -5.84
C PRO A 109 -5.39 7.44 -6.83
N LEU A 110 -4.64 6.47 -7.36
CA LEU A 110 -3.58 6.76 -8.32
C LEU A 110 -3.81 6.01 -9.63
N PRO A 111 -3.20 6.52 -10.71
CA PRO A 111 -3.32 5.91 -12.04
C PRO A 111 -2.60 4.57 -12.14
N MET A 112 -2.92 3.81 -13.17
CA MET A 112 -2.31 2.49 -13.38
C MET A 112 -0.86 2.65 -13.85
N GLU A 113 -0.56 3.79 -14.46
CA GLU A 113 0.78 4.06 -14.97
C GLU A 113 1.83 3.73 -13.91
N VAL A 114 1.59 4.18 -12.69
CA VAL A 114 2.51 3.94 -11.58
C VAL A 114 2.83 2.45 -11.46
N PHE A 115 1.79 1.62 -11.50
CA PHE A 115 1.96 0.18 -11.38
C PHE A 115 1.82 -0.49 -12.74
N LYS A 116 2.60 -0.02 -13.72
CA LYS A 116 2.55 -0.57 -15.07
C LYS A 116 3.54 -1.73 -15.20
N ASP A 117 3.04 -2.95 -14.98
CA ASP A 117 3.86 -4.14 -15.08
C ASP A 117 3.09 -5.28 -15.73
N HIS A 118 3.65 -5.82 -16.82
CA HIS A 118 3.01 -6.91 -17.55
C HIS A 118 3.93 -7.43 -18.64
N ALA A 119 3.85 -8.73 -18.91
CA ALA A 119 4.67 -9.36 -19.94
C ALA A 119 3.97 -10.58 -20.53
N ASP A 120 4.57 -11.15 -21.57
CA ASP A 120 3.99 -12.32 -22.23
C ASP A 120 3.45 -13.31 -21.21
N LEU A 121 2.15 -13.52 -21.23
CA LEU A 121 1.49 -14.44 -20.30
C LEU A 121 0.62 -15.45 -21.06
N SER A 122 0.65 -16.69 -20.61
CA SER A 122 -0.13 -17.75 -21.24
C SER A 122 -0.51 -18.83 -20.22
N GLY A 123 -1.61 -19.53 -20.49
CA GLY A 123 -2.06 -20.58 -19.60
C GLY A 123 -3.38 -21.17 -20.02
N PRO A 124 -3.52 -22.50 -19.86
CA PRO A 124 -4.74 -23.22 -20.22
C PRO A 124 -5.92 -22.88 -19.31
N SER A 125 -7.13 -23.08 -19.81
CA SER A 125 -8.33 -22.80 -19.05
C SER A 125 -9.09 -24.08 -18.72
N SER A 126 -9.96 -24.01 -17.71
CA SER A 126 -10.75 -25.16 -17.30
C SER A 126 -12.10 -25.18 -17.99
N GLY A 127 -12.45 -26.32 -18.56
CA GLY A 127 -13.72 -26.45 -19.26
C GLY A 127 -14.85 -26.81 -18.32
N GLY A 1 5.58 20.73 -4.07
CA GLY A 1 5.70 20.35 -5.47
C GLY A 1 7.13 20.36 -5.95
N SER A 2 7.46 19.41 -6.83
CA SER A 2 8.81 19.31 -7.37
C SER A 2 8.81 18.60 -8.72
N SER A 3 9.57 19.12 -9.66
CA SER A 3 9.66 18.53 -10.99
C SER A 3 11.11 18.44 -11.46
N GLY A 4 11.53 17.23 -11.83
CA GLY A 4 12.88 17.01 -12.28
C GLY A 4 13.04 15.69 -13.02
N SER A 5 12.79 14.59 -12.32
CA SER A 5 12.93 13.27 -12.92
C SER A 5 11.61 12.84 -13.58
N SER A 6 11.50 13.07 -14.88
CA SER A 6 10.31 12.72 -15.62
C SER A 6 10.05 11.21 -15.55
N GLY A 7 9.13 10.82 -14.68
CA GLY A 7 8.81 9.41 -14.52
C GLY A 7 7.60 9.19 -13.63
N PRO A 8 7.50 7.98 -13.06
CA PRO A 8 6.38 7.62 -12.18
C PRO A 8 6.44 8.34 -10.84
N ILE A 9 7.66 8.57 -10.35
CA ILE A 9 7.85 9.26 -9.08
C ILE A 9 6.91 10.46 -8.96
N ASP A 10 6.89 11.29 -9.98
CA ASP A 10 6.03 12.47 -10.00
C ASP A 10 4.56 12.07 -9.86
N LEU A 11 4.18 10.99 -10.54
CA LEU A 11 2.80 10.52 -10.50
C LEU A 11 2.33 10.33 -9.06
N ILE A 12 3.20 9.75 -8.24
CA ILE A 12 2.87 9.53 -6.83
C ILE A 12 3.03 10.80 -6.01
N THR A 13 2.06 11.05 -5.14
CA THR A 13 2.09 12.24 -4.29
C THR A 13 1.83 11.89 -2.83
N VAL A 14 2.53 12.57 -1.93
CA VAL A 14 2.38 12.32 -0.50
C VAL A 14 0.92 12.15 -0.13
N GLY A 15 0.61 11.05 0.57
CA GLY A 15 -0.76 10.80 0.98
C GLY A 15 -1.37 9.62 0.24
N SER A 16 -0.97 9.43 -1.02
CA SER A 16 -1.49 8.34 -1.83
C SER A 16 -1.51 7.05 -1.04
N LEU A 17 -2.64 6.35 -1.08
CA LEU A 17 -2.80 5.09 -0.37
C LEU A 17 -2.32 3.92 -1.22
N ILE A 18 -1.60 3.00 -0.60
CA ILE A 18 -1.08 1.83 -1.30
C ILE A 18 -1.00 0.62 -0.37
N GLU A 19 -1.15 -0.57 -0.95
CA GLU A 19 -1.09 -1.80 -0.16
C GLU A 19 0.34 -2.31 -0.07
N LEU A 20 0.59 -3.20 0.91
CA LEU A 20 1.91 -3.76 1.11
C LEU A 20 1.82 -5.20 1.58
N GLN A 21 2.72 -6.05 1.08
CA GLN A 21 2.74 -7.45 1.46
C GLN A 21 3.41 -7.64 2.81
N ASP A 22 2.80 -8.49 3.65
CA ASP A 22 3.34 -8.76 4.98
C ASP A 22 4.86 -8.90 4.94
N SER A 23 5.52 -8.48 6.01
CA SER A 23 6.97 -8.55 6.09
C SER A 23 7.46 -9.95 5.72
N GLN A 24 6.66 -10.96 6.04
CA GLN A 24 7.01 -12.34 5.74
C GLN A 24 5.83 -13.09 5.13
N ASN A 25 4.67 -12.96 5.76
CA ASN A 25 3.45 -13.62 5.27
C ASN A 25 3.16 -13.21 3.83
N PRO A 26 3.35 -14.15 2.90
CA PRO A 26 3.10 -13.92 1.47
C PRO A 26 1.62 -13.77 1.16
N PHE A 27 0.79 -14.61 1.79
CA PHE A 27 -0.64 -14.56 1.58
C PHE A 27 -1.31 -13.58 2.54
N GLN A 28 -0.68 -12.43 2.74
CA GLN A 28 -1.20 -11.41 3.63
C GLN A 28 -0.70 -10.03 3.24
N TYR A 29 -1.59 -9.05 3.29
CA TYR A 29 -1.24 -7.68 2.93
C TYR A 29 -1.94 -6.68 3.85
N TRP A 30 -1.46 -5.43 3.83
CA TRP A 30 -2.04 -4.38 4.66
C TRP A 30 -2.13 -3.07 3.89
N ILE A 31 -2.95 -2.15 4.39
CA ILE A 31 -3.12 -0.85 3.75
C ILE A 31 -2.24 0.20 4.40
N VAL A 32 -1.52 0.96 3.57
CA VAL A 32 -0.63 2.00 4.07
C VAL A 32 -0.84 3.30 3.30
N SER A 33 -0.27 4.38 3.82
CA SER A 33 -0.39 5.69 3.18
C SER A 33 0.98 6.35 3.05
N VAL A 34 1.27 6.84 1.85
CA VAL A 34 2.55 7.50 1.59
C VAL A 34 2.77 8.68 2.54
N ILE A 35 3.81 8.58 3.35
CA ILE A 35 4.14 9.63 4.31
C ILE A 35 5.02 10.70 3.68
N GLU A 36 6.05 10.27 2.97
CA GLU A 36 6.96 11.19 2.31
C GLU A 36 7.56 10.56 1.05
N ASN A 37 7.82 11.39 0.05
CA ASN A 37 8.40 10.92 -1.21
C ASN A 37 9.72 11.63 -1.50
N VAL A 38 10.81 10.87 -1.44
CA VAL A 38 12.13 11.43 -1.71
C VAL A 38 12.79 10.75 -2.89
N GLY A 39 12.75 11.42 -4.05
CA GLY A 39 13.35 10.86 -5.25
C GLY A 39 12.90 9.44 -5.51
N GLY A 40 11.67 9.13 -5.11
CA GLY A 40 11.15 7.79 -5.32
C GLY A 40 11.07 6.99 -4.03
N ARG A 41 11.55 7.58 -2.94
CA ARG A 41 11.54 6.91 -1.64
C ARG A 41 10.24 7.22 -0.90
N LEU A 42 9.25 6.36 -1.07
CA LEU A 42 7.95 6.53 -0.41
C LEU A 42 7.96 5.89 0.97
N ARG A 43 7.77 6.70 2.00
CA ARG A 43 7.75 6.21 3.37
C ARG A 43 6.34 5.81 3.78
N LEU A 44 6.03 4.53 3.64
CA LEU A 44 4.71 4.01 3.99
C LEU A 44 4.60 3.79 5.50
N ARG A 45 3.37 3.83 6.01
CA ARG A 45 3.13 3.63 7.43
C ARG A 45 1.79 2.94 7.67
N TYR A 46 1.84 1.77 8.29
CA TYR A 46 0.63 1.01 8.57
C TYR A 46 -0.47 1.91 9.12
N VAL A 47 -1.64 1.87 8.49
CA VAL A 47 -2.77 2.68 8.92
C VAL A 47 -3.15 2.39 10.37
N GLY A 48 -3.51 3.43 11.09
CA GLY A 48 -3.88 3.27 12.49
C GLY A 48 -2.77 3.67 13.44
N LEU A 49 -1.53 3.52 12.99
CA LEU A 49 -0.37 3.87 13.80
C LEU A 49 0.18 5.22 13.41
N GLU A 50 -0.69 6.10 12.92
CA GLU A 50 -0.29 7.44 12.52
C GLU A 50 0.34 8.19 13.68
N ASP A 51 -0.24 8.05 14.86
CA ASP A 51 0.27 8.72 16.05
C ASP A 51 1.75 8.38 16.28
N THR A 52 2.04 7.09 16.40
CA THR A 52 3.41 6.63 16.62
C THR A 52 4.23 6.77 15.35
N GLU A 53 5.54 7.01 15.52
CA GLU A 53 6.44 7.16 14.39
C GLU A 53 7.62 6.19 14.51
N SER A 54 7.31 4.92 14.77
CA SER A 54 8.35 3.90 14.90
C SER A 54 8.03 2.70 14.02
N TYR A 55 6.76 2.36 13.93
CA TYR A 55 6.33 1.22 13.11
C TYR A 55 6.17 1.62 11.66
N ASP A 56 7.11 2.39 11.16
CA ASP A 56 7.08 2.85 9.77
C ASP A 56 8.08 2.08 8.92
N GLN A 57 7.95 2.21 7.60
CA GLN A 57 8.86 1.52 6.67
C GLN A 57 9.13 2.38 5.44
N TRP A 58 10.01 1.89 4.58
CA TRP A 58 10.37 2.62 3.36
C TRP A 58 10.42 1.69 2.16
N LEU A 59 9.97 2.18 1.01
CA LEU A 59 9.96 1.39 -0.22
C LEU A 59 10.16 2.28 -1.44
N PHE A 60 10.36 1.64 -2.59
CA PHE A 60 10.55 2.37 -3.84
C PHE A 60 9.44 2.06 -4.83
N TYR A 61 8.84 3.10 -5.39
CA TYR A 61 7.77 2.93 -6.36
C TYR A 61 8.02 1.72 -7.26
N LEU A 62 9.28 1.48 -7.57
CA LEU A 62 9.67 0.36 -8.42
C LEU A 62 9.32 -0.97 -7.74
N ASP A 63 9.71 -1.11 -6.48
CA ASP A 63 9.44 -2.32 -5.73
C ASP A 63 8.11 -2.93 -6.14
N TYR A 64 8.06 -4.26 -6.20
CA TYR A 64 6.85 -4.97 -6.59
C TYR A 64 5.82 -4.94 -5.46
N ARG A 65 6.28 -5.15 -4.23
CA ARG A 65 5.41 -5.15 -3.07
C ARG A 65 4.27 -4.13 -3.25
N LEU A 66 4.61 -2.96 -3.76
CA LEU A 66 3.62 -1.91 -3.97
C LEU A 66 2.51 -2.40 -4.90
N ARG A 67 1.28 -2.41 -4.39
CA ARG A 67 0.14 -2.85 -5.17
C ARG A 67 -1.07 -1.93 -4.94
N PRO A 68 -1.90 -1.78 -5.98
CA PRO A 68 -3.10 -0.94 -5.90
C PRO A 68 -4.18 -1.52 -5.00
N VAL A 69 -4.90 -0.65 -4.30
CA VAL A 69 -5.95 -1.10 -3.40
C VAL A 69 -7.16 -1.60 -4.18
N GLY A 70 -7.81 -2.63 -3.64
CA GLY A 70 -8.98 -3.19 -4.31
C GLY A 70 -8.75 -4.61 -4.78
N TRP A 71 -7.59 -4.86 -5.38
CA TRP A 71 -7.25 -6.18 -5.88
C TRP A 71 -7.37 -7.23 -4.77
N CYS A 72 -6.89 -6.88 -3.59
CA CYS A 72 -6.94 -7.79 -2.45
C CYS A 72 -8.39 -8.18 -2.14
N GLN A 73 -9.27 -7.20 -2.10
CA GLN A 73 -10.68 -7.45 -1.82
C GLN A 73 -11.13 -8.80 -2.39
N GLU A 74 -10.78 -9.04 -3.65
CA GLU A 74 -11.15 -10.29 -4.31
C GLU A 74 -10.73 -11.49 -3.47
N ASN A 75 -11.38 -12.62 -3.70
CA ASN A 75 -11.09 -13.84 -2.97
C ASN A 75 -9.77 -14.47 -3.45
N LYS A 76 -8.68 -13.73 -3.27
CA LYS A 76 -7.36 -14.20 -3.69
C LYS A 76 -6.38 -14.15 -2.52
N TYR A 77 -6.30 -12.99 -1.87
CA TYR A 77 -5.40 -12.82 -0.74
C TYR A 77 -6.15 -12.28 0.48
N ARG A 78 -5.51 -12.38 1.64
CA ARG A 78 -6.12 -11.91 2.89
C ARG A 78 -5.55 -10.54 3.28
N MET A 79 -6.42 -9.66 3.75
CA MET A 79 -6.00 -8.32 4.16
C MET A 79 -5.93 -8.24 5.68
N ASP A 80 -4.79 -8.66 6.24
CA ASP A 80 -4.59 -8.61 7.69
C ASP A 80 -3.21 -8.08 8.02
N PRO A 81 -3.13 -7.25 9.08
CA PRO A 81 -1.88 -6.66 9.54
C PRO A 81 -0.93 -7.69 10.14
N PRO A 82 0.35 -7.32 10.27
CA PRO A 82 1.38 -8.21 10.83
C PRO A 82 1.20 -8.42 12.33
N SER A 83 1.54 -9.61 12.80
CA SER A 83 1.41 -9.94 14.22
C SER A 83 2.26 -9.00 15.08
N GLU A 84 3.12 -8.23 14.41
CA GLU A 84 3.98 -7.29 15.12
C GLU A 84 3.19 -6.09 15.62
N ILE A 85 2.06 -5.82 14.97
CA ILE A 85 1.21 -4.69 15.36
C ILE A 85 -0.19 -5.17 15.74
N TYR A 86 -0.66 -6.21 15.05
CA TYR A 86 -1.98 -6.76 15.32
C TYR A 86 -2.29 -6.75 16.82
N PRO A 87 -1.36 -7.31 17.61
CA PRO A 87 -1.50 -7.38 19.07
C PRO A 87 -1.38 -6.01 19.73
N LEU A 88 -0.57 -5.14 19.13
CA LEU A 88 -0.36 -3.80 19.65
C LEU A 88 -1.68 -3.05 19.80
N LYS A 89 -2.54 -3.16 18.78
CA LYS A 89 -3.84 -2.51 18.81
C LYS A 89 -4.96 -3.54 18.90
N MET A 90 -6.14 -3.09 19.31
CA MET A 90 -7.29 -3.97 19.45
C MET A 90 -7.84 -4.35 18.07
N ALA A 91 -8.21 -5.62 17.92
CA ALA A 91 -8.75 -6.11 16.65
C ALA A 91 -9.69 -5.09 16.03
N SER A 92 -10.49 -4.42 16.86
CA SER A 92 -11.44 -3.43 16.38
C SER A 92 -10.71 -2.24 15.75
N GLU A 93 -9.64 -1.78 16.42
CA GLU A 93 -8.86 -0.66 15.92
C GLU A 93 -8.33 -0.94 14.52
N TRP A 94 -7.75 -2.13 14.34
CA TRP A 94 -7.20 -2.51 13.05
C TRP A 94 -8.30 -2.58 11.99
N LYS A 95 -9.46 -3.07 12.39
CA LYS A 95 -10.59 -3.18 11.47
C LYS A 95 -11.18 -1.81 11.15
N CYS A 96 -11.16 -0.92 12.14
CA CYS A 96 -11.69 0.42 11.96
C CYS A 96 -10.89 1.18 10.91
N THR A 97 -9.61 1.39 11.17
CA THR A 97 -8.75 2.11 10.24
C THR A 97 -8.64 1.37 8.91
N LEU A 98 -8.87 0.07 8.95
CA LEU A 98 -8.80 -0.76 7.74
C LEU A 98 -9.87 -0.35 6.74
N GLU A 99 -11.07 -0.11 7.24
CA GLU A 99 -12.19 0.28 6.39
C GLU A 99 -12.02 1.71 5.90
N LYS A 100 -12.02 2.67 6.82
CA LYS A 100 -11.86 4.08 6.47
C LYS A 100 -10.85 4.25 5.35
N SER A 101 -9.71 3.55 5.47
CA SER A 101 -8.66 3.63 4.47
C SER A 101 -9.18 3.21 3.10
N LEU A 102 -9.83 2.06 3.05
CA LEU A 102 -10.38 1.54 1.80
C LEU A 102 -11.15 2.63 1.05
N ILE A 103 -12.07 3.29 1.74
CA ILE A 103 -12.86 4.36 1.15
C ILE A 103 -11.97 5.48 0.64
N ASP A 104 -11.05 5.93 1.48
CA ASP A 104 -10.14 7.01 1.12
C ASP A 104 -9.41 6.67 -0.18
N ALA A 105 -9.02 5.41 -0.34
CA ALA A 105 -8.31 4.96 -1.52
C ALA A 105 -9.05 5.38 -2.79
N ALA A 106 -10.37 5.24 -2.77
CA ALA A 106 -11.20 5.62 -3.92
C ALA A 106 -11.36 7.13 -4.02
N LYS A 107 -10.97 7.83 -2.96
CA LYS A 107 -11.07 9.29 -2.93
C LYS A 107 -9.74 9.93 -3.29
N PHE A 108 -8.65 9.23 -3.01
CA PHE A 108 -7.32 9.73 -3.31
C PHE A 108 -6.47 8.66 -3.98
N PRO A 109 -7.07 7.95 -4.96
CA PRO A 109 -6.39 6.90 -5.70
C PRO A 109 -5.30 7.44 -6.62
N LEU A 110 -4.54 6.52 -7.22
CA LEU A 110 -3.46 6.91 -8.13
C LEU A 110 -3.69 6.32 -9.51
N PRO A 111 -3.09 6.97 -10.53
CA PRO A 111 -3.21 6.52 -11.93
C PRO A 111 -2.47 5.22 -12.19
N MET A 112 -3.19 4.21 -12.68
CA MET A 112 -2.60 2.92 -12.97
C MET A 112 -1.19 3.07 -13.54
N GLU A 113 -1.01 4.08 -14.39
CA GLU A 113 0.29 4.33 -14.99
C GLU A 113 1.42 4.00 -14.02
N VAL A 114 1.25 4.41 -12.77
CA VAL A 114 2.25 4.15 -11.73
C VAL A 114 2.63 2.68 -11.69
N PHE A 115 1.63 1.81 -11.60
CA PHE A 115 1.85 0.38 -11.54
C PHE A 115 1.69 -0.25 -12.93
N LYS A 116 2.21 0.41 -13.94
CA LYS A 116 2.12 -0.08 -15.31
C LYS A 116 3.52 -0.33 -15.90
N ASP A 117 3.94 -1.59 -15.87
CA ASP A 117 5.25 -1.96 -16.41
C ASP A 117 5.20 -3.33 -17.07
N HIS A 118 6.22 -3.64 -17.85
CA HIS A 118 6.30 -4.92 -18.54
C HIS A 118 6.27 -6.08 -17.56
N ALA A 119 6.95 -5.90 -16.42
CA ALA A 119 7.00 -6.94 -15.40
C ALA A 119 5.71 -7.74 -15.36
N ASP A 120 5.84 -9.03 -15.08
CA ASP A 120 4.68 -9.92 -15.01
C ASP A 120 3.99 -10.01 -16.37
N LEU A 121 4.78 -10.26 -17.41
CA LEU A 121 4.25 -10.36 -18.76
C LEU A 121 3.89 -11.81 -19.08
N SER A 122 3.41 -12.53 -18.08
CA SER A 122 3.04 -13.93 -18.25
C SER A 122 1.57 -14.15 -17.89
N GLY A 123 0.95 -15.15 -18.52
CA GLY A 123 -0.45 -15.43 -18.24
C GLY A 123 -0.98 -16.57 -19.09
N PRO A 124 -0.43 -17.78 -18.89
CA PRO A 124 -0.84 -18.97 -19.65
C PRO A 124 -2.24 -19.43 -19.27
N SER A 125 -3.23 -18.99 -20.02
CA SER A 125 -4.62 -19.35 -19.76
C SER A 125 -5.02 -19.00 -18.33
N SER A 126 -4.61 -17.82 -17.88
CA SER A 126 -4.93 -17.36 -16.53
C SER A 126 -5.13 -15.85 -16.50
N GLY A 127 -6.24 -15.42 -15.91
CA GLY A 127 -6.53 -14.01 -15.82
C GLY A 127 -6.93 -13.41 -17.16
N GLY A 1 14.89 20.66 -6.18
CA GLY A 1 16.13 20.37 -6.86
C GLY A 1 15.98 20.41 -8.36
N SER A 2 17.10 20.21 -9.07
CA SER A 2 17.09 20.23 -10.53
C SER A 2 16.28 19.07 -11.08
N SER A 3 14.96 19.25 -11.15
CA SER A 3 14.07 18.23 -11.65
C SER A 3 13.35 18.69 -12.92
N GLY A 4 12.64 17.77 -13.56
CA GLY A 4 11.93 18.10 -14.78
C GLY A 4 11.99 17.00 -15.82
N SER A 5 11.60 15.80 -15.43
CA SER A 5 11.62 14.66 -16.32
C SER A 5 10.40 13.75 -16.09
N SER A 6 10.03 13.00 -17.12
CA SER A 6 8.89 12.10 -17.04
C SER A 6 9.19 10.93 -16.11
N GLY A 7 8.19 10.49 -15.37
CA GLY A 7 8.36 9.37 -14.46
C GLY A 7 7.21 9.21 -13.49
N PRO A 8 7.10 8.02 -12.88
CA PRO A 8 6.03 7.71 -11.93
C PRO A 8 6.18 8.49 -10.62
N ILE A 9 7.41 8.64 -10.17
CA ILE A 9 7.68 9.36 -8.93
C ILE A 9 6.75 10.55 -8.77
N ASP A 10 6.77 11.44 -9.75
CA ASP A 10 5.92 12.63 -9.72
C ASP A 10 4.46 12.24 -9.54
N LEU A 11 4.02 11.24 -10.29
CA LEU A 11 2.64 10.77 -10.21
C LEU A 11 2.22 10.54 -8.77
N ILE A 12 3.10 9.93 -8.00
CA ILE A 12 2.82 9.66 -6.59
C ILE A 12 2.98 10.91 -5.74
N THR A 13 2.01 11.15 -4.86
CA THR A 13 2.03 12.32 -3.99
C THR A 13 1.79 11.92 -2.54
N VAL A 14 2.64 12.42 -1.64
CA VAL A 14 2.51 12.12 -0.22
C VAL A 14 1.05 12.02 0.18
N GLY A 15 0.73 10.96 0.93
CA GLY A 15 -0.64 10.76 1.38
C GLY A 15 -1.34 9.64 0.63
N SER A 16 -1.03 9.50 -0.65
CA SER A 16 -1.63 8.46 -1.48
C SER A 16 -1.61 7.11 -0.76
N LEU A 17 -2.78 6.47 -0.69
CA LEU A 17 -2.90 5.18 -0.03
C LEU A 17 -2.52 4.04 -0.97
N ILE A 18 -1.70 3.13 -0.49
CA ILE A 18 -1.26 1.98 -1.29
C ILE A 18 -1.20 0.71 -0.45
N GLU A 19 -1.39 -0.43 -1.11
CA GLU A 19 -1.35 -1.71 -0.43
C GLU A 19 0.04 -2.31 -0.46
N LEU A 20 0.32 -3.23 0.46
CA LEU A 20 1.62 -3.88 0.53
C LEU A 20 1.47 -5.36 0.88
N GLN A 21 2.54 -6.12 0.65
CA GLN A 21 2.53 -7.55 0.94
C GLN A 21 3.48 -7.89 2.09
N ASP A 22 3.14 -8.92 2.85
CA ASP A 22 3.96 -9.35 3.98
C ASP A 22 5.15 -10.18 3.50
N SER A 23 6.34 -9.59 3.55
CA SER A 23 7.55 -10.28 3.13
C SER A 23 7.54 -11.73 3.58
N GLN A 24 7.04 -11.97 4.78
CA GLN A 24 6.97 -13.32 5.33
C GLN A 24 5.79 -14.08 4.75
N ASN A 25 4.58 -13.61 5.06
CA ASN A 25 3.37 -14.25 4.57
C ASN A 25 3.03 -13.77 3.16
N PRO A 26 3.15 -14.68 2.18
CA PRO A 26 2.86 -14.38 0.78
C PRO A 26 1.37 -14.16 0.52
N PHE A 27 0.55 -15.00 1.14
CA PHE A 27 -0.90 -14.89 0.99
C PHE A 27 -1.49 -13.92 1.99
N GLN A 28 -0.85 -12.77 2.15
CA GLN A 28 -1.31 -11.76 3.10
C GLN A 28 -0.86 -10.37 2.66
N TYR A 29 -1.72 -9.39 2.89
CA TYR A 29 -1.42 -8.01 2.52
C TYR A 29 -2.07 -7.01 3.48
N TRP A 30 -1.61 -5.77 3.45
CA TRP A 30 -2.16 -4.74 4.31
C TRP A 30 -2.20 -3.39 3.60
N ILE A 31 -2.91 -2.43 4.19
CA ILE A 31 -3.03 -1.11 3.60
C ILE A 31 -2.09 -0.12 4.27
N VAL A 32 -1.41 0.69 3.45
CA VAL A 32 -0.47 1.67 3.96
C VAL A 32 -0.70 3.03 3.32
N SER A 33 -0.04 4.06 3.85
CA SER A 33 -0.16 5.41 3.33
C SER A 33 1.20 6.07 3.16
N VAL A 34 1.40 6.74 2.03
CA VAL A 34 2.66 7.41 1.74
C VAL A 34 2.95 8.49 2.77
N ILE A 35 4.11 8.42 3.41
CA ILE A 35 4.51 9.39 4.41
C ILE A 35 5.39 10.47 3.81
N GLU A 36 6.35 10.05 2.98
CA GLU A 36 7.26 10.98 2.34
C GLU A 36 7.81 10.40 1.05
N ASN A 37 7.90 11.24 0.02
CA ASN A 37 8.41 10.81 -1.28
C ASN A 37 9.66 11.58 -1.67
N VAL A 38 10.79 10.89 -1.69
CA VAL A 38 12.07 11.53 -2.05
C VAL A 38 12.73 10.82 -3.22
N GLY A 39 12.52 11.35 -4.41
CA GLY A 39 13.10 10.75 -5.60
C GLY A 39 12.72 9.29 -5.77
N GLY A 40 11.49 8.96 -5.37
CA GLY A 40 11.02 7.59 -5.48
C GLY A 40 10.98 6.88 -4.14
N ARG A 41 11.51 7.53 -3.12
CA ARG A 41 11.53 6.96 -1.78
C ARG A 41 10.21 7.20 -1.06
N LEU A 42 9.29 6.25 -1.18
CA LEU A 42 7.98 6.37 -0.54
C LEU A 42 7.99 5.70 0.83
N ARG A 43 7.86 6.50 1.88
CA ARG A 43 7.86 5.99 3.24
C ARG A 43 6.45 5.55 3.65
N LEU A 44 6.13 4.28 3.40
CA LEU A 44 4.82 3.75 3.74
C LEU A 44 4.71 3.51 5.24
N ARG A 45 3.50 3.70 5.77
CA ARG A 45 3.25 3.51 7.19
C ARG A 45 1.89 2.86 7.43
N TYR A 46 1.89 1.64 7.97
CA TYR A 46 0.65 0.93 8.23
C TYR A 46 -0.44 1.87 8.72
N VAL A 47 -1.66 1.65 8.25
CA VAL A 47 -2.79 2.49 8.64
C VAL A 47 -3.25 2.16 10.05
N GLY A 48 -3.57 3.21 10.81
CA GLY A 48 -4.03 3.02 12.17
C GLY A 48 -2.98 3.43 13.19
N LEU A 49 -1.71 3.24 12.85
CA LEU A 49 -0.61 3.59 13.74
C LEU A 49 -0.26 5.07 13.61
N GLU A 50 -0.83 5.73 12.61
CA GLU A 50 -0.57 7.15 12.38
C GLU A 50 -0.38 7.88 13.70
N ASP A 51 -1.16 7.50 14.70
CA ASP A 51 -1.08 8.12 16.02
C ASP A 51 0.36 8.17 16.51
N THR A 52 1.03 7.02 16.48
CA THR A 52 2.42 6.93 16.92
C THR A 52 3.38 7.32 15.81
N GLU A 53 4.55 7.83 16.19
CA GLU A 53 5.55 8.25 15.22
C GLU A 53 6.57 7.13 14.99
N SER A 54 6.08 5.91 14.81
CA SER A 54 6.94 4.76 14.59
C SER A 54 6.20 3.67 13.82
N TYR A 55 6.88 2.54 13.62
CA TYR A 55 6.28 1.42 12.90
C TYR A 55 6.03 1.78 11.44
N ASP A 56 7.06 2.27 10.77
CA ASP A 56 6.95 2.66 9.36
C ASP A 56 7.85 1.80 8.49
N GLN A 57 7.87 2.08 7.19
CA GLN A 57 8.67 1.32 6.25
C GLN A 57 8.99 2.16 5.02
N TRP A 58 10.14 1.90 4.40
CA TRP A 58 10.56 2.63 3.21
C TRP A 58 10.65 1.70 2.00
N LEU A 59 10.10 2.15 0.87
CA LEU A 59 10.13 1.35 -0.35
C LEU A 59 10.13 2.26 -1.58
N PHE A 60 10.58 1.71 -2.71
CA PHE A 60 10.63 2.46 -3.95
C PHE A 60 9.45 2.10 -4.86
N TYR A 61 8.83 3.11 -5.44
CA TYR A 61 7.69 2.90 -6.32
C TYR A 61 7.92 1.71 -7.24
N LEU A 62 9.12 1.63 -7.81
CA LEU A 62 9.47 0.54 -8.70
C LEU A 62 9.06 -0.81 -8.11
N ASP A 63 9.45 -1.04 -6.86
CA ASP A 63 9.13 -2.29 -6.17
C ASP A 63 7.75 -2.80 -6.60
N TYR A 64 7.65 -4.10 -6.82
CA TYR A 64 6.39 -4.70 -7.23
C TYR A 64 5.40 -4.74 -6.07
N ARG A 65 5.87 -5.16 -4.90
CA ARG A 65 5.02 -5.23 -3.72
C ARG A 65 4.01 -4.09 -3.70
N LEU A 66 4.46 -2.89 -4.05
CA LEU A 66 3.60 -1.72 -4.07
C LEU A 66 2.40 -1.95 -4.98
N ARG A 67 1.28 -2.37 -4.37
CA ARG A 67 0.06 -2.63 -5.13
C ARG A 67 -1.01 -1.62 -4.78
N PRO A 68 -1.69 -1.11 -5.81
CA PRO A 68 -2.76 -0.10 -5.64
C PRO A 68 -4.01 -0.70 -4.99
N VAL A 69 -4.65 0.08 -4.12
CA VAL A 69 -5.85 -0.37 -3.43
C VAL A 69 -6.97 -0.66 -4.41
N GLY A 70 -7.51 -1.88 -4.35
CA GLY A 70 -8.59 -2.26 -5.25
C GLY A 70 -8.47 -3.70 -5.72
N TRP A 71 -7.25 -4.13 -5.99
CA TRP A 71 -7.00 -5.49 -6.45
C TRP A 71 -7.76 -6.50 -5.59
N CYS A 72 -7.73 -6.28 -4.28
CA CYS A 72 -8.42 -7.17 -3.34
C CYS A 72 -9.87 -7.38 -3.75
N GLN A 73 -10.53 -6.30 -4.13
CA GLN A 73 -11.93 -6.36 -4.55
C GLN A 73 -12.21 -7.65 -5.30
N GLU A 74 -13.46 -8.10 -5.26
CA GLU A 74 -13.86 -9.32 -5.94
C GLU A 74 -13.04 -10.52 -5.45
N ASN A 75 -12.52 -10.41 -4.23
CA ASN A 75 -11.72 -11.47 -3.64
C ASN A 75 -11.44 -11.20 -2.17
N LYS A 76 -12.11 -11.93 -1.29
CA LYS A 76 -11.92 -11.77 0.14
C LYS A 76 -10.61 -12.41 0.60
N TYR A 77 -9.53 -12.07 -0.09
CA TYR A 77 -8.21 -12.61 0.25
C TYR A 77 -7.90 -12.37 1.72
N ARG A 78 -6.69 -12.77 2.13
CA ARG A 78 -6.26 -12.61 3.51
C ARG A 78 -5.67 -11.21 3.73
N MET A 79 -6.46 -10.35 4.38
CA MET A 79 -6.02 -8.99 4.65
C MET A 79 -5.87 -8.76 6.15
N ASP A 80 -4.78 -9.24 6.72
CA ASP A 80 -4.52 -9.09 8.15
C ASP A 80 -3.12 -8.55 8.39
N PRO A 81 -3.01 -7.58 9.32
CA PRO A 81 -1.73 -6.96 9.67
C PRO A 81 -0.81 -7.92 10.42
N PRO A 82 0.45 -7.51 10.60
CA PRO A 82 1.46 -8.31 11.30
C PRO A 82 1.17 -8.41 12.80
N SER A 83 1.53 -9.54 13.39
CA SER A 83 1.31 -9.77 14.81
C SER A 83 2.14 -8.78 15.65
N GLU A 84 3.02 -8.05 14.98
CA GLU A 84 3.87 -7.08 15.65
C GLU A 84 3.07 -5.83 16.05
N ILE A 85 2.03 -5.54 15.28
CA ILE A 85 1.19 -4.38 15.54
C ILE A 85 -0.21 -4.81 15.98
N TYR A 86 -0.70 -5.90 15.40
CA TYR A 86 -2.02 -6.41 15.74
C TYR A 86 -2.32 -6.25 17.22
N PRO A 87 -1.39 -6.74 18.06
CA PRO A 87 -1.53 -6.66 19.52
C PRO A 87 -1.39 -5.24 20.04
N LEU A 88 -0.59 -4.44 19.34
CA LEU A 88 -0.37 -3.05 19.73
C LEU A 88 -1.68 -2.28 19.82
N LYS A 89 -2.59 -2.56 18.88
CA LYS A 89 -3.89 -1.91 18.85
C LYS A 89 -5.01 -2.93 19.06
N MET A 90 -6.19 -2.42 19.43
CA MET A 90 -7.34 -3.29 19.66
C MET A 90 -7.83 -3.91 18.35
N ALA A 91 -8.19 -5.19 18.41
CA ALA A 91 -8.68 -5.89 17.23
C ALA A 91 -9.63 -5.02 16.43
N SER A 92 -10.47 -4.27 17.12
CA SER A 92 -11.44 -3.39 16.46
C SER A 92 -10.73 -2.20 15.82
N GLU A 93 -9.73 -1.67 16.51
CA GLU A 93 -8.97 -0.52 16.01
C GLU A 93 -8.43 -0.80 14.61
N TRP A 94 -7.84 -1.98 14.44
CA TRP A 94 -7.28 -2.37 13.15
C TRP A 94 -8.37 -2.50 12.09
N LYS A 95 -9.51 -3.05 12.49
CA LYS A 95 -10.64 -3.22 11.57
C LYS A 95 -11.25 -1.88 11.21
N CYS A 96 -11.26 -0.96 12.17
CA CYS A 96 -11.83 0.37 11.94
C CYS A 96 -11.04 1.11 10.86
N THR A 97 -9.78 1.39 11.13
CA THR A 97 -8.93 2.10 10.19
C THR A 97 -8.78 1.32 8.89
N LEU A 98 -8.94 0.01 8.98
CA LEU A 98 -8.81 -0.86 7.81
C LEU A 98 -9.90 -0.55 6.79
N GLU A 99 -11.13 -0.34 7.28
CA GLU A 99 -12.26 -0.04 6.41
C GLU A 99 -12.13 1.37 5.83
N LYS A 100 -12.21 2.36 6.71
CA LYS A 100 -12.12 3.76 6.30
C LYS A 100 -11.02 3.94 5.25
N SER A 101 -9.84 3.40 5.54
CA SER A 101 -8.71 3.50 4.62
C SER A 101 -9.11 3.08 3.21
N LEU A 102 -9.75 1.93 3.10
CA LEU A 102 -10.19 1.42 1.80
C LEU A 102 -10.96 2.49 1.03
N ILE A 103 -11.93 3.11 1.70
CA ILE A 103 -12.73 4.15 1.08
C ILE A 103 -11.87 5.34 0.65
N ASP A 104 -10.93 5.71 1.51
CA ASP A 104 -10.04 6.83 1.22
C ASP A 104 -9.28 6.59 -0.08
N ALA A 105 -8.77 5.38 -0.25
CA ALA A 105 -8.02 5.02 -1.45
C ALA A 105 -8.82 5.36 -2.71
N ALA A 106 -10.12 5.14 -2.66
CA ALA A 106 -10.99 5.43 -3.79
C ALA A 106 -11.22 6.93 -3.95
N LYS A 107 -10.88 7.68 -2.91
CA LYS A 107 -11.05 9.13 -2.93
C LYS A 107 -9.77 9.82 -3.37
N PHE A 108 -8.63 9.23 -3.01
CA PHE A 108 -7.33 9.79 -3.37
C PHE A 108 -6.43 8.72 -4.01
N PRO A 109 -7.01 7.93 -4.93
CA PRO A 109 -6.28 6.87 -5.61
C PRO A 109 -5.25 7.40 -6.59
N LEU A 110 -4.39 6.52 -7.08
CA LEU A 110 -3.35 6.91 -8.03
C LEU A 110 -3.54 6.23 -9.37
N PRO A 111 -3.02 6.86 -10.43
CA PRO A 111 -3.13 6.32 -11.80
C PRO A 111 -2.28 5.06 -12.00
N MET A 112 -2.94 3.97 -12.41
CA MET A 112 -2.25 2.71 -12.64
C MET A 112 -0.85 2.94 -13.21
N GLU A 113 -0.75 3.89 -14.15
CA GLU A 113 0.53 4.21 -14.77
C GLU A 113 1.67 4.11 -13.76
N VAL A 114 1.47 4.71 -12.59
CA VAL A 114 2.47 4.69 -11.53
C VAL A 114 3.20 3.35 -11.50
N PHE A 115 2.48 2.30 -11.12
CA PHE A 115 3.06 0.97 -11.03
C PHE A 115 2.99 0.26 -12.39
N LYS A 116 1.82 0.32 -13.02
CA LYS A 116 1.62 -0.31 -14.32
C LYS A 116 2.89 -0.24 -15.16
N ASP A 117 3.57 -1.37 -15.29
CA ASP A 117 4.80 -1.44 -16.07
C ASP A 117 4.73 -2.54 -17.12
N HIS A 118 5.76 -2.66 -17.94
CA HIS A 118 5.82 -3.67 -18.98
C HIS A 118 5.75 -5.07 -18.38
N ALA A 119 5.42 -6.06 -19.21
CA ALA A 119 5.31 -7.43 -18.76
C ALA A 119 4.29 -7.57 -17.65
N ASP A 120 3.20 -6.82 -17.75
CA ASP A 120 2.14 -6.86 -16.75
C ASP A 120 0.78 -7.07 -17.40
N LEU A 121 0.78 -7.28 -18.71
CA LEU A 121 -0.45 -7.50 -19.46
C LEU A 121 -0.69 -8.97 -19.71
N SER A 122 -1.74 -9.28 -20.46
CA SER A 122 -2.08 -10.67 -20.77
C SER A 122 -1.73 -11.59 -19.60
N GLY A 123 -2.02 -11.14 -18.39
CA GLY A 123 -1.73 -11.94 -17.21
C GLY A 123 -2.95 -12.66 -16.68
N PRO A 124 -3.85 -11.91 -16.04
CA PRO A 124 -5.09 -12.46 -15.46
C PRO A 124 -6.08 -12.90 -16.54
N SER A 125 -6.53 -14.15 -16.43
CA SER A 125 -7.48 -14.69 -17.40
C SER A 125 -8.91 -14.42 -16.95
N SER A 126 -9.27 -14.93 -15.78
CA SER A 126 -10.61 -14.75 -15.24
C SER A 126 -11.14 -13.36 -15.54
N GLY A 127 -10.40 -12.34 -15.12
CA GLY A 127 -10.80 -10.97 -15.35
C GLY A 127 -11.57 -10.38 -14.18
N GLY A 1 11.25 18.56 -0.40
CA GLY A 1 12.52 18.18 -0.99
C GLY A 1 12.59 18.50 -2.47
N SER A 2 13.77 18.35 -3.06
CA SER A 2 13.97 18.63 -4.48
C SER A 2 14.13 17.34 -5.27
N SER A 3 13.01 16.72 -5.63
CA SER A 3 13.05 15.47 -6.38
C SER A 3 12.85 15.74 -7.87
N GLY A 4 13.82 15.31 -8.68
CA GLY A 4 13.73 15.51 -10.11
C GLY A 4 12.75 14.56 -10.76
N SER A 5 11.75 15.13 -11.43
CA SER A 5 10.73 14.32 -12.10
C SER A 5 11.36 13.40 -13.14
N SER A 6 11.34 12.10 -12.86
CA SER A 6 11.93 11.12 -13.76
C SER A 6 10.85 10.47 -14.62
N GLY A 7 9.83 9.90 -13.97
CA GLY A 7 8.75 9.25 -14.69
C GLY A 7 7.50 9.08 -13.84
N PRO A 8 7.34 7.88 -13.25
CA PRO A 8 6.20 7.56 -12.41
C PRO A 8 6.23 8.32 -11.08
N ILE A 9 7.43 8.49 -10.53
CA ILE A 9 7.60 9.19 -9.27
C ILE A 9 6.67 10.40 -9.17
N ASP A 10 6.72 11.25 -10.19
CA ASP A 10 5.89 12.44 -10.24
C ASP A 10 4.41 12.08 -10.02
N LEU A 11 3.99 10.99 -10.62
CA LEU A 11 2.61 10.53 -10.50
C LEU A 11 2.23 10.35 -9.03
N ILE A 12 3.14 9.77 -8.26
CA ILE A 12 2.89 9.53 -6.84
C ILE A 12 3.07 10.82 -6.04
N THR A 13 2.16 11.03 -5.09
CA THR A 13 2.21 12.23 -4.24
C THR A 13 1.90 11.88 -2.79
N VAL A 14 2.65 12.48 -1.87
CA VAL A 14 2.45 12.25 -0.45
C VAL A 14 0.97 12.09 -0.12
N GLY A 15 0.66 11.03 0.63
CA GLY A 15 -0.72 10.78 1.00
C GLY A 15 -1.33 9.62 0.23
N SER A 16 -0.95 9.49 -1.03
CA SER A 16 -1.47 8.42 -1.89
C SER A 16 -1.51 7.09 -1.12
N LEU A 17 -2.65 6.42 -1.20
CA LEU A 17 -2.82 5.14 -0.52
C LEU A 17 -2.35 3.98 -1.40
N ILE A 18 -1.63 3.04 -0.80
CA ILE A 18 -1.13 1.89 -1.53
C ILE A 18 -1.15 0.63 -0.65
N GLU A 19 -1.11 -0.53 -1.30
CA GLU A 19 -1.13 -1.81 -0.58
C GLU A 19 0.29 -2.32 -0.37
N LEU A 20 0.44 -3.25 0.57
CA LEU A 20 1.74 -3.83 0.88
C LEU A 20 1.61 -5.32 1.21
N GLN A 21 2.71 -6.04 1.08
CA GLN A 21 2.73 -7.47 1.37
C GLN A 21 3.51 -7.76 2.64
N ASP A 22 2.94 -8.59 3.51
CA ASP A 22 3.59 -8.95 4.77
C ASP A 22 4.87 -9.75 4.51
N SER A 23 5.97 -9.27 5.07
CA SER A 23 7.26 -9.94 4.90
C SER A 23 7.19 -11.40 5.36
N GLN A 24 6.45 -11.63 6.44
CA GLN A 24 6.30 -12.98 6.98
C GLN A 24 5.43 -13.84 6.06
N ASN A 25 4.22 -13.38 5.79
CA ASN A 25 3.29 -14.09 4.93
C ASN A 25 3.10 -13.37 3.61
N PRO A 26 3.16 -14.12 2.50
CA PRO A 26 2.99 -13.56 1.16
C PRO A 26 1.56 -13.12 0.89
N PHE A 27 0.61 -14.01 1.16
CA PHE A 27 -0.80 -13.72 0.95
C PHE A 27 -1.26 -12.57 1.84
N GLN A 28 -0.74 -12.55 3.07
CA GLN A 28 -1.09 -11.51 4.02
C GLN A 28 -0.69 -10.14 3.51
N TYR A 29 -1.66 -9.23 3.40
CA TYR A 29 -1.40 -7.88 2.92
C TYR A 29 -1.92 -6.84 3.91
N TRP A 30 -1.82 -5.57 3.52
CA TRP A 30 -2.28 -4.48 4.38
C TRP A 30 -2.37 -3.17 3.60
N ILE A 31 -3.06 -2.19 4.16
CA ILE A 31 -3.21 -0.90 3.52
C ILE A 31 -2.36 0.17 4.20
N VAL A 32 -1.59 0.91 3.40
CA VAL A 32 -0.73 1.96 3.94
C VAL A 32 -0.94 3.27 3.19
N SER A 33 -0.34 4.34 3.69
CA SER A 33 -0.46 5.66 3.06
C SER A 33 0.90 6.33 2.96
N VAL A 34 1.21 6.84 1.77
CA VAL A 34 2.48 7.52 1.54
C VAL A 34 2.71 8.63 2.55
N ILE A 35 3.78 8.52 3.32
CA ILE A 35 4.10 9.52 4.33
C ILE A 35 5.06 10.57 3.77
N GLU A 36 6.08 10.12 3.05
CA GLU A 36 7.06 11.02 2.46
C GLU A 36 7.70 10.40 1.22
N ASN A 37 7.85 11.20 0.17
CA ASN A 37 8.45 10.72 -1.07
C ASN A 37 9.74 11.46 -1.37
N VAL A 38 10.87 10.75 -1.23
CA VAL A 38 12.18 11.34 -1.49
C VAL A 38 12.86 10.68 -2.68
N GLY A 39 12.69 11.27 -3.85
CA GLY A 39 13.30 10.72 -5.06
C GLY A 39 12.87 9.29 -5.31
N GLY A 40 11.62 8.98 -5.00
CA GLY A 40 11.11 7.64 -5.21
C GLY A 40 11.03 6.85 -3.92
N ARG A 41 11.53 7.42 -2.83
CA ARG A 41 11.50 6.76 -1.54
C ARG A 41 10.20 7.06 -0.80
N LEU A 42 9.28 6.10 -0.83
CA LEU A 42 7.99 6.26 -0.17
C LEU A 42 8.01 5.62 1.22
N ARG A 43 7.59 6.39 2.21
CA ARG A 43 7.56 5.91 3.59
C ARG A 43 6.15 5.47 3.98
N LEU A 44 5.85 4.20 3.74
CA LEU A 44 4.52 3.66 4.07
C LEU A 44 4.39 3.43 5.58
N ARG A 45 3.22 3.76 6.11
CA ARG A 45 2.97 3.58 7.54
C ARG A 45 1.66 2.83 7.77
N TYR A 46 1.74 1.69 8.45
CA TYR A 46 0.58 0.88 8.73
C TYR A 46 -0.56 1.73 9.31
N VAL A 47 -1.63 1.88 8.54
CA VAL A 47 -2.78 2.66 8.98
C VAL A 47 -3.17 2.32 10.42
N GLY A 48 -3.42 3.36 11.22
CA GLY A 48 -3.80 3.16 12.60
C GLY A 48 -2.74 3.64 13.57
N LEU A 49 -1.49 3.70 13.11
CA LEU A 49 -0.38 4.16 13.94
C LEU A 49 0.03 5.59 13.57
N GLU A 50 -0.92 6.34 13.02
CA GLU A 50 -0.65 7.72 12.62
C GLU A 50 -0.27 8.57 13.83
N ASP A 51 -0.80 8.21 14.99
CA ASP A 51 -0.52 8.93 16.23
C ASP A 51 0.91 8.65 16.70
N THR A 52 1.25 7.37 16.83
CA THR A 52 2.57 6.97 17.28
C THR A 52 3.62 7.27 16.22
N GLU A 53 4.75 7.85 16.65
CA GLU A 53 5.82 8.19 15.75
C GLU A 53 6.77 7.00 15.55
N SER A 54 6.20 5.84 15.26
CA SER A 54 6.98 4.63 15.05
C SER A 54 6.20 3.60 14.24
N TYR A 55 6.79 2.42 14.06
CA TYR A 55 6.14 1.36 13.30
C TYR A 55 5.93 1.78 11.85
N ASP A 56 6.98 2.31 11.24
CA ASP A 56 6.90 2.75 9.84
C ASP A 56 7.76 1.86 8.95
N GLN A 57 7.61 2.02 7.65
CA GLN A 57 8.38 1.24 6.68
C GLN A 57 8.58 2.01 5.38
N TRP A 58 9.79 1.93 4.84
CA TRP A 58 10.12 2.63 3.60
C TRP A 58 10.25 1.64 2.44
N LEU A 59 9.85 2.08 1.25
CA LEU A 59 9.93 1.24 0.07
C LEU A 59 10.14 2.08 -1.19
N PHE A 60 10.61 1.43 -2.25
CA PHE A 60 10.87 2.13 -3.51
C PHE A 60 9.76 1.85 -4.52
N TYR A 61 9.08 2.90 -4.96
CA TYR A 61 7.99 2.77 -5.92
C TYR A 61 8.29 1.66 -6.93
N LEU A 62 9.57 1.46 -7.21
CA LEU A 62 9.99 0.44 -8.16
C LEU A 62 10.05 -0.93 -7.50
N ASP A 63 9.09 -1.20 -6.62
CA ASP A 63 9.03 -2.48 -5.91
C ASP A 63 7.95 -3.38 -6.51
N TYR A 64 7.89 -4.61 -6.03
CA TYR A 64 6.91 -5.59 -6.51
C TYR A 64 5.74 -5.70 -5.54
N ARG A 65 5.97 -5.31 -4.30
CA ARG A 65 4.94 -5.37 -3.27
C ARG A 65 4.13 -4.07 -3.22
N LEU A 66 3.81 -3.55 -4.39
CA LEU A 66 3.04 -2.30 -4.49
C LEU A 66 1.82 -2.48 -5.37
N ARG A 67 0.64 -2.43 -4.76
CA ARG A 67 -0.61 -2.59 -5.50
C ARG A 67 -1.64 -1.56 -5.04
N PRO A 68 -2.60 -1.24 -5.92
CA PRO A 68 -3.67 -0.29 -5.63
C PRO A 68 -4.66 -0.83 -4.59
N VAL A 69 -5.14 0.06 -3.73
CA VAL A 69 -6.10 -0.32 -2.70
C VAL A 69 -7.39 -0.85 -3.31
N GLY A 70 -8.04 -1.78 -2.61
CA GLY A 70 -9.28 -2.35 -3.11
C GLY A 70 -9.10 -3.75 -3.65
N TRP A 71 -8.10 -3.93 -4.52
CA TRP A 71 -7.84 -5.23 -5.12
C TRP A 71 -8.15 -6.35 -4.14
N CYS A 72 -7.90 -6.10 -2.86
CA CYS A 72 -8.16 -7.09 -1.81
C CYS A 72 -9.60 -7.02 -1.34
N GLN A 73 -10.54 -6.85 -2.28
CA GLN A 73 -11.95 -6.76 -1.96
C GLN A 73 -12.58 -8.15 -1.92
N GLU A 74 -12.33 -8.93 -2.96
CA GLU A 74 -12.88 -10.28 -3.05
C GLU A 74 -12.28 -11.19 -1.98
N ASN A 75 -12.63 -12.47 -2.03
CA ASN A 75 -12.13 -13.44 -1.07
C ASN A 75 -10.95 -14.21 -1.65
N LYS A 76 -10.09 -13.52 -2.37
CA LYS A 76 -8.92 -14.13 -2.99
C LYS A 76 -7.73 -14.13 -2.02
N TYR A 77 -7.37 -12.94 -1.55
CA TYR A 77 -6.25 -12.80 -0.62
C TYR A 77 -6.72 -12.21 0.71
N ARG A 78 -5.80 -12.11 1.66
CA ARG A 78 -6.11 -11.58 2.97
C ARG A 78 -5.25 -10.36 3.28
N MET A 79 -5.89 -9.28 3.70
CA MET A 79 -5.19 -8.04 4.03
C MET A 79 -5.10 -7.85 5.54
N ASP A 80 -4.28 -8.67 6.20
CA ASP A 80 -4.11 -8.57 7.65
C ASP A 80 -2.76 -7.98 8.00
N PRO A 81 -2.74 -7.13 9.04
CA PRO A 81 -1.51 -6.47 9.50
C PRO A 81 -0.54 -7.46 10.16
N PRO A 82 0.71 -7.00 10.34
CA PRO A 82 1.77 -7.82 10.95
C PRO A 82 1.53 -8.05 12.43
N SER A 83 2.01 -9.18 12.95
CA SER A 83 1.85 -9.52 14.36
C SER A 83 2.63 -8.56 15.24
N GLU A 84 3.45 -7.72 14.61
CA GLU A 84 4.26 -6.74 15.33
C GLU A 84 3.39 -5.60 15.86
N ILE A 85 2.30 -5.31 15.16
CA ILE A 85 1.39 -4.26 15.56
C ILE A 85 0.01 -4.81 15.90
N TYR A 86 -0.38 -5.86 15.20
CA TYR A 86 -1.68 -6.48 15.43
C TYR A 86 -2.01 -6.52 16.91
N PRO A 87 -1.07 -7.04 17.72
CA PRO A 87 -1.24 -7.16 19.17
C PRO A 87 -1.20 -5.79 19.86
N LEU A 88 -0.44 -4.87 19.29
CA LEU A 88 -0.32 -3.53 19.85
C LEU A 88 -1.70 -2.89 20.02
N LYS A 89 -2.55 -3.04 19.03
CA LYS A 89 -3.90 -2.48 19.07
C LYS A 89 -4.94 -3.59 19.07
N MET A 90 -6.19 -3.22 19.33
CA MET A 90 -7.29 -4.18 19.37
C MET A 90 -7.74 -4.54 17.96
N ALA A 91 -8.03 -5.81 17.74
CA ALA A 91 -8.48 -6.29 16.43
C ALA A 91 -9.43 -5.28 15.78
N SER A 92 -10.31 -4.71 16.59
CA SER A 92 -11.29 -3.73 16.10
C SER A 92 -10.58 -2.46 15.62
N GLU A 93 -9.55 -2.05 16.35
CA GLU A 93 -8.79 -0.85 16.00
C GLU A 93 -8.14 -1.00 14.62
N TRP A 94 -7.71 -2.22 14.31
CA TRP A 94 -7.08 -2.49 13.02
C TRP A 94 -8.12 -2.58 11.91
N LYS A 95 -9.29 -3.10 12.24
CA LYS A 95 -10.37 -3.24 11.28
C LYS A 95 -11.00 -1.89 10.96
N CYS A 96 -11.13 -1.05 11.97
CA CYS A 96 -11.71 0.28 11.80
C CYS A 96 -10.88 1.12 10.85
N THR A 97 -9.62 1.34 11.22
CA THR A 97 -8.72 2.14 10.39
C THR A 97 -8.54 1.50 9.01
N LEU A 98 -8.74 0.20 8.93
CA LEU A 98 -8.59 -0.53 7.67
C LEU A 98 -9.67 -0.10 6.68
N GLU A 99 -10.91 -0.05 7.15
CA GLU A 99 -12.03 0.33 6.30
C GLU A 99 -11.87 1.77 5.81
N LYS A 100 -11.96 2.72 6.72
CA LYS A 100 -11.83 4.13 6.38
C LYS A 100 -10.81 4.32 5.26
N SER A 101 -9.73 3.54 5.31
CA SER A 101 -8.68 3.63 4.30
C SER A 101 -9.20 3.18 2.94
N LEU A 102 -9.75 1.97 2.89
CA LEU A 102 -10.27 1.42 1.65
C LEU A 102 -11.07 2.47 0.89
N ILE A 103 -11.93 3.19 1.60
CA ILE A 103 -12.75 4.23 0.99
C ILE A 103 -11.88 5.39 0.49
N ASP A 104 -11.05 5.92 1.37
CA ASP A 104 -10.17 7.04 1.02
C ASP A 104 -9.46 6.76 -0.30
N ALA A 105 -9.04 5.51 -0.49
CA ALA A 105 -8.34 5.12 -1.71
C ALA A 105 -9.13 5.53 -2.95
N ALA A 106 -10.45 5.36 -2.90
CA ALA A 106 -11.32 5.71 -4.01
C ALA A 106 -11.51 7.22 -4.09
N LYS A 107 -11.06 7.93 -3.06
CA LYS A 107 -11.19 9.38 -3.02
C LYS A 107 -9.87 10.05 -3.39
N PHE A 108 -8.76 9.38 -3.11
CA PHE A 108 -7.44 9.89 -3.42
C PHE A 108 -6.57 8.84 -4.10
N PRO A 109 -7.17 8.12 -5.07
CA PRO A 109 -6.47 7.08 -5.81
C PRO A 109 -5.40 7.64 -6.75
N LEU A 110 -4.61 6.75 -7.33
CA LEU A 110 -3.55 7.15 -8.24
C LEU A 110 -3.75 6.55 -9.62
N PRO A 111 -3.11 7.15 -10.65
CA PRO A 111 -3.21 6.68 -12.03
C PRO A 111 -2.50 5.35 -12.23
N MET A 112 -3.23 4.37 -12.77
CA MET A 112 -2.65 3.05 -13.02
C MET A 112 -1.25 3.17 -13.60
N GLU A 113 -1.02 4.22 -14.38
CA GLU A 113 0.27 4.45 -15.01
C GLU A 113 1.41 4.17 -14.03
N VAL A 114 1.22 4.61 -12.79
CA VAL A 114 2.23 4.40 -11.75
C VAL A 114 2.65 2.94 -11.66
N PHE A 115 1.66 2.04 -11.78
CA PHE A 115 1.93 0.61 -11.71
C PHE A 115 1.83 -0.02 -13.10
N LYS A 116 2.56 0.55 -14.05
CA LYS A 116 2.57 0.05 -15.42
C LYS A 116 4.00 -0.20 -15.90
N ASP A 117 4.46 -1.42 -15.74
CA ASP A 117 5.81 -1.79 -16.17
C ASP A 117 5.85 -3.24 -16.64
N HIS A 118 6.95 -3.61 -17.30
CA HIS A 118 7.11 -4.97 -17.82
C HIS A 118 6.75 -6.00 -16.75
N ALA A 119 7.61 -6.12 -15.75
CA ALA A 119 7.37 -7.07 -14.67
C ALA A 119 6.71 -8.35 -15.18
N ASP A 120 7.23 -8.86 -16.30
CA ASP A 120 6.69 -10.08 -16.90
C ASP A 120 7.80 -11.07 -17.22
N LEU A 121 8.85 -11.06 -16.40
CA LEU A 121 9.98 -11.95 -16.60
C LEU A 121 9.73 -13.31 -15.94
N SER A 122 10.65 -14.25 -16.17
CA SER A 122 10.52 -15.59 -15.61
C SER A 122 9.06 -16.05 -15.62
N GLY A 123 8.37 -15.73 -16.70
CA GLY A 123 6.97 -16.12 -16.82
C GLY A 123 6.78 -17.63 -16.82
N PRO A 124 7.16 -18.27 -17.93
CA PRO A 124 7.03 -19.73 -18.08
C PRO A 124 8.01 -20.49 -17.19
N SER A 125 7.70 -21.74 -16.91
CA SER A 125 8.55 -22.57 -16.06
C SER A 125 8.17 -24.05 -16.19
N SER A 126 8.96 -24.91 -15.56
CA SER A 126 8.71 -26.35 -15.60
C SER A 126 7.46 -26.70 -14.79
N GLY A 127 7.39 -26.20 -13.56
CA GLY A 127 6.25 -26.49 -12.71
C GLY A 127 5.03 -25.65 -13.08
N GLY A 1 13.22 28.24 -13.41
CA GLY A 1 13.62 26.89 -13.73
C GLY A 1 12.46 26.04 -14.21
N SER A 2 11.98 25.14 -13.35
CA SER A 2 10.86 24.27 -13.70
C SER A 2 11.07 23.65 -15.07
N SER A 3 12.29 23.22 -15.36
CA SER A 3 12.61 22.63 -16.65
C SER A 3 11.60 21.55 -17.01
N GLY A 4 11.51 20.52 -16.16
CA GLY A 4 10.58 19.43 -16.41
C GLY A 4 11.04 18.13 -15.79
N SER A 5 10.11 17.40 -15.18
CA SER A 5 10.43 16.13 -14.55
C SER A 5 9.77 14.98 -15.29
N SER A 6 10.56 13.97 -15.63
CA SER A 6 10.06 12.80 -16.34
C SER A 6 10.28 11.53 -15.53
N GLY A 7 9.19 10.82 -15.22
CA GLY A 7 9.30 9.59 -14.46
C GLY A 7 8.05 9.31 -13.64
N PRO A 8 7.94 8.08 -13.12
CA PRO A 8 6.80 7.66 -12.30
C PRO A 8 6.79 8.35 -10.93
N ILE A 9 7.97 8.52 -10.35
CA ILE A 9 8.10 9.15 -9.05
C ILE A 9 7.14 10.33 -8.92
N ASP A 10 7.09 11.16 -9.95
CA ASP A 10 6.20 12.33 -9.95
C ASP A 10 4.74 11.89 -9.87
N LEU A 11 4.38 10.88 -10.64
CA LEU A 11 3.01 10.37 -10.66
C LEU A 11 2.46 10.24 -9.24
N ILE A 12 3.24 9.61 -8.37
CA ILE A 12 2.84 9.42 -6.98
C ILE A 12 2.97 10.72 -6.19
N THR A 13 2.03 10.96 -5.28
CA THR A 13 2.04 12.15 -4.45
C THR A 13 1.77 11.81 -3.00
N VAL A 14 2.57 12.40 -2.10
CA VAL A 14 2.41 12.16 -0.67
C VAL A 14 0.94 12.05 -0.28
N GLY A 15 0.61 11.02 0.47
CA GLY A 15 -0.77 10.82 0.90
C GLY A 15 -1.44 9.66 0.18
N SER A 16 -1.07 9.45 -1.07
CA SER A 16 -1.64 8.37 -1.88
C SER A 16 -1.62 7.06 -1.10
N LEU A 17 -2.72 6.31 -1.17
CA LEU A 17 -2.83 5.04 -0.48
C LEU A 17 -2.31 3.89 -1.35
N ILE A 18 -1.57 2.98 -0.75
CA ILE A 18 -1.02 1.83 -1.46
C ILE A 18 -1.08 0.57 -0.62
N GLU A 19 -0.98 -0.58 -1.27
CA GLU A 19 -1.02 -1.86 -0.59
C GLU A 19 0.38 -2.47 -0.50
N LEU A 20 0.64 -3.16 0.62
CA LEU A 20 1.94 -3.79 0.84
C LEU A 20 1.77 -5.27 1.17
N GLN A 21 2.74 -6.07 0.75
CA GLN A 21 2.69 -7.51 1.00
C GLN A 21 3.64 -7.88 2.15
N ASP A 22 3.13 -8.66 3.10
CA ASP A 22 3.93 -9.09 4.24
C ASP A 22 5.04 -10.03 3.80
N SER A 23 6.28 -9.51 3.77
CA SER A 23 7.43 -10.30 3.36
C SER A 23 7.29 -11.75 3.84
N GLN A 24 6.93 -11.92 5.11
CA GLN A 24 6.76 -13.25 5.69
C GLN A 24 5.54 -13.96 5.09
N ASN A 25 4.40 -13.26 5.12
CA ASN A 25 3.16 -13.82 4.59
C ASN A 25 2.84 -13.21 3.22
N PRO A 26 3.24 -13.92 2.15
CA PRO A 26 3.00 -13.46 0.78
C PRO A 26 1.53 -13.54 0.39
N PHE A 27 0.71 -14.06 1.30
CA PHE A 27 -0.72 -14.18 1.05
C PHE A 27 -1.50 -13.09 1.78
N GLN A 28 -0.94 -12.60 2.88
CA GLN A 28 -1.57 -11.55 3.66
C GLN A 28 -0.96 -10.18 3.34
N TYR A 29 -1.83 -9.18 3.19
CA TYR A 29 -1.38 -7.83 2.88
C TYR A 29 -2.00 -6.82 3.85
N TRP A 30 -1.64 -5.56 3.67
CA TRP A 30 -2.16 -4.49 4.53
C TRP A 30 -2.27 -3.18 3.75
N ILE A 31 -2.96 -2.21 4.34
CA ILE A 31 -3.14 -0.91 3.71
C ILE A 31 -2.23 0.14 4.35
N VAL A 32 -1.57 0.94 3.51
CA VAL A 32 -0.68 1.98 3.99
C VAL A 32 -0.86 3.28 3.19
N SER A 33 -0.39 4.38 3.76
CA SER A 33 -0.50 5.68 3.10
C SER A 33 0.87 6.35 2.99
N VAL A 34 1.18 6.86 1.80
CA VAL A 34 2.46 7.53 1.57
C VAL A 34 2.65 8.70 2.54
N ILE A 35 3.65 8.59 3.40
CA ILE A 35 3.93 9.65 4.37
C ILE A 35 4.90 10.67 3.79
N GLU A 36 5.95 10.19 3.14
CA GLU A 36 6.95 11.07 2.54
C GLU A 36 7.54 10.45 1.28
N ASN A 37 7.66 11.25 0.23
CA ASN A 37 8.21 10.77 -1.03
C ASN A 37 9.49 11.53 -1.38
N VAL A 38 10.63 10.86 -1.19
CA VAL A 38 11.93 11.46 -1.48
C VAL A 38 12.59 10.80 -2.68
N GLY A 39 12.49 11.43 -3.84
CA GLY A 39 13.08 10.88 -5.05
C GLY A 39 12.66 9.45 -5.29
N GLY A 40 11.42 9.12 -4.92
CA GLY A 40 10.93 7.77 -5.12
C GLY A 40 10.83 7.00 -3.82
N ARG A 41 11.33 7.60 -2.75
CA ARG A 41 11.31 6.96 -1.43
C ARG A 41 9.99 7.24 -0.71
N LEU A 42 9.03 6.34 -0.87
CA LEU A 42 7.72 6.50 -0.23
C LEU A 42 7.74 5.93 1.19
N ARG A 43 7.44 6.78 2.16
CA ARG A 43 7.42 6.37 3.56
C ARG A 43 6.03 5.88 3.95
N LEU A 44 5.80 4.58 3.80
CA LEU A 44 4.52 3.97 4.14
C LEU A 44 4.41 3.74 5.65
N ARG A 45 3.19 3.88 6.17
CA ARG A 45 2.96 3.68 7.60
C ARG A 45 1.63 2.95 7.82
N TYR A 46 1.73 1.73 8.37
CA TYR A 46 0.54 0.93 8.64
C TYR A 46 -0.56 1.78 9.28
N VAL A 47 -1.65 1.99 8.52
CA VAL A 47 -2.76 2.78 9.01
C VAL A 47 -3.13 2.40 10.45
N GLY A 48 -3.39 3.41 11.27
CA GLY A 48 -3.75 3.17 12.66
C GLY A 48 -2.65 3.58 13.62
N LEU A 49 -1.41 3.47 13.17
CA LEU A 49 -0.26 3.84 14.00
C LEU A 49 0.22 5.25 13.68
N GLU A 50 -0.71 6.10 13.24
CA GLU A 50 -0.38 7.48 12.89
C GLU A 50 0.32 8.19 14.06
N ASP A 51 -0.27 8.07 15.24
CA ASP A 51 0.29 8.69 16.43
C ASP A 51 1.80 8.42 16.53
N THR A 52 2.17 7.16 16.36
CA THR A 52 3.57 6.76 16.43
C THR A 52 4.20 6.71 15.04
N GLU A 53 5.53 6.53 15.01
CA GLU A 53 6.24 6.47 13.74
C GLU A 53 7.16 5.25 13.70
N SER A 54 7.71 4.89 14.85
CA SER A 54 8.60 3.74 14.96
C SER A 54 8.13 2.61 14.05
N TYR A 55 6.82 2.42 13.98
CA TYR A 55 6.24 1.36 13.16
C TYR A 55 6.04 1.83 11.73
N ASP A 56 7.06 2.52 11.19
CA ASP A 56 7.00 3.03 9.82
C ASP A 56 7.79 2.14 8.88
N GLN A 57 7.46 2.20 7.59
CA GLN A 57 8.15 1.40 6.59
C GLN A 57 8.51 2.24 5.36
N TRP A 58 9.66 1.97 4.78
CA TRP A 58 10.12 2.71 3.60
C TRP A 58 10.26 1.77 2.40
N LEU A 59 9.89 2.27 1.22
CA LEU A 59 9.97 1.48 0.00
C LEU A 59 10.19 2.38 -1.21
N PHE A 60 10.22 1.77 -2.39
CA PHE A 60 10.43 2.52 -3.63
C PHE A 60 9.38 2.15 -4.66
N TYR A 61 8.75 3.15 -5.25
CA TYR A 61 7.72 2.93 -6.26
C TYR A 61 8.05 1.71 -7.11
N LEU A 62 9.32 1.56 -7.46
CA LEU A 62 9.78 0.44 -8.28
C LEU A 62 9.35 -0.88 -7.66
N ASP A 63 9.59 -1.04 -6.36
CA ASP A 63 9.23 -2.25 -5.65
C ASP A 63 7.93 -2.84 -6.20
N TYR A 64 7.91 -4.16 -6.36
CA TYR A 64 6.73 -4.84 -6.88
C TYR A 64 5.68 -5.03 -5.79
N ARG A 65 6.14 -5.32 -4.57
CA ARG A 65 5.24 -5.52 -3.45
C ARG A 65 4.19 -4.42 -3.38
N LEU A 66 4.51 -3.27 -3.97
CA LEU A 66 3.60 -2.13 -3.97
C LEU A 66 2.56 -2.27 -5.08
N ARG A 67 1.36 -2.73 -4.71
CA ARG A 67 0.28 -2.91 -5.66
C ARG A 67 -0.89 -1.98 -5.35
N PRO A 68 -1.67 -1.65 -6.38
CA PRO A 68 -2.84 -0.77 -6.24
C PRO A 68 -3.98 -1.42 -5.45
N VAL A 69 -4.69 -0.61 -4.68
CA VAL A 69 -5.81 -1.12 -3.88
C VAL A 69 -6.95 -1.60 -4.77
N GLY A 70 -7.45 -2.80 -4.48
CA GLY A 70 -8.55 -3.34 -5.26
C GLY A 70 -8.31 -4.80 -5.64
N TRP A 71 -7.07 -5.12 -5.96
CA TRP A 71 -6.71 -6.48 -6.35
C TRP A 71 -6.79 -7.43 -5.16
N CYS A 72 -6.31 -6.96 -4.01
CA CYS A 72 -6.32 -7.76 -2.79
C CYS A 72 -7.75 -8.03 -2.33
N GLN A 73 -8.61 -7.01 -2.44
CA GLN A 73 -10.00 -7.14 -2.04
C GLN A 73 -10.54 -8.54 -2.37
N GLU A 74 -10.33 -8.97 -3.62
CA GLU A 74 -10.80 -10.27 -4.06
C GLU A 74 -10.66 -11.30 -2.95
N ASN A 75 -11.51 -12.32 -2.99
CA ASN A 75 -11.48 -13.38 -1.98
C ASN A 75 -10.17 -14.14 -2.03
N LYS A 76 -9.59 -14.25 -3.23
CA LYS A 76 -8.33 -14.95 -3.41
C LYS A 76 -7.31 -14.54 -2.35
N TYR A 77 -7.08 -13.24 -2.24
CA TYR A 77 -6.13 -12.71 -1.27
C TYR A 77 -6.86 -12.17 -0.04
N ARG A 78 -6.13 -12.07 1.07
CA ARG A 78 -6.71 -11.57 2.32
C ARG A 78 -6.04 -10.26 2.73
N MET A 79 -6.78 -9.45 3.49
CA MET A 79 -6.27 -8.16 3.95
C MET A 79 -6.21 -8.11 5.47
N ASP A 80 -5.03 -8.37 6.02
CA ASP A 80 -4.85 -8.36 7.47
C ASP A 80 -3.43 -7.88 7.83
N PRO A 81 -3.34 -7.09 8.91
CA PRO A 81 -2.06 -6.55 9.38
C PRO A 81 -1.17 -7.63 9.99
N PRO A 82 0.14 -7.36 10.07
CA PRO A 82 1.11 -8.29 10.62
C PRO A 82 0.97 -8.46 12.13
N SER A 83 1.37 -9.62 12.64
CA SER A 83 1.27 -9.91 14.06
C SER A 83 2.27 -9.07 14.86
N GLU A 84 3.05 -8.26 14.14
CA GLU A 84 4.05 -7.42 14.79
C GLU A 84 3.39 -6.19 15.42
N ILE A 85 2.30 -5.73 14.82
CA ILE A 85 1.58 -4.57 15.32
C ILE A 85 0.21 -4.97 15.89
N TYR A 86 -0.31 -6.09 15.41
CA TYR A 86 -1.60 -6.58 15.87
C TYR A 86 -1.70 -6.54 17.38
N PRO A 87 -0.67 -7.08 18.05
CA PRO A 87 -0.62 -7.11 19.53
C PRO A 87 -0.40 -5.73 20.13
N LEU A 88 -0.53 -4.70 19.30
CA LEU A 88 -0.36 -3.32 19.75
C LEU A 88 -1.69 -2.60 19.83
N LYS A 89 -2.58 -2.89 18.89
CA LYS A 89 -3.90 -2.27 18.86
C LYS A 89 -5.00 -3.32 19.04
N MET A 90 -6.21 -2.87 19.36
CA MET A 90 -7.34 -3.76 19.56
C MET A 90 -7.81 -4.32 18.23
N ALA A 91 -8.02 -5.65 18.19
CA ALA A 91 -8.47 -6.32 16.99
C ALA A 91 -9.42 -5.43 16.18
N SER A 92 -10.19 -4.61 16.89
CA SER A 92 -11.14 -3.71 16.24
C SER A 92 -10.42 -2.49 15.66
N GLU A 93 -9.62 -1.83 16.49
CA GLU A 93 -8.88 -0.66 16.06
C GLU A 93 -8.32 -0.85 14.66
N TRP A 94 -7.79 -2.03 14.40
CA TRP A 94 -7.22 -2.34 13.09
C TRP A 94 -8.30 -2.39 12.02
N LYS A 95 -9.47 -2.89 12.39
CA LYS A 95 -10.60 -2.98 11.46
C LYS A 95 -11.20 -1.61 11.20
N CYS A 96 -11.24 -0.78 12.22
CA CYS A 96 -11.79 0.57 12.09
C CYS A 96 -11.07 1.35 11.01
N THR A 97 -9.76 1.53 11.18
CA THR A 97 -8.96 2.27 10.23
C THR A 97 -8.88 1.54 8.89
N LEU A 98 -8.97 0.21 8.95
CA LEU A 98 -8.91 -0.61 7.75
C LEU A 98 -10.05 -0.25 6.78
N GLU A 99 -11.24 -0.04 7.33
CA GLU A 99 -12.40 0.32 6.52
C GLU A 99 -12.29 1.76 6.02
N LYS A 100 -12.27 2.70 6.96
CA LYS A 100 -12.17 4.11 6.62
C LYS A 100 -11.14 4.34 5.51
N SER A 101 -9.98 3.71 5.65
CA SER A 101 -8.91 3.84 4.66
C SER A 101 -9.41 3.44 3.27
N LEU A 102 -9.87 2.19 3.16
CA LEU A 102 -10.37 1.69 1.88
C LEU A 102 -11.09 2.79 1.09
N ILE A 103 -11.97 3.51 1.77
CA ILE A 103 -12.72 4.59 1.13
C ILE A 103 -11.78 5.69 0.65
N ASP A 104 -10.83 6.06 1.49
CA ASP A 104 -9.86 7.10 1.14
C ASP A 104 -9.17 6.77 -0.18
N ALA A 105 -8.90 5.49 -0.40
CA ALA A 105 -8.24 5.04 -1.62
C ALA A 105 -9.02 5.47 -2.85
N ALA A 106 -10.35 5.39 -2.78
CA ALA A 106 -11.21 5.77 -3.89
C ALA A 106 -11.32 7.29 -4.01
N LYS A 107 -10.81 7.99 -2.99
CA LYS A 107 -10.84 9.45 -2.98
C LYS A 107 -9.50 10.03 -3.39
N PHE A 108 -8.43 9.30 -3.10
CA PHE A 108 -7.09 9.74 -3.44
C PHE A 108 -6.30 8.63 -4.12
N PRO A 109 -6.95 7.93 -5.07
CA PRO A 109 -6.34 6.83 -5.80
C PRO A 109 -5.26 7.31 -6.77
N LEU A 110 -4.51 6.37 -7.33
CA LEU A 110 -3.45 6.70 -8.28
C LEU A 110 -3.65 5.98 -9.60
N PRO A 111 -3.06 6.53 -10.68
CA PRO A 111 -3.17 5.97 -12.02
C PRO A 111 -2.39 4.66 -12.16
N MET A 112 -2.73 3.88 -13.19
CA MET A 112 -2.07 2.60 -13.43
C MET A 112 -0.63 2.82 -13.88
N GLU A 113 -0.43 3.79 -14.77
CA GLU A 113 0.90 4.09 -15.29
C GLU A 113 1.96 3.87 -14.22
N VAL A 114 1.69 4.35 -13.02
CA VAL A 114 2.62 4.20 -11.90
C VAL A 114 3.08 2.76 -11.76
N PHE A 115 2.13 1.84 -11.79
CA PHE A 115 2.43 0.42 -11.65
C PHE A 115 2.29 -0.30 -12.99
N LYS A 116 3.02 0.18 -13.99
CA LYS A 116 2.98 -0.42 -15.32
C LYS A 116 3.97 -1.57 -15.44
N ASP A 117 4.06 -2.38 -14.38
CA ASP A 117 4.96 -3.52 -14.37
C ASP A 117 4.38 -4.69 -15.16
N HIS A 118 3.18 -5.11 -14.79
CA HIS A 118 2.51 -6.22 -15.46
C HIS A 118 1.45 -5.70 -16.42
N ALA A 119 0.80 -6.63 -17.13
CA ALA A 119 -0.24 -6.26 -18.08
C ALA A 119 -1.37 -7.29 -18.08
N ASP A 120 -2.46 -6.97 -18.75
CA ASP A 120 -3.62 -7.86 -18.82
C ASP A 120 -3.17 -9.28 -19.18
N LEU A 121 -3.85 -10.27 -18.61
CA LEU A 121 -3.52 -11.67 -18.86
C LEU A 121 -4.77 -12.45 -19.25
N SER A 122 -5.89 -12.14 -18.59
CA SER A 122 -7.15 -12.81 -18.87
C SER A 122 -7.52 -12.71 -20.35
N GLY A 123 -8.48 -13.51 -20.77
CA GLY A 123 -8.91 -13.50 -22.16
C GLY A 123 -10.16 -14.32 -22.38
N PRO A 124 -9.99 -15.56 -22.85
CA PRO A 124 -11.11 -16.47 -23.13
C PRO A 124 -11.80 -16.94 -21.85
N SER A 125 -11.07 -16.90 -20.74
CA SER A 125 -11.61 -17.32 -19.45
C SER A 125 -12.95 -16.65 -19.18
N SER A 126 -13.97 -17.47 -18.90
CA SER A 126 -15.31 -16.96 -18.61
C SER A 126 -15.88 -17.60 -17.35
N GLY A 127 -16.11 -16.78 -16.33
CA GLY A 127 -16.66 -17.28 -15.09
C GLY A 127 -17.94 -18.05 -15.29
N GLY A 1 4.63 21.24 -5.76
CA GLY A 1 4.97 21.41 -7.16
C GLY A 1 6.46 21.50 -7.40
N SER A 2 7.04 20.43 -7.94
CA SER A 2 8.48 20.40 -8.22
C SER A 2 8.74 20.12 -9.69
N SER A 3 8.66 21.17 -10.50
CA SER A 3 8.90 21.04 -11.94
C SER A 3 10.22 20.34 -12.22
N GLY A 4 10.27 19.59 -13.32
CA GLY A 4 11.48 18.89 -13.68
C GLY A 4 11.23 17.76 -14.66
N SER A 5 11.75 16.58 -14.34
CA SER A 5 11.58 15.41 -15.21
C SER A 5 10.12 14.96 -15.23
N SER A 6 9.80 14.07 -16.17
CA SER A 6 8.44 13.56 -16.29
C SER A 6 8.42 12.05 -16.17
N GLY A 7 8.31 11.56 -14.93
CA GLY A 7 8.28 10.13 -14.69
C GLY A 7 7.19 9.73 -13.73
N PRO A 8 7.25 8.49 -13.22
CA PRO A 8 6.27 7.95 -12.28
C PRO A 8 6.36 8.63 -10.91
N ILE A 9 7.59 8.82 -10.43
CA ILE A 9 7.80 9.45 -9.13
C ILE A 9 6.84 10.60 -8.92
N ASP A 10 6.70 11.45 -9.92
CA ASP A 10 5.79 12.59 -9.84
C ASP A 10 4.35 12.14 -9.70
N LEU A 11 3.99 11.11 -10.46
CA LEU A 11 2.62 10.59 -10.42
C LEU A 11 2.15 10.38 -8.99
N ILE A 12 3.02 9.81 -8.16
CA ILE A 12 2.70 9.56 -6.76
C ILE A 12 2.77 10.85 -5.95
N THR A 13 1.82 11.02 -5.02
CA THR A 13 1.78 12.20 -4.18
C THR A 13 1.59 11.83 -2.71
N VAL A 14 2.49 12.32 -1.86
CA VAL A 14 2.42 12.03 -0.44
C VAL A 14 0.97 11.94 0.04
N GLY A 15 0.64 10.86 0.74
CA GLY A 15 -0.71 10.67 1.24
C GLY A 15 -1.42 9.52 0.56
N SER A 16 -1.16 9.35 -0.73
CA SER A 16 -1.79 8.28 -1.49
C SER A 16 -1.78 6.97 -0.71
N LEU A 17 -2.75 6.11 -0.99
CA LEU A 17 -2.86 4.82 -0.31
C LEU A 17 -2.34 3.69 -1.21
N ILE A 18 -1.56 2.80 -0.62
CA ILE A 18 -1.01 1.67 -1.37
C ILE A 18 -1.01 0.40 -0.52
N GLU A 19 -1.09 -0.74 -1.19
CA GLU A 19 -1.10 -2.03 -0.51
C GLU A 19 0.31 -2.58 -0.35
N LEU A 20 0.49 -3.46 0.62
CA LEU A 20 1.80 -4.06 0.87
C LEU A 20 1.66 -5.55 1.22
N GLN A 21 2.76 -6.28 1.07
CA GLN A 21 2.76 -7.71 1.37
C GLN A 21 3.56 -8.01 2.63
N ASP A 22 3.12 -9.01 3.38
CA ASP A 22 3.79 -9.39 4.62
C ASP A 22 5.25 -9.74 4.35
N SER A 23 6.13 -9.37 5.27
CA SER A 23 7.56 -9.65 5.13
C SER A 23 7.79 -11.05 4.58
N GLN A 24 6.88 -11.96 4.90
CA GLN A 24 6.98 -13.34 4.45
C GLN A 24 5.69 -13.79 3.76
N ASN A 25 4.58 -13.65 4.48
CA ASN A 25 3.28 -14.05 3.94
C ASN A 25 3.00 -13.35 2.62
N PRO A 26 3.05 -14.11 1.52
CA PRO A 26 2.81 -13.60 0.17
C PRO A 26 1.35 -13.21 -0.04
N PHE A 27 0.45 -14.12 0.27
CA PHE A 27 -0.98 -13.88 0.11
C PHE A 27 -1.45 -12.76 1.04
N GLN A 28 -0.98 -12.79 2.28
CA GLN A 28 -1.35 -11.79 3.27
C GLN A 28 -0.94 -10.38 2.79
N TYR A 29 -1.88 -9.46 2.83
CA TYR A 29 -1.62 -8.09 2.41
C TYR A 29 -2.14 -7.09 3.44
N TRP A 30 -1.87 -5.81 3.21
CA TRP A 30 -2.32 -4.75 4.11
C TRP A 30 -2.40 -3.42 3.38
N ILE A 31 -3.06 -2.45 4.01
CA ILE A 31 -3.22 -1.12 3.42
C ILE A 31 -2.31 -0.10 4.12
N VAL A 32 -1.56 0.65 3.34
CA VAL A 32 -0.66 1.66 3.87
C VAL A 32 -0.87 3.01 3.18
N SER A 33 -0.31 4.05 3.77
CA SER A 33 -0.43 5.40 3.21
C SER A 33 0.94 6.06 3.07
N VAL A 34 1.21 6.62 1.90
CA VAL A 34 2.47 7.29 1.65
C VAL A 34 2.71 8.44 2.62
N ILE A 35 3.81 8.39 3.35
CA ILE A 35 4.14 9.43 4.32
C ILE A 35 5.04 10.48 3.70
N GLU A 36 6.05 10.03 2.96
CA GLU A 36 7.00 10.93 2.31
C GLU A 36 7.53 10.33 1.01
N ASN A 37 7.82 11.19 0.04
CA ASN A 37 8.34 10.74 -1.25
C ASN A 37 9.61 11.51 -1.62
N VAL A 38 10.76 10.89 -1.40
CA VAL A 38 12.03 11.52 -1.72
C VAL A 38 12.69 10.85 -2.92
N GLY A 39 12.38 11.35 -4.12
CA GLY A 39 12.96 10.79 -5.33
C GLY A 39 12.66 9.31 -5.47
N GLY A 40 11.40 8.93 -5.24
CA GLY A 40 11.02 7.54 -5.35
C GLY A 40 10.97 6.84 -4.00
N ARG A 41 11.51 7.50 -2.98
CA ARG A 41 11.53 6.93 -1.63
C ARG A 41 10.18 7.15 -0.94
N LEU A 42 9.29 6.17 -1.06
CA LEU A 42 7.97 6.25 -0.45
C LEU A 42 7.99 5.65 0.96
N ARG A 43 7.65 6.47 1.95
CA ARG A 43 7.63 6.02 3.33
C ARG A 43 6.22 5.61 3.74
N LEU A 44 5.89 4.34 3.53
CA LEU A 44 4.58 3.82 3.89
C LEU A 44 4.47 3.56 5.38
N ARG A 45 3.26 3.66 5.91
CA ARG A 45 3.03 3.44 7.33
C ARG A 45 1.72 2.68 7.55
N TYR A 46 1.82 1.53 8.21
CA TYR A 46 0.64 0.71 8.48
C TYR A 46 -0.50 1.56 9.03
N VAL A 47 -1.63 1.55 8.31
CA VAL A 47 -2.79 2.32 8.72
C VAL A 47 -3.18 2.02 10.16
N GLY A 48 -3.43 3.08 10.94
CA GLY A 48 -3.80 2.91 12.33
C GLY A 48 -2.73 3.41 13.28
N LEU A 49 -1.48 3.45 12.80
CA LEU A 49 -0.37 3.91 13.62
C LEU A 49 0.08 5.30 13.18
N GLU A 50 -0.86 6.09 12.68
CA GLU A 50 -0.57 7.45 12.23
C GLU A 50 0.04 8.27 13.36
N ASP A 51 -0.58 8.20 14.53
CA ASP A 51 -0.10 8.94 15.70
C ASP A 51 1.39 8.68 15.92
N THR A 52 1.77 7.41 16.00
CA THR A 52 3.15 7.03 16.22
C THR A 52 3.94 7.08 14.93
N GLU A 53 5.23 7.42 15.04
CA GLU A 53 6.10 7.51 13.87
C GLU A 53 7.32 6.61 14.03
N SER A 54 7.09 5.39 14.49
CA SER A 54 8.17 4.43 14.69
C SER A 54 7.94 3.16 13.88
N TYR A 55 6.68 2.72 13.83
CA TYR A 55 6.33 1.52 13.09
C TYR A 55 6.06 1.84 11.61
N ASP A 56 6.93 2.67 11.03
CA ASP A 56 6.79 3.06 9.63
C ASP A 56 7.56 2.10 8.73
N GLN A 57 7.46 2.33 7.42
CA GLN A 57 8.15 1.49 6.44
C GLN A 57 8.55 2.28 5.21
N TRP A 58 9.75 2.05 4.72
CA TRP A 58 10.25 2.75 3.54
C TRP A 58 10.41 1.80 2.37
N LEU A 59 9.92 2.21 1.21
CA LEU A 59 10.01 1.39 0.00
C LEU A 59 10.30 2.26 -1.22
N PHE A 60 10.50 1.60 -2.36
CA PHE A 60 10.78 2.31 -3.61
C PHE A 60 9.68 2.08 -4.63
N TYR A 61 9.06 3.16 -5.07
CA TYR A 61 7.98 3.09 -6.05
C TYR A 61 8.25 1.98 -7.08
N LEU A 62 9.52 1.72 -7.32
CA LEU A 62 9.92 0.70 -8.28
C LEU A 62 9.94 -0.68 -7.62
N ASP A 63 8.95 -0.95 -6.78
CA ASP A 63 8.85 -2.22 -6.09
C ASP A 63 7.70 -3.05 -6.66
N TYR A 64 7.64 -4.32 -6.24
CA TYR A 64 6.59 -5.22 -6.71
C TYR A 64 5.43 -5.25 -5.72
N ARG A 65 5.76 -5.25 -4.44
CA ARG A 65 4.74 -5.29 -3.39
C ARG A 65 3.75 -4.13 -3.55
N LEU A 66 4.24 -3.01 -4.05
CA LEU A 66 3.39 -1.84 -4.26
C LEU A 66 2.19 -2.17 -5.14
N ARG A 67 1.06 -2.45 -4.50
CA ARG A 67 -0.16 -2.79 -5.23
C ARG A 67 -1.25 -1.76 -4.97
N PRO A 68 -2.11 -1.53 -5.98
CA PRO A 68 -3.20 -0.57 -5.90
C PRO A 68 -4.31 -1.03 -4.94
N VAL A 69 -4.86 -0.08 -4.20
CA VAL A 69 -5.93 -0.39 -3.25
C VAL A 69 -7.27 -0.56 -3.96
N GLY A 70 -7.84 -1.76 -3.85
CA GLY A 70 -9.12 -2.04 -4.48
C GLY A 70 -9.23 -3.47 -4.95
N TRP A 71 -8.12 -4.03 -5.40
CA TRP A 71 -8.11 -5.42 -5.87
C TRP A 71 -8.83 -6.34 -4.90
N CYS A 72 -8.65 -6.08 -3.61
CA CYS A 72 -9.28 -6.90 -2.58
C CYS A 72 -10.80 -6.94 -2.78
N GLN A 73 -11.37 -5.80 -3.18
CA GLN A 73 -12.81 -5.71 -3.41
C GLN A 73 -13.31 -6.89 -4.24
N GLU A 74 -12.62 -7.16 -5.34
CA GLU A 74 -12.99 -8.25 -6.23
C GLU A 74 -12.25 -9.53 -5.85
N ASN A 75 -11.87 -9.63 -4.58
CA ASN A 75 -11.15 -10.80 -4.09
C ASN A 75 -11.02 -10.77 -2.57
N LYS A 76 -11.78 -11.63 -1.90
CA LYS A 76 -11.76 -11.70 -0.44
C LYS A 76 -10.49 -12.40 0.05
N TYR A 77 -9.36 -11.98 -0.48
CA TYR A 77 -8.07 -12.57 -0.10
C TYR A 77 -7.73 -12.23 1.36
N ARG A 78 -6.54 -12.62 1.78
CA ARG A 78 -6.08 -12.36 3.14
C ARG A 78 -5.63 -10.90 3.30
N MET A 79 -6.20 -10.23 4.28
CA MET A 79 -5.87 -8.83 4.53
C MET A 79 -5.60 -8.60 6.02
N ASP A 80 -4.88 -9.53 6.65
CA ASP A 80 -4.56 -9.43 8.06
C ASP A 80 -3.18 -8.82 8.25
N PRO A 81 -3.10 -7.80 9.13
CA PRO A 81 -1.83 -7.11 9.43
C PRO A 81 -0.86 -7.99 10.20
N PRO A 82 0.39 -7.52 10.34
CA PRO A 82 1.44 -8.25 11.05
C PRO A 82 1.19 -8.29 12.56
N SER A 83 1.54 -9.42 13.18
CA SER A 83 1.35 -9.59 14.61
C SER A 83 2.24 -8.64 15.40
N GLU A 84 3.09 -7.91 14.68
CA GLU A 84 3.99 -6.95 15.32
C GLU A 84 3.24 -5.72 15.81
N ILE A 85 2.08 -5.47 15.21
CA ILE A 85 1.26 -4.33 15.59
C ILE A 85 -0.14 -4.77 16.02
N TYR A 86 -0.63 -5.85 15.41
CA TYR A 86 -1.94 -6.38 15.72
C TYR A 86 -2.20 -6.32 17.23
N PRO A 87 -1.25 -6.86 18.01
CA PRO A 87 -1.34 -6.89 19.47
C PRO A 87 -1.21 -5.50 20.09
N LEU A 88 -0.52 -4.61 19.39
CA LEU A 88 -0.32 -3.25 19.87
C LEU A 88 -1.65 -2.53 20.03
N LYS A 89 -2.58 -2.81 19.13
CA LYS A 89 -3.90 -2.19 19.17
C LYS A 89 -5.00 -3.25 19.21
N MET A 90 -6.20 -2.83 19.60
CA MET A 90 -7.34 -3.74 19.68
C MET A 90 -7.86 -4.09 18.29
N ALA A 91 -8.11 -5.38 18.06
CA ALA A 91 -8.60 -5.83 16.77
C ALA A 91 -9.53 -4.80 16.14
N SER A 92 -10.36 -4.17 16.96
CA SER A 92 -11.29 -3.16 16.48
C SER A 92 -10.55 -2.01 15.81
N GLU A 93 -9.55 -1.47 16.49
CA GLU A 93 -8.76 -0.37 15.97
C GLU A 93 -8.26 -0.68 14.56
N TRP A 94 -7.69 -1.87 14.40
CA TRP A 94 -7.17 -2.29 13.10
C TRP A 94 -8.29 -2.45 12.08
N LYS A 95 -9.41 -3.01 12.54
CA LYS A 95 -10.56 -3.21 11.67
C LYS A 95 -11.18 -1.88 11.26
N CYS A 96 -11.08 -0.89 12.14
CA CYS A 96 -11.63 0.43 11.87
C CYS A 96 -10.88 1.11 10.74
N THR A 97 -9.60 1.44 10.99
CA THR A 97 -8.78 2.10 10.00
C THR A 97 -8.71 1.28 8.71
N LEU A 98 -8.86 -0.04 8.84
CA LEU A 98 -8.81 -0.93 7.68
C LEU A 98 -9.90 -0.56 6.67
N GLU A 99 -11.10 -0.30 7.18
CA GLU A 99 -12.23 0.06 6.32
C GLU A 99 -12.08 1.48 5.79
N LYS A 100 -12.12 2.45 6.70
CA LYS A 100 -11.99 3.85 6.32
C LYS A 100 -10.88 4.04 5.29
N SER A 101 -9.76 3.35 5.50
CA SER A 101 -8.62 3.44 4.58
C SER A 101 -9.04 3.07 3.17
N LEU A 102 -9.85 2.02 3.05
CA LEU A 102 -10.32 1.56 1.74
C LEU A 102 -10.99 2.69 0.98
N ILE A 103 -11.86 3.43 1.67
CA ILE A 103 -12.57 4.54 1.06
C ILE A 103 -11.61 5.68 0.69
N ASP A 104 -10.69 5.98 1.60
CA ASP A 104 -9.71 7.04 1.38
C ASP A 104 -8.99 6.83 0.05
N ALA A 105 -8.60 5.59 -0.22
CA ALA A 105 -7.89 5.26 -1.44
C ALA A 105 -8.66 5.72 -2.67
N ALA A 106 -10.00 5.60 -2.60
CA ALA A 106 -10.86 6.01 -3.71
C ALA A 106 -10.97 7.53 -3.77
N LYS A 107 -10.47 8.21 -2.74
CA LYS A 107 -10.52 9.67 -2.69
C LYS A 107 -9.24 10.27 -3.21
N PHE A 108 -8.11 9.63 -2.89
CA PHE A 108 -6.80 10.11 -3.33
C PHE A 108 -6.05 9.02 -4.08
N PRO A 109 -6.76 8.32 -4.98
CA PRO A 109 -6.19 7.23 -5.78
C PRO A 109 -5.20 7.75 -6.82
N LEU A 110 -4.41 6.84 -7.38
CA LEU A 110 -3.44 7.20 -8.41
C LEU A 110 -3.71 6.48 -9.72
N PRO A 111 -3.24 7.06 -10.83
CA PRO A 111 -3.43 6.50 -12.16
C PRO A 111 -2.61 5.22 -12.38
N MET A 112 -3.27 4.18 -12.86
CA MET A 112 -2.60 2.90 -13.11
C MET A 112 -1.20 3.13 -13.67
N GLU A 113 -1.06 4.12 -14.54
CA GLU A 113 0.23 4.44 -15.14
C GLU A 113 1.37 4.21 -14.15
N VAL A 114 1.18 4.70 -12.93
CA VAL A 114 2.19 4.55 -11.88
C VAL A 114 2.73 3.12 -11.84
N PHE A 115 1.83 2.16 -11.65
CA PHE A 115 2.21 0.75 -11.59
C PHE A 115 2.20 0.12 -12.98
N LYS A 116 2.76 0.84 -13.95
CA LYS A 116 2.81 0.35 -15.33
C LYS A 116 4.13 -0.35 -15.61
N ASP A 117 4.17 -1.65 -15.37
CA ASP A 117 5.37 -2.44 -15.60
C ASP A 117 5.03 -3.82 -16.16
N HIS A 118 6.03 -4.51 -16.67
CA HIS A 118 5.83 -5.84 -17.23
C HIS A 118 5.21 -6.78 -16.21
N ALA A 119 4.85 -7.99 -16.65
CA ALA A 119 4.26 -8.98 -15.77
C ALA A 119 5.08 -10.26 -15.72
N ASP A 120 5.47 -10.74 -16.89
CA ASP A 120 6.28 -11.95 -16.99
C ASP A 120 7.00 -12.02 -18.33
N LEU A 121 8.31 -11.84 -18.31
CA LEU A 121 9.12 -11.87 -19.52
C LEU A 121 10.35 -12.75 -19.33
N SER A 122 10.99 -13.13 -20.44
CA SER A 122 12.18 -13.97 -20.39
C SER A 122 11.86 -15.33 -19.78
N GLY A 123 10.73 -15.91 -20.18
CA GLY A 123 10.33 -17.21 -19.67
C GLY A 123 9.05 -17.72 -20.31
N PRO A 124 9.03 -19.02 -20.64
CA PRO A 124 7.87 -19.66 -21.27
C PRO A 124 6.69 -19.77 -20.31
N SER A 125 5.53 -19.31 -20.76
CA SER A 125 4.32 -19.35 -19.95
C SER A 125 3.88 -20.79 -19.70
N SER A 126 3.76 -21.16 -18.43
CA SER A 126 3.35 -22.51 -18.05
C SER A 126 2.04 -22.89 -18.71
N GLY A 127 1.98 -24.08 -19.27
CA GLY A 127 0.77 -24.54 -19.93
C GLY A 127 0.11 -25.70 -19.19
N GLY A 1 9.90 24.78 -7.17
CA GLY A 1 10.73 23.93 -8.01
C GLY A 1 10.16 22.55 -8.20
N SER A 2 11.00 21.53 -8.04
CA SER A 2 10.57 20.15 -8.20
C SER A 2 10.29 19.83 -9.66
N SER A 3 11.17 20.31 -10.54
CA SER A 3 11.02 20.08 -11.97
C SER A 3 12.29 19.47 -12.56
N GLY A 4 12.18 18.21 -12.97
CA GLY A 4 13.33 17.53 -13.56
C GLY A 4 12.93 16.37 -14.44
N SER A 5 13.76 15.34 -14.47
CA SER A 5 13.48 14.15 -15.29
C SER A 5 12.08 13.64 -15.05
N SER A 6 11.29 13.56 -16.12
CA SER A 6 9.91 13.08 -16.01
C SER A 6 9.87 11.60 -15.69
N GLY A 7 8.79 11.17 -15.05
CA GLY A 7 8.64 9.77 -14.70
C GLY A 7 7.47 9.52 -13.77
N PRO A 8 7.38 8.29 -13.24
CA PRO A 8 6.31 7.91 -12.33
C PRO A 8 6.41 8.59 -10.98
N ILE A 9 7.63 8.81 -10.52
CA ILE A 9 7.87 9.47 -9.24
C ILE A 9 6.89 10.61 -9.01
N ASP A 10 6.76 11.48 -10.01
CA ASP A 10 5.85 12.61 -9.93
C ASP A 10 4.40 12.14 -9.79
N LEU A 11 4.05 11.11 -10.55
CA LEU A 11 2.69 10.57 -10.52
C LEU A 11 2.24 10.35 -9.08
N ILE A 12 3.14 9.84 -8.25
CA ILE A 12 2.83 9.58 -6.84
C ILE A 12 2.94 10.86 -6.01
N THR A 13 1.91 11.12 -5.21
CA THR A 13 1.90 12.31 -4.37
C THR A 13 1.67 11.94 -2.90
N VAL A 14 2.51 12.49 -2.02
CA VAL A 14 2.39 12.22 -0.59
C VAL A 14 0.94 12.04 -0.17
N GLY A 15 0.67 10.96 0.57
CA GLY A 15 -0.69 10.69 1.01
C GLY A 15 -1.33 9.55 0.26
N SER A 16 -1.02 9.44 -1.02
CA SER A 16 -1.58 8.38 -1.86
C SER A 16 -1.64 7.06 -1.10
N LEU A 17 -2.83 6.47 -1.05
CA LEU A 17 -3.02 5.19 -0.35
C LEU A 17 -2.62 4.02 -1.24
N ILE A 18 -1.85 3.10 -0.68
CA ILE A 18 -1.40 1.93 -1.42
C ILE A 18 -1.34 0.70 -0.51
N GLU A 19 -1.46 -0.48 -1.12
CA GLU A 19 -1.42 -1.73 -0.37
C GLU A 19 0.02 -2.23 -0.24
N LEU A 20 0.24 -3.13 0.72
CA LEU A 20 1.56 -3.69 0.95
C LEU A 20 1.46 -5.14 1.42
N GLN A 21 2.46 -5.95 1.06
CA GLN A 21 2.48 -7.36 1.45
C GLN A 21 3.22 -7.54 2.78
N ASP A 22 2.80 -8.52 3.55
CA ASP A 22 3.43 -8.80 4.84
C ASP A 22 4.92 -9.04 4.68
N SER A 23 5.67 -8.72 5.72
CA SER A 23 7.13 -8.90 5.69
C SER A 23 7.50 -10.34 5.36
N GLN A 24 6.63 -11.27 5.76
CA GLN A 24 6.87 -12.69 5.51
C GLN A 24 5.59 -13.36 5.00
N ASN A 25 4.48 -13.08 5.65
CA ASN A 25 3.20 -13.67 5.26
C ASN A 25 2.84 -13.29 3.83
N PRO A 26 2.89 -14.28 2.92
CA PRO A 26 2.57 -14.07 1.51
C PRO A 26 1.09 -13.81 1.28
N PHE A 27 0.24 -14.61 1.92
CA PHE A 27 -1.20 -14.45 1.79
C PHE A 27 -1.74 -13.44 2.79
N GLN A 28 -0.91 -12.46 3.14
CA GLN A 28 -1.30 -11.43 4.09
C GLN A 28 -0.82 -10.06 3.63
N TYR A 29 -1.76 -9.12 3.52
CA TYR A 29 -1.44 -7.76 3.08
C TYR A 29 -2.02 -6.74 4.05
N TRP A 30 -1.69 -5.47 3.83
CA TRP A 30 -2.16 -4.38 4.67
C TRP A 30 -2.32 -3.09 3.88
N ILE A 31 -3.00 -2.12 4.47
CA ILE A 31 -3.23 -0.84 3.81
C ILE A 31 -2.31 0.24 4.39
N VAL A 32 -1.58 0.93 3.51
CA VAL A 32 -0.68 1.99 3.94
C VAL A 32 -0.90 3.26 3.11
N SER A 33 -0.30 4.36 3.55
CA SER A 33 -0.43 5.63 2.86
C SER A 33 0.93 6.32 2.74
N VAL A 34 1.21 6.86 1.55
CA VAL A 34 2.47 7.54 1.30
C VAL A 34 2.71 8.65 2.33
N ILE A 35 3.74 8.46 3.16
CA ILE A 35 4.06 9.44 4.18
C ILE A 35 5.00 10.51 3.64
N GLU A 36 6.05 10.08 2.94
CA GLU A 36 7.01 11.00 2.36
C GLU A 36 7.65 10.41 1.10
N ASN A 37 7.87 11.26 0.10
CA ASN A 37 8.46 10.83 -1.16
C ASN A 37 9.80 11.51 -1.38
N VAL A 38 10.88 10.75 -1.30
CA VAL A 38 12.22 11.27 -1.52
C VAL A 38 12.91 10.61 -2.70
N GLY A 39 12.83 11.26 -3.85
CA GLY A 39 13.44 10.72 -5.06
C GLY A 39 13.00 9.30 -5.34
N GLY A 40 11.77 8.98 -4.97
CA GLY A 40 11.24 7.64 -5.19
C GLY A 40 11.11 6.85 -3.90
N ARG A 41 11.64 7.39 -2.82
CA ARG A 41 11.58 6.73 -1.52
C ARG A 41 10.24 7.00 -0.84
N LEU A 42 9.26 6.14 -1.10
CA LEU A 42 7.94 6.29 -0.52
C LEU A 42 7.88 5.64 0.87
N ARG A 43 7.69 6.46 1.89
CA ARG A 43 7.62 5.97 3.26
C ARG A 43 6.20 5.55 3.61
N LEU A 44 5.97 4.24 3.61
CA LEU A 44 4.64 3.70 3.93
C LEU A 44 4.49 3.46 5.42
N ARG A 45 3.29 3.67 5.94
CA ARG A 45 3.01 3.49 7.36
C ARG A 45 1.70 2.73 7.56
N TYR A 46 1.72 1.75 8.45
CA TYR A 46 0.53 0.95 8.73
C TYR A 46 -0.58 1.82 9.32
N VAL A 47 -1.66 1.97 8.57
CA VAL A 47 -2.79 2.77 9.02
C VAL A 47 -3.12 2.49 10.48
N GLY A 48 -3.43 3.55 11.22
CA GLY A 48 -3.76 3.40 12.63
C GLY A 48 -2.65 3.85 13.55
N LEU A 49 -1.40 3.57 13.15
CA LEU A 49 -0.24 3.95 13.94
C LEU A 49 0.28 5.31 13.52
N GLU A 50 -0.61 6.14 12.97
CA GLU A 50 -0.23 7.48 12.51
C GLU A 50 0.49 8.24 13.62
N ASP A 51 -0.09 8.22 14.81
CA ASP A 51 0.50 8.91 15.96
C ASP A 51 1.96 8.52 16.14
N THR A 52 2.21 7.24 16.35
CA THR A 52 3.56 6.74 16.54
C THR A 52 4.32 6.70 15.22
N GLU A 53 5.64 6.88 15.29
CA GLU A 53 6.48 6.88 14.10
C GLU A 53 7.68 5.95 14.28
N SER A 54 7.41 4.74 14.79
CA SER A 54 8.46 3.76 15.02
C SER A 54 8.28 2.55 14.11
N TYR A 55 7.04 2.15 13.90
CA TYR A 55 6.73 1.01 13.05
C TYR A 55 6.55 1.43 11.60
N ASP A 56 7.39 2.35 11.15
CA ASP A 56 7.32 2.85 9.78
C ASP A 56 8.18 2.00 8.85
N GLN A 57 7.77 1.91 7.60
CA GLN A 57 8.51 1.12 6.61
C GLN A 57 8.66 1.90 5.31
N TRP A 58 9.89 1.94 4.79
CA TRP A 58 10.17 2.65 3.56
C TRP A 58 10.33 1.68 2.39
N LEU A 59 9.94 2.12 1.20
CA LEU A 59 10.04 1.29 0.01
C LEU A 59 10.27 2.14 -1.24
N PHE A 60 10.54 1.48 -2.35
CA PHE A 60 10.78 2.18 -3.61
C PHE A 60 9.63 1.96 -4.59
N TYR A 61 9.07 3.05 -5.08
CA TYR A 61 7.95 2.97 -6.02
C TYR A 61 8.19 1.88 -7.06
N LEU A 62 9.46 1.66 -7.39
CA LEU A 62 9.83 0.64 -8.37
C LEU A 62 9.88 -0.74 -7.74
N ASP A 63 8.95 -1.00 -6.82
CA ASP A 63 8.89 -2.28 -6.14
C ASP A 63 7.65 -3.06 -6.54
N TYR A 64 7.59 -4.32 -6.15
CA TYR A 64 6.45 -5.18 -6.47
C TYR A 64 5.40 -5.12 -5.37
N ARG A 65 5.86 -5.14 -4.13
CA ARG A 65 4.95 -5.09 -2.98
C ARG A 65 3.84 -4.07 -3.20
N LEU A 66 4.23 -2.83 -3.52
CA LEU A 66 3.27 -1.77 -3.75
C LEU A 66 2.18 -2.22 -4.74
N ARG A 67 0.94 -2.22 -4.27
CA ARG A 67 -0.19 -2.63 -5.10
C ARG A 67 -1.39 -1.73 -4.86
N PRO A 68 -2.21 -1.54 -5.91
CA PRO A 68 -3.42 -0.70 -5.84
C PRO A 68 -4.50 -1.32 -4.97
N VAL A 69 -5.21 -0.47 -4.23
CA VAL A 69 -6.29 -0.92 -3.36
C VAL A 69 -7.46 -1.48 -4.16
N GLY A 70 -8.12 -2.49 -3.62
CA GLY A 70 -9.25 -3.09 -4.30
C GLY A 70 -8.98 -4.52 -4.71
N TRP A 71 -7.77 -4.79 -5.18
CA TRP A 71 -7.38 -6.13 -5.61
C TRP A 71 -7.53 -7.13 -4.47
N CYS A 72 -7.38 -6.66 -3.25
CA CYS A 72 -7.50 -7.52 -2.07
C CYS A 72 -8.94 -7.54 -1.57
N GLN A 73 -9.60 -6.39 -1.61
CA GLN A 73 -10.99 -6.28 -1.14
C GLN A 73 -11.76 -7.56 -1.45
N GLU A 74 -11.73 -7.98 -2.71
CA GLU A 74 -12.43 -9.19 -3.13
C GLU A 74 -12.08 -10.36 -2.21
N ASN A 75 -12.74 -11.49 -2.45
CA ASN A 75 -12.50 -12.69 -1.65
C ASN A 75 -11.48 -13.60 -2.31
N LYS A 76 -10.23 -13.14 -2.36
CA LYS A 76 -9.15 -13.92 -2.98
C LYS A 76 -7.99 -14.09 -2.00
N TYR A 77 -7.61 -13.00 -1.33
CA TYR A 77 -6.52 -13.02 -0.38
C TYR A 77 -6.97 -12.56 1.00
N ARG A 78 -6.07 -12.61 1.97
CA ARG A 78 -6.38 -12.18 3.33
C ARG A 78 -5.81 -10.80 3.62
N MET A 79 -6.68 -9.88 4.03
CA MET A 79 -6.27 -8.52 4.33
C MET A 79 -6.15 -8.32 5.85
N ASP A 80 -4.99 -8.68 6.39
CA ASP A 80 -4.75 -8.53 7.83
C ASP A 80 -3.34 -8.02 8.09
N PRO A 81 -3.20 -7.17 9.12
CA PRO A 81 -1.92 -6.59 9.50
C PRO A 81 -0.96 -7.62 10.10
N PRO A 82 0.32 -7.26 10.20
CA PRO A 82 1.36 -8.14 10.75
C PRO A 82 1.20 -8.36 12.25
N SER A 83 1.74 -9.47 12.74
CA SER A 83 1.65 -9.80 14.16
C SER A 83 2.59 -8.91 14.98
N GLU A 84 3.26 -7.99 14.31
CA GLU A 84 4.18 -7.08 14.97
C GLU A 84 3.46 -5.88 15.55
N ILE A 85 2.28 -5.57 14.99
CA ILE A 85 1.49 -4.45 15.45
C ILE A 85 0.14 -4.92 16.02
N TYR A 86 -0.33 -6.06 15.54
CA TYR A 86 -1.59 -6.63 16.00
C TYR A 86 -1.69 -6.56 17.52
N PRO A 87 -0.65 -7.04 18.21
CA PRO A 87 -0.60 -7.05 19.67
C PRO A 87 -0.45 -5.65 20.25
N LEU A 88 -0.69 -4.64 19.41
CA LEU A 88 -0.59 -3.26 19.85
C LEU A 88 -1.96 -2.57 19.85
N LYS A 89 -2.82 -3.01 18.93
CA LYS A 89 -4.17 -2.45 18.82
C LYS A 89 -5.22 -3.55 18.86
N MET A 90 -6.43 -3.20 19.27
CA MET A 90 -7.53 -4.16 19.35
C MET A 90 -7.94 -4.63 17.96
N ALA A 91 -8.22 -5.92 17.83
CA ALA A 91 -8.63 -6.49 16.56
C ALA A 91 -9.60 -5.57 15.83
N SER A 92 -10.46 -4.90 16.59
CA SER A 92 -11.45 -3.99 16.02
C SER A 92 -10.77 -2.70 15.53
N GLU A 93 -9.79 -2.23 16.29
CA GLU A 93 -9.08 -1.01 15.93
C GLU A 93 -8.52 -1.10 14.52
N TRP A 94 -7.84 -2.20 14.23
CA TRP A 94 -7.26 -2.41 12.90
C TRP A 94 -8.34 -2.45 11.83
N LYS A 95 -9.43 -3.16 12.11
CA LYS A 95 -10.53 -3.26 11.17
C LYS A 95 -11.19 -1.90 10.94
N CYS A 96 -11.26 -1.10 11.99
CA CYS A 96 -11.85 0.23 11.90
C CYS A 96 -11.10 1.11 10.91
N THR A 97 -9.85 1.44 11.25
CA THR A 97 -9.03 2.27 10.39
C THR A 97 -8.75 1.59 9.06
N LEU A 98 -8.81 0.26 9.06
CA LEU A 98 -8.57 -0.51 7.85
C LEU A 98 -9.67 -0.26 6.81
N GLU A 99 -10.91 -0.22 7.29
CA GLU A 99 -12.06 0.01 6.41
C GLU A 99 -12.06 1.45 5.89
N LYS A 100 -12.21 2.40 6.80
CA LYS A 100 -12.23 3.82 6.43
C LYS A 100 -11.18 4.11 5.36
N SER A 101 -9.95 3.68 5.60
CA SER A 101 -8.87 3.90 4.66
C SER A 101 -9.27 3.48 3.25
N LEU A 102 -9.61 2.21 3.09
CA LEU A 102 -10.02 1.68 1.79
C LEU A 102 -10.80 2.71 1.01
N ILE A 103 -11.85 3.24 1.64
CA ILE A 103 -12.69 4.25 0.99
C ILE A 103 -11.86 5.43 0.49
N ASP A 104 -11.01 5.96 1.36
CA ASP A 104 -10.15 7.08 1.02
C ASP A 104 -9.40 6.80 -0.28
N ALA A 105 -9.00 5.55 -0.47
CA ALA A 105 -8.26 5.16 -1.66
C ALA A 105 -9.03 5.53 -2.93
N ALA A 106 -10.35 5.45 -2.86
CA ALA A 106 -11.20 5.79 -4.00
C ALA A 106 -11.33 7.30 -4.16
N LYS A 107 -10.94 8.04 -3.13
CA LYS A 107 -11.00 9.49 -3.16
C LYS A 107 -9.65 10.10 -3.50
N PHE A 108 -8.58 9.39 -3.15
CA PHE A 108 -7.23 9.85 -3.43
C PHE A 108 -6.41 8.76 -4.12
N PRO A 109 -7.02 8.08 -5.10
CA PRO A 109 -6.37 7.01 -5.85
C PRO A 109 -5.26 7.52 -6.76
N LEU A 110 -4.51 6.60 -7.36
CA LEU A 110 -3.42 6.97 -8.26
C LEU A 110 -3.61 6.34 -9.64
N PRO A 111 -2.98 6.94 -10.66
CA PRO A 111 -3.06 6.45 -12.03
C PRO A 111 -2.34 5.12 -12.23
N MET A 112 -3.03 4.15 -12.80
CA MET A 112 -2.45 2.83 -13.05
C MET A 112 -1.04 2.95 -13.61
N GLU A 113 -0.85 3.91 -14.51
CA GLU A 113 0.45 4.13 -15.13
C GLU A 113 1.58 3.86 -14.13
N VAL A 114 1.40 4.36 -12.91
CA VAL A 114 2.40 4.17 -11.86
C VAL A 114 2.84 2.71 -11.77
N PHE A 115 1.87 1.82 -11.54
CA PHE A 115 2.15 0.40 -11.43
C PHE A 115 2.08 -0.28 -12.79
N LYS A 116 2.60 0.40 -13.81
CA LYS A 116 2.59 -0.13 -15.17
C LYS A 116 3.77 -1.07 -15.38
N ASP A 117 3.53 -2.37 -15.19
CA ASP A 117 4.57 -3.37 -15.37
C ASP A 117 3.96 -4.75 -15.62
N HIS A 118 4.27 -5.33 -16.77
CA HIS A 118 3.75 -6.64 -17.12
C HIS A 118 4.64 -7.32 -18.17
N ALA A 119 4.32 -8.57 -18.48
CA ALA A 119 5.10 -9.32 -19.46
C ALA A 119 4.18 -9.99 -20.49
N ASP A 120 3.79 -9.25 -21.50
CA ASP A 120 2.91 -9.77 -22.55
C ASP A 120 1.91 -10.77 -21.97
N LEU A 121 1.45 -10.50 -20.76
CA LEU A 121 0.50 -11.37 -20.09
C LEU A 121 -0.57 -11.88 -21.08
N SER A 122 -0.66 -13.19 -21.23
CA SER A 122 -1.63 -13.79 -22.13
C SER A 122 -3.06 -13.50 -21.67
N GLY A 123 -3.26 -13.54 -20.36
CA GLY A 123 -4.58 -13.27 -19.81
C GLY A 123 -5.38 -14.55 -19.62
N PRO A 124 -5.38 -15.07 -18.38
CA PRO A 124 -6.11 -16.30 -18.04
C PRO A 124 -7.62 -16.09 -18.06
N SER A 125 -8.34 -17.06 -18.63
CA SER A 125 -9.79 -16.98 -18.72
C SER A 125 -10.42 -17.06 -17.33
N SER A 126 -11.64 -16.54 -17.21
CA SER A 126 -12.35 -16.53 -15.94
C SER A 126 -13.15 -17.81 -15.76
N GLY A 127 -12.75 -18.63 -14.80
CA GLY A 127 -13.45 -19.87 -14.53
C GLY A 127 -14.07 -19.92 -13.15
N GLY A 1 8.37 21.26 0.01
CA GLY A 1 8.09 20.10 -0.80
C GLY A 1 8.49 20.29 -2.26
N SER A 2 9.77 20.56 -2.48
CA SER A 2 10.28 20.77 -3.83
C SER A 2 10.73 19.44 -4.45
N SER A 3 10.34 19.22 -5.69
CA SER A 3 10.69 17.99 -6.40
C SER A 3 10.25 18.05 -7.85
N GLY A 4 11.09 17.55 -8.75
CA GLY A 4 10.76 17.56 -10.17
C GLY A 4 11.50 16.48 -10.94
N SER A 5 11.21 15.22 -10.61
CA SER A 5 11.86 14.09 -11.26
C SER A 5 10.90 13.41 -12.23
N SER A 6 11.07 13.70 -13.52
CA SER A 6 10.21 13.12 -14.55
C SER A 6 10.09 11.61 -14.37
N GLY A 7 8.98 11.05 -14.83
CA GLY A 7 8.76 9.62 -14.70
C GLY A 7 7.58 9.28 -13.83
N PRO A 8 7.59 8.05 -13.27
CA PRO A 8 6.51 7.58 -12.39
C PRO A 8 6.51 8.29 -11.05
N ILE A 9 7.71 8.60 -10.55
CA ILE A 9 7.85 9.28 -9.27
C ILE A 9 6.82 10.41 -9.13
N ASP A 10 6.76 11.28 -10.14
CA ASP A 10 5.83 12.39 -10.13
C ASP A 10 4.40 11.90 -9.96
N LEU A 11 4.03 10.86 -10.70
CA LEU A 11 2.69 10.29 -10.63
C LEU A 11 2.24 10.14 -9.19
N ILE A 12 3.11 9.55 -8.36
CA ILE A 12 2.80 9.34 -6.95
C ILE A 12 2.94 10.65 -6.17
N THR A 13 2.08 10.82 -5.17
CA THR A 13 2.11 12.02 -4.34
C THR A 13 1.80 11.68 -2.88
N VAL A 14 2.49 12.35 -1.97
CA VAL A 14 2.29 12.13 -0.54
C VAL A 14 0.81 11.93 -0.22
N GLY A 15 0.53 10.90 0.57
CA GLY A 15 -0.86 10.62 0.94
C GLY A 15 -1.44 9.48 0.14
N SER A 16 -1.01 9.33 -1.11
CA SER A 16 -1.51 8.28 -1.98
C SER A 16 -1.55 6.94 -1.25
N LEU A 17 -2.74 6.38 -1.12
CA LEU A 17 -2.92 5.10 -0.43
C LEU A 17 -2.45 3.95 -1.32
N ILE A 18 -1.73 3.01 -0.73
CA ILE A 18 -1.22 1.85 -1.46
C ILE A 18 -1.17 0.61 -0.57
N GLU A 19 -1.48 -0.54 -1.14
CA GLU A 19 -1.47 -1.80 -0.40
C GLU A 19 -0.05 -2.36 -0.31
N LEU A 20 0.17 -3.21 0.69
CA LEU A 20 1.48 -3.82 0.88
C LEU A 20 1.35 -5.29 1.26
N GLN A 21 2.44 -6.04 1.13
CA GLN A 21 2.44 -7.45 1.46
C GLN A 21 3.19 -7.71 2.78
N ASP A 22 2.59 -8.53 3.63
CA ASP A 22 3.19 -8.86 4.92
C ASP A 22 4.68 -9.17 4.76
N SER A 23 5.50 -8.70 5.70
CA SER A 23 6.93 -8.93 5.66
C SER A 23 7.24 -10.41 5.43
N GLN A 24 6.35 -11.27 5.91
CA GLN A 24 6.53 -12.71 5.76
C GLN A 24 5.39 -13.32 4.94
N ASN A 25 4.16 -13.13 5.43
CA ASN A 25 2.99 -13.67 4.74
C ASN A 25 2.86 -13.08 3.35
N PRO A 26 3.08 -13.92 2.32
CA PRO A 26 3.00 -13.50 0.92
C PRO A 26 1.57 -13.21 0.49
N PHE A 27 0.67 -14.15 0.76
CA PHE A 27 -0.73 -14.00 0.41
C PHE A 27 -1.37 -12.85 1.16
N GLN A 28 -0.97 -12.69 2.42
CA GLN A 28 -1.50 -11.62 3.28
C GLN A 28 -1.10 -10.25 2.73
N TYR A 29 -1.86 -9.23 3.12
CA TYR A 29 -1.59 -7.87 2.67
C TYR A 29 -2.13 -6.85 3.67
N TRP A 30 -1.86 -5.58 3.41
CA TRP A 30 -2.31 -4.51 4.28
C TRP A 30 -2.44 -3.20 3.52
N ILE A 31 -3.11 -2.22 4.13
CA ILE A 31 -3.30 -0.92 3.49
C ILE A 31 -2.44 0.14 4.17
N VAL A 32 -1.66 0.87 3.37
CA VAL A 32 -0.79 1.91 3.88
C VAL A 32 -0.96 3.20 3.10
N SER A 33 -0.42 4.29 3.64
CA SER A 33 -0.52 5.60 2.99
C SER A 33 0.85 6.26 2.91
N VAL A 34 1.17 6.80 1.73
CA VAL A 34 2.45 7.48 1.53
C VAL A 34 2.63 8.64 2.49
N ILE A 35 3.69 8.59 3.28
CA ILE A 35 3.98 9.64 4.25
C ILE A 35 4.97 10.66 3.68
N GLU A 36 6.02 10.15 3.04
CA GLU A 36 7.03 11.01 2.44
C GLU A 36 7.62 10.39 1.20
N ASN A 37 7.75 11.18 0.13
CA ASN A 37 8.30 10.69 -1.13
C ASN A 37 9.60 11.43 -1.47
N VAL A 38 10.72 10.76 -1.27
CA VAL A 38 12.03 11.34 -1.56
C VAL A 38 12.71 10.61 -2.71
N GLY A 39 12.55 11.14 -3.92
CA GLY A 39 13.17 10.52 -5.08
C GLY A 39 12.74 9.07 -5.26
N GLY A 40 11.50 8.77 -4.90
CA GLY A 40 11.00 7.41 -5.02
C GLY A 40 10.92 6.70 -3.68
N ARG A 41 11.44 7.34 -2.65
CA ARG A 41 11.43 6.75 -1.31
C ARG A 41 10.10 7.00 -0.62
N LEU A 42 9.11 6.16 -0.92
CA LEU A 42 7.79 6.29 -0.33
C LEU A 42 7.76 5.69 1.08
N ARG A 43 7.55 6.54 2.08
CA ARG A 43 7.49 6.10 3.47
C ARG A 43 6.08 5.69 3.85
N LEU A 44 5.77 4.41 3.65
CA LEU A 44 4.45 3.88 3.97
C LEU A 44 4.30 3.66 5.47
N ARG A 45 3.11 3.92 5.99
CA ARG A 45 2.85 3.75 7.42
C ARG A 45 1.55 2.98 7.63
N TYR A 46 1.67 1.82 8.28
CA TYR A 46 0.50 0.98 8.55
C TYR A 46 -0.63 1.81 9.15
N VAL A 47 -1.75 1.90 8.42
CA VAL A 47 -2.90 2.66 8.88
C VAL A 47 -3.22 2.34 10.34
N GLY A 48 -3.63 3.37 11.09
CA GLY A 48 -3.96 3.18 12.48
C GLY A 48 -2.87 3.69 13.41
N LEU A 49 -1.64 3.69 12.92
CA LEU A 49 -0.51 4.16 13.72
C LEU A 49 -0.02 5.52 13.23
N GLU A 50 -0.96 6.33 12.76
CA GLU A 50 -0.62 7.67 12.26
C GLU A 50 -0.07 8.54 13.37
N ASP A 51 -0.70 8.48 14.54
CA ASP A 51 -0.26 9.27 15.69
C ASP A 51 1.20 8.99 16.02
N THR A 52 1.57 7.71 16.07
CA THR A 52 2.94 7.31 16.36
C THR A 52 3.78 7.27 15.09
N GLU A 53 5.08 7.52 15.25
CA GLU A 53 6.00 7.51 14.11
C GLU A 53 7.14 6.52 14.35
N SER A 54 6.80 5.30 14.73
CA SER A 54 7.79 4.26 14.99
C SER A 54 7.53 3.03 14.14
N TYR A 55 6.26 2.70 13.95
CA TYR A 55 5.88 1.54 13.16
C TYR A 55 5.68 1.92 11.70
N ASP A 56 6.63 2.70 11.17
CA ASP A 56 6.57 3.14 9.78
C ASP A 56 7.33 2.16 8.87
N GLN A 57 7.23 2.39 7.57
CA GLN A 57 7.90 1.54 6.60
C GLN A 57 8.30 2.34 5.36
N TRP A 58 9.45 2.00 4.80
CA TRP A 58 9.96 2.68 3.61
C TRP A 58 10.11 1.71 2.44
N LEU A 59 9.63 2.12 1.27
CA LEU A 59 9.71 1.29 0.08
C LEU A 59 9.97 2.14 -1.17
N PHE A 60 10.48 1.50 -2.22
CA PHE A 60 10.77 2.19 -3.47
C PHE A 60 9.67 1.95 -4.50
N TYR A 61 9.10 3.04 -5.00
CA TYR A 61 8.04 2.94 -6.00
C TYR A 61 8.33 1.84 -7.01
N LEU A 62 9.61 1.59 -7.24
CA LEU A 62 10.02 0.56 -8.19
C LEU A 62 10.01 -0.82 -7.53
N ASP A 63 9.02 -1.05 -6.68
CA ASP A 63 8.89 -2.32 -5.98
C ASP A 63 7.77 -3.16 -6.60
N TYR A 64 7.56 -4.35 -6.04
CA TYR A 64 6.52 -5.25 -6.54
C TYR A 64 5.38 -5.38 -5.53
N ARG A 65 5.74 -5.55 -4.26
CA ARG A 65 4.75 -5.68 -3.20
C ARG A 65 3.75 -4.54 -3.25
N LEU A 66 4.24 -3.34 -3.56
CA LEU A 66 3.38 -2.17 -3.63
C LEU A 66 2.24 -2.38 -4.63
N ARG A 67 1.07 -2.72 -4.12
CA ARG A 67 -0.09 -2.95 -4.98
C ARG A 67 -1.16 -1.89 -4.73
N PRO A 68 -1.99 -1.63 -5.76
CA PRO A 68 -3.07 -0.64 -5.68
C PRO A 68 -4.20 -1.09 -4.76
N VAL A 69 -4.75 -0.14 -4.01
CA VAL A 69 -5.85 -0.44 -3.09
C VAL A 69 -7.15 -0.72 -3.84
N GLY A 70 -7.83 -1.79 -3.47
CA GLY A 70 -9.07 -2.14 -4.12
C GLY A 70 -9.12 -3.60 -4.56
N TRP A 71 -8.03 -4.05 -5.16
CA TRP A 71 -7.94 -5.43 -5.62
C TRP A 71 -8.37 -6.41 -4.53
N CYS A 72 -8.06 -6.07 -3.28
CA CYS A 72 -8.41 -6.92 -2.15
C CYS A 72 -9.69 -6.43 -1.49
N GLN A 73 -10.80 -7.10 -1.79
CA GLN A 73 -12.08 -6.74 -1.21
C GLN A 73 -12.18 -7.17 0.25
N GLU A 74 -13.35 -6.99 0.84
CA GLU A 74 -13.58 -7.36 2.23
C GLU A 74 -12.75 -8.58 2.61
N ASN A 75 -13.18 -9.75 2.14
CA ASN A 75 -12.48 -11.00 2.44
C ASN A 75 -12.34 -11.84 1.18
N LYS A 76 -11.25 -11.62 0.44
CA LYS A 76 -11.00 -12.37 -0.79
C LYS A 76 -9.88 -13.39 -0.58
N TYR A 77 -8.66 -12.90 -0.42
CA TYR A 77 -7.51 -13.77 -0.21
C TYR A 77 -7.09 -13.78 1.26
N ARG A 78 -6.51 -12.69 1.71
CA ARG A 78 -6.05 -12.56 3.09
C ARG A 78 -5.60 -11.14 3.40
N MET A 79 -6.42 -10.40 4.13
CA MET A 79 -6.11 -9.02 4.49
C MET A 79 -5.92 -8.88 6.00
N ASP A 80 -4.67 -8.89 6.44
CA ASP A 80 -4.37 -8.77 7.86
C ASP A 80 -2.99 -8.16 8.06
N PRO A 81 -2.88 -7.26 9.05
CA PRO A 81 -1.63 -6.57 9.37
C PRO A 81 -0.60 -7.51 10.00
N PRO A 82 0.65 -7.04 10.12
CA PRO A 82 1.75 -7.83 10.70
C PRO A 82 1.58 -8.03 12.19
N SER A 83 2.13 -9.14 12.70
CA SER A 83 2.04 -9.45 14.12
C SER A 83 2.93 -8.52 14.95
N GLU A 84 3.60 -7.59 14.26
CA GLU A 84 4.48 -6.64 14.93
C GLU A 84 3.67 -5.51 15.57
N ILE A 85 2.50 -5.23 15.00
CA ILE A 85 1.64 -4.18 15.51
C ILE A 85 0.32 -4.75 16.04
N TYR A 86 -0.10 -5.86 15.46
CA TYR A 86 -1.34 -6.51 15.86
C TYR A 86 -1.44 -6.60 17.39
N PRO A 87 -0.37 -7.11 18.02
CA PRO A 87 -0.31 -7.26 19.48
C PRO A 87 -0.21 -5.92 20.20
N LEU A 88 -0.43 -4.84 19.46
CA LEU A 88 -0.36 -3.50 20.02
C LEU A 88 -1.77 -2.89 20.13
N LYS A 89 -2.64 -3.25 19.20
CA LYS A 89 -4.00 -2.74 19.20
C LYS A 89 -5.01 -3.89 19.10
N MET A 90 -6.27 -3.59 19.38
CA MET A 90 -7.33 -4.59 19.31
C MET A 90 -7.69 -4.92 17.86
N ALA A 91 -7.94 -6.19 17.59
CA ALA A 91 -8.29 -6.63 16.24
C ALA A 91 -9.29 -5.67 15.60
N SER A 92 -10.23 -5.18 16.40
CA SER A 92 -11.25 -4.26 15.91
C SER A 92 -10.62 -2.93 15.49
N GLU A 93 -9.66 -2.46 16.27
CA GLU A 93 -8.98 -1.21 15.98
C GLU A 93 -8.38 -1.22 14.57
N TRP A 94 -7.74 -2.34 14.22
CA TRP A 94 -7.13 -2.48 12.91
C TRP A 94 -8.19 -2.55 11.81
N LYS A 95 -9.32 -3.18 12.13
CA LYS A 95 -10.42 -3.32 11.18
C LYS A 95 -11.12 -1.98 10.97
N CYS A 96 -11.20 -1.18 12.02
CA CYS A 96 -11.83 0.13 11.94
C CYS A 96 -11.15 1.02 10.92
N THR A 97 -9.85 1.23 11.10
CA THR A 97 -9.08 2.06 10.19
C THR A 97 -8.98 1.44 8.81
N LEU A 98 -9.02 0.12 8.77
CA LEU A 98 -8.93 -0.62 7.50
C LEU A 98 -10.06 -0.21 6.57
N GLU A 99 -11.24 0.03 7.13
CA GLU A 99 -12.41 0.44 6.35
C GLU A 99 -12.23 1.86 5.82
N LYS A 100 -12.12 2.81 6.74
CA LYS A 100 -11.96 4.22 6.36
C LYS A 100 -10.88 4.37 5.29
N SER A 101 -9.76 3.69 5.49
CA SER A 101 -8.65 3.76 4.54
C SER A 101 -9.13 3.40 3.13
N LEU A 102 -9.93 2.34 3.03
CA LEU A 102 -10.45 1.91 1.74
C LEU A 102 -11.13 3.06 1.01
N ILE A 103 -11.91 3.85 1.75
CA ILE A 103 -12.62 4.98 1.17
C ILE A 103 -11.64 6.06 0.70
N ASP A 104 -10.76 6.47 1.61
CA ASP A 104 -9.77 7.50 1.30
C ASP A 104 -9.06 7.19 -0.03
N ALA A 105 -8.81 5.90 -0.27
CA ALA A 105 -8.13 5.48 -1.49
C ALA A 105 -8.89 5.95 -2.72
N ALA A 106 -10.22 5.85 -2.67
CA ALA A 106 -11.06 6.27 -3.78
C ALA A 106 -11.08 7.79 -3.91
N LYS A 107 -10.56 8.47 -2.90
CA LYS A 107 -10.52 9.93 -2.90
C LYS A 107 -9.14 10.43 -3.30
N PHE A 108 -8.12 9.62 -3.04
CA PHE A 108 -6.75 9.99 -3.38
C PHE A 108 -6.04 8.85 -4.12
N PRO A 109 -6.74 8.24 -5.07
CA PRO A 109 -6.20 7.13 -5.87
C PRO A 109 -5.10 7.58 -6.82
N LEU A 110 -4.27 6.64 -7.24
CA LEU A 110 -3.18 6.93 -8.15
C LEU A 110 -3.43 6.34 -9.53
N PRO A 111 -2.80 6.92 -10.55
CA PRO A 111 -2.95 6.46 -11.95
C PRO A 111 -2.29 5.10 -12.19
N MET A 112 -3.07 4.15 -12.67
CA MET A 112 -2.56 2.81 -12.94
C MET A 112 -1.18 2.87 -13.58
N GLU A 113 -0.98 3.87 -14.43
CA GLU A 113 0.30 4.04 -15.12
C GLU A 113 1.47 3.71 -14.19
N VAL A 114 1.38 4.17 -12.95
CA VAL A 114 2.42 3.92 -11.96
C VAL A 114 2.77 2.43 -11.90
N PHE A 115 1.77 1.61 -11.58
CA PHE A 115 1.98 0.17 -11.48
C PHE A 115 1.76 -0.50 -12.84
N LYS A 116 2.29 0.12 -13.89
CA LYS A 116 2.16 -0.41 -15.24
C LYS A 116 3.41 -1.19 -15.64
N ASP A 117 3.29 -2.51 -15.67
CA ASP A 117 4.41 -3.37 -16.04
C ASP A 117 4.01 -4.32 -17.17
N HIS A 118 4.87 -4.40 -18.20
CA HIS A 118 4.61 -5.26 -19.34
C HIS A 118 5.01 -6.70 -19.03
N ALA A 119 6.27 -6.89 -18.64
CA ALA A 119 6.77 -8.22 -18.31
C ALA A 119 5.78 -8.99 -17.45
N ASP A 120 5.98 -10.30 -17.35
CA ASP A 120 5.11 -11.15 -16.55
C ASP A 120 3.65 -10.95 -16.96
N LEU A 121 3.37 -11.11 -18.24
CA LEU A 121 2.01 -10.94 -18.76
C LEU A 121 1.08 -12.02 -18.21
N SER A 122 0.05 -11.59 -17.48
CA SER A 122 -0.91 -12.53 -16.90
C SER A 122 -1.66 -13.27 -18.00
N GLY A 123 -2.20 -14.43 -17.64
CA GLY A 123 -2.95 -15.24 -18.60
C GLY A 123 -2.06 -16.15 -19.40
N PRO A 124 -1.76 -17.34 -18.85
CA PRO A 124 -0.91 -18.34 -19.50
C PRO A 124 -1.59 -18.97 -20.71
N SER A 125 -2.84 -18.58 -20.96
CA SER A 125 -3.59 -19.11 -22.08
C SER A 125 -2.91 -18.78 -23.40
N SER A 126 -2.91 -19.75 -24.32
CA SER A 126 -2.29 -19.56 -25.63
C SER A 126 -2.85 -20.54 -26.64
N GLY A 127 -2.96 -20.10 -27.89
CA GLY A 127 -3.49 -20.96 -28.94
C GLY A 127 -4.46 -20.23 -29.86
N GLY A 1 8.24 20.41 -1.41
CA GLY A 1 8.25 21.16 -2.66
C GLY A 1 8.19 20.26 -3.87
N SER A 2 7.94 20.84 -5.03
CA SER A 2 7.85 20.09 -6.27
C SER A 2 7.91 21.02 -7.48
N SER A 3 8.53 20.54 -8.55
CA SER A 3 8.66 21.32 -9.77
C SER A 3 9.09 20.44 -10.94
N GLY A 4 8.30 20.46 -12.02
CA GLY A 4 8.63 19.66 -13.19
C GLY A 4 8.41 18.18 -12.95
N SER A 5 7.51 17.58 -13.73
CA SER A 5 7.22 16.16 -13.59
C SER A 5 8.33 15.31 -14.21
N SER A 6 8.75 14.29 -13.49
CA SER A 6 9.80 13.39 -13.96
C SER A 6 9.48 11.94 -13.63
N GLY A 7 9.42 11.10 -14.65
CA GLY A 7 9.12 9.69 -14.45
C GLY A 7 7.86 9.48 -13.64
N PRO A 8 7.69 8.26 -13.12
CA PRO A 8 6.51 7.90 -12.32
C PRO A 8 6.50 8.58 -10.96
N ILE A 9 7.68 8.72 -10.36
CA ILE A 9 7.80 9.37 -9.06
C ILE A 9 6.82 10.54 -8.93
N ASP A 10 6.78 11.38 -9.95
CA ASP A 10 5.89 12.53 -9.95
C ASP A 10 4.43 12.10 -9.84
N LEU A 11 4.08 11.03 -10.56
CA LEU A 11 2.72 10.52 -10.54
C LEU A 11 2.24 10.32 -9.11
N ILE A 12 3.12 9.79 -8.26
CA ILE A 12 2.78 9.55 -6.86
C ILE A 12 2.84 10.84 -6.05
N THR A 13 1.89 10.99 -5.12
CA THR A 13 1.82 12.18 -4.28
C THR A 13 1.57 11.80 -2.83
N VAL A 14 2.31 12.45 -1.93
CA VAL A 14 2.17 12.19 -0.50
C VAL A 14 0.71 12.00 -0.12
N GLY A 15 0.42 10.92 0.61
CA GLY A 15 -0.94 10.64 1.03
C GLY A 15 -1.56 9.49 0.26
N SER A 16 -1.13 9.31 -0.98
CA SER A 16 -1.65 8.23 -1.82
C SER A 16 -1.66 6.91 -1.06
N LEU A 17 -2.78 6.21 -1.14
CA LEU A 17 -2.93 4.92 -0.46
C LEU A 17 -2.42 3.78 -1.34
N ILE A 18 -1.69 2.85 -0.73
CA ILE A 18 -1.16 1.71 -1.46
C ILE A 18 -1.24 0.44 -0.62
N GLU A 19 -1.10 -0.71 -1.28
CA GLU A 19 -1.15 -2.00 -0.60
C GLU A 19 0.25 -2.58 -0.42
N LEU A 20 0.41 -3.41 0.60
CA LEU A 20 1.70 -4.03 0.89
C LEU A 20 1.52 -5.52 1.21
N GLN A 21 2.58 -6.29 1.01
CA GLN A 21 2.55 -7.72 1.29
C GLN A 21 3.42 -8.06 2.49
N ASP A 22 2.88 -8.87 3.39
CA ASP A 22 3.60 -9.28 4.59
C ASP A 22 5.03 -9.68 4.25
N SER A 23 6.00 -9.07 4.94
CA SER A 23 7.40 -9.36 4.71
C SER A 23 7.64 -10.86 4.59
N GLN A 24 6.71 -11.64 5.15
CA GLN A 24 6.82 -13.10 5.11
C GLN A 24 5.56 -13.72 4.53
N ASN A 25 4.45 -13.57 5.25
CA ASN A 25 3.16 -14.12 4.82
C ASN A 25 2.88 -13.75 3.37
N PRO A 26 3.02 -14.74 2.46
CA PRO A 26 2.79 -14.55 1.04
C PRO A 26 1.32 -14.33 0.71
N PHE A 27 0.45 -14.91 1.53
CA PHE A 27 -0.99 -14.78 1.33
C PHE A 27 -1.59 -13.78 2.32
N GLN A 28 -0.82 -12.75 2.66
CA GLN A 28 -1.26 -11.73 3.59
C GLN A 28 -0.78 -10.35 3.17
N TYR A 29 -1.69 -9.38 3.19
CA TYR A 29 -1.36 -8.02 2.80
C TYR A 29 -1.97 -7.01 3.77
N TRP A 30 -1.60 -5.74 3.61
CA TRP A 30 -2.11 -4.68 4.46
C TRP A 30 -2.23 -3.37 3.70
N ILE A 31 -2.97 -2.42 4.27
CA ILE A 31 -3.16 -1.13 3.63
C ILE A 31 -2.22 -0.08 4.24
N VAL A 32 -1.61 0.72 3.37
CA VAL A 32 -0.69 1.76 3.81
C VAL A 32 -0.93 3.06 3.06
N SER A 33 -0.33 4.14 3.54
CA SER A 33 -0.48 5.45 2.92
C SER A 33 0.86 6.17 2.83
N VAL A 34 1.17 6.68 1.64
CA VAL A 34 2.42 7.40 1.42
C VAL A 34 2.59 8.53 2.43
N ILE A 35 3.64 8.44 3.25
CA ILE A 35 3.91 9.46 4.25
C ILE A 35 4.84 10.53 3.70
N GLU A 36 5.90 10.11 3.03
CA GLU A 36 6.86 11.04 2.45
C GLU A 36 7.51 10.46 1.20
N ASN A 37 7.61 11.28 0.15
CA ASN A 37 8.20 10.84 -1.11
C ASN A 37 9.50 11.60 -1.40
N VAL A 38 10.62 10.94 -1.22
CA VAL A 38 11.92 11.55 -1.46
C VAL A 38 12.62 10.91 -2.66
N GLY A 39 12.37 11.44 -3.85
CA GLY A 39 12.98 10.91 -5.05
C GLY A 39 12.64 9.45 -5.28
N GLY A 40 11.39 9.08 -5.00
CA GLY A 40 10.96 7.71 -5.18
C GLY A 40 10.92 6.94 -3.88
N ARG A 41 11.44 7.55 -2.81
CA ARG A 41 11.46 6.91 -1.51
C ARG A 41 10.14 7.14 -0.77
N LEU A 42 9.20 6.21 -0.95
CA LEU A 42 7.90 6.29 -0.32
C LEU A 42 7.92 5.67 1.07
N ARG A 43 7.62 6.48 2.09
CA ARG A 43 7.61 6.00 3.47
C ARG A 43 6.22 5.54 3.87
N LEU A 44 5.93 4.26 3.64
CA LEU A 44 4.63 3.69 3.99
C LEU A 44 4.52 3.46 5.50
N ARG A 45 3.32 3.68 6.03
CA ARG A 45 3.08 3.49 7.45
C ARG A 45 1.75 2.76 7.69
N TYR A 46 1.84 1.57 8.27
CA TYR A 46 0.65 0.78 8.55
C TYR A 46 -0.44 1.63 9.18
N VAL A 47 -1.54 1.80 8.46
CA VAL A 47 -2.67 2.59 8.95
C VAL A 47 -3.00 2.23 10.40
N GLY A 48 -3.36 3.25 11.18
CA GLY A 48 -3.69 3.01 12.57
C GLY A 48 -2.61 3.47 13.53
N LEU A 49 -1.36 3.39 13.07
CA LEU A 49 -0.22 3.80 13.89
C LEU A 49 0.23 5.21 13.53
N GLU A 50 -0.72 6.04 13.10
CA GLU A 50 -0.42 7.42 12.73
C GLU A 50 0.22 8.17 13.90
N ASP A 51 -0.30 7.93 15.10
CA ASP A 51 0.23 8.58 16.30
C ASP A 51 1.71 8.27 16.49
N THR A 52 2.04 6.98 16.49
CA THR A 52 3.42 6.54 16.66
C THR A 52 4.17 6.55 15.33
N GLU A 53 5.38 7.08 15.33
CA GLU A 53 6.20 7.14 14.12
C GLU A 53 7.42 6.24 14.25
N SER A 54 7.19 5.00 14.68
CA SER A 54 8.27 4.04 14.85
C SER A 54 8.01 2.77 14.03
N TYR A 55 6.73 2.42 13.91
CA TYR A 55 6.34 1.24 13.15
C TYR A 55 6.14 1.57 11.67
N ASP A 56 6.99 2.45 11.15
CA ASP A 56 6.90 2.86 9.76
C ASP A 56 7.80 1.98 8.89
N GLN A 57 7.59 2.06 7.57
CA GLN A 57 8.38 1.28 6.63
C GLN A 57 8.62 2.05 5.34
N TRP A 58 9.86 2.04 4.87
CA TRP A 58 10.22 2.75 3.65
C TRP A 58 10.40 1.77 2.49
N LEU A 59 9.88 2.15 1.32
CA LEU A 59 9.97 1.30 0.13
C LEU A 59 10.16 2.15 -1.12
N PHE A 60 10.63 1.52 -2.18
CA PHE A 60 10.86 2.22 -3.45
C PHE A 60 9.74 1.91 -4.45
N TYR A 61 9.09 2.96 -4.93
CA TYR A 61 8.00 2.80 -5.89
C TYR A 61 8.32 1.71 -6.91
N LEU A 62 9.61 1.53 -7.18
CA LEU A 62 10.05 0.51 -8.13
C LEU A 62 10.18 -0.85 -7.47
N ASP A 63 9.23 -1.14 -6.58
CA ASP A 63 9.23 -2.43 -5.87
C ASP A 63 8.15 -3.35 -6.42
N TYR A 64 8.04 -4.55 -5.86
CA TYR A 64 7.05 -5.52 -6.29
C TYR A 64 5.91 -5.61 -5.29
N ARG A 65 6.15 -5.12 -4.07
CA ARG A 65 5.15 -5.14 -3.03
C ARG A 65 4.32 -3.86 -3.04
N LEU A 66 4.03 -3.35 -4.23
CA LEU A 66 3.25 -2.13 -4.37
C LEU A 66 2.05 -2.35 -5.29
N ARG A 67 0.85 -2.29 -4.71
CA ARG A 67 -0.37 -2.49 -5.48
C ARG A 67 -1.43 -1.47 -5.08
N PRO A 68 -2.29 -1.10 -6.04
CA PRO A 68 -3.37 -0.13 -5.82
C PRO A 68 -4.46 -0.67 -4.92
N VAL A 69 -5.02 0.18 -4.07
CA VAL A 69 -6.08 -0.22 -3.16
C VAL A 69 -7.38 -0.46 -3.91
N GLY A 70 -8.02 -1.60 -3.64
CA GLY A 70 -9.27 -1.93 -4.30
C GLY A 70 -9.22 -3.28 -4.98
N TRP A 71 -8.07 -3.63 -5.53
CA TRP A 71 -7.89 -4.91 -6.21
C TRP A 71 -8.13 -6.07 -5.26
N CYS A 72 -7.64 -5.94 -4.03
CA CYS A 72 -7.80 -6.98 -3.03
C CYS A 72 -9.15 -6.87 -2.32
N GLN A 73 -10.16 -6.44 -3.07
CA GLN A 73 -11.50 -6.29 -2.53
C GLN A 73 -12.14 -7.65 -2.25
N GLU A 74 -12.17 -8.50 -3.26
CA GLU A 74 -12.75 -9.83 -3.13
C GLU A 74 -11.99 -10.65 -2.09
N ASN A 75 -12.36 -11.92 -1.95
CA ASN A 75 -11.72 -12.81 -0.99
C ASN A 75 -10.44 -13.39 -1.56
N LYS A 76 -9.72 -12.59 -2.34
CA LYS A 76 -8.48 -13.03 -2.96
C LYS A 76 -7.50 -13.57 -1.91
N TYR A 77 -6.99 -12.67 -1.08
CA TYR A 77 -6.05 -13.05 -0.03
C TYR A 77 -6.54 -12.59 1.34
N ARG A 78 -5.71 -12.79 2.36
CA ARG A 78 -6.06 -12.39 3.72
C ARG A 78 -5.49 -11.01 4.03
N MET A 79 -6.37 -10.02 4.09
CA MET A 79 -5.96 -8.65 4.39
C MET A 79 -5.81 -8.44 5.89
N ASP A 80 -4.75 -8.97 6.46
CA ASP A 80 -4.48 -8.84 7.89
C ASP A 80 -3.10 -8.26 8.14
N PRO A 81 -3.00 -7.35 9.12
CA PRO A 81 -1.74 -6.70 9.48
C PRO A 81 -0.77 -7.65 10.16
N PRO A 82 0.48 -7.21 10.33
CA PRO A 82 1.52 -8.01 10.97
C PRO A 82 1.28 -8.21 12.46
N SER A 83 1.70 -9.36 12.98
CA SER A 83 1.52 -9.67 14.40
C SER A 83 2.37 -8.75 15.26
N GLU A 84 3.18 -7.92 14.61
CA GLU A 84 4.03 -6.99 15.33
C GLU A 84 3.24 -5.79 15.84
N ILE A 85 2.17 -5.45 15.12
CA ILE A 85 1.32 -4.33 15.51
C ILE A 85 -0.04 -4.80 16.00
N TYR A 86 -0.51 -5.91 15.43
CA TYR A 86 -1.79 -6.47 15.81
C TYR A 86 -1.99 -6.42 17.33
N PRO A 87 -0.99 -6.93 18.07
CA PRO A 87 -1.02 -6.95 19.53
C PRO A 87 -0.90 -5.56 20.13
N LEU A 88 -0.39 -4.63 19.35
CA LEU A 88 -0.22 -3.25 19.81
C LEU A 88 -1.56 -2.55 19.93
N LYS A 89 -2.47 -2.84 19.00
CA LYS A 89 -3.79 -2.23 19.00
C LYS A 89 -4.88 -3.31 19.05
N MET A 90 -6.07 -2.91 19.50
CA MET A 90 -7.19 -3.84 19.60
C MET A 90 -7.75 -4.17 18.22
N ALA A 91 -8.08 -5.44 18.00
CA ALA A 91 -8.62 -5.88 16.73
C ALA A 91 -9.49 -4.79 16.09
N SER A 92 -10.42 -4.25 16.87
CA SER A 92 -11.31 -3.20 16.39
C SER A 92 -10.52 -2.10 15.70
N GLU A 93 -9.48 -1.62 16.36
CA GLU A 93 -8.64 -0.56 15.81
C GLU A 93 -8.11 -0.95 14.43
N TRP A 94 -7.65 -2.18 14.31
CA TRP A 94 -7.10 -2.68 13.05
C TRP A 94 -8.23 -2.93 12.04
N LYS A 95 -9.45 -2.99 12.53
CA LYS A 95 -10.62 -3.22 11.68
C LYS A 95 -11.25 -1.90 11.25
N CYS A 96 -11.11 -0.89 12.09
CA CYS A 96 -11.68 0.43 11.81
C CYS A 96 -10.84 1.16 10.76
N THR A 97 -9.56 1.36 11.07
CA THR A 97 -8.65 2.05 10.16
C THR A 97 -8.54 1.31 8.83
N LEU A 98 -8.80 0.00 8.86
CA LEU A 98 -8.73 -0.81 7.66
C LEU A 98 -9.81 -0.42 6.66
N GLU A 99 -11.02 -0.18 7.17
CA GLU A 99 -12.13 0.20 6.32
C GLU A 99 -11.99 1.64 5.84
N LYS A 100 -12.01 2.58 6.78
CA LYS A 100 -11.87 3.99 6.46
C LYS A 100 -10.92 4.19 5.29
N SER A 101 -9.71 3.67 5.41
CA SER A 101 -8.70 3.79 4.36
C SER A 101 -9.30 3.43 3.00
N LEU A 102 -9.79 2.21 2.89
CA LEU A 102 -10.39 1.74 1.64
C LEU A 102 -11.13 2.87 0.94
N ILE A 103 -11.95 3.60 1.70
CA ILE A 103 -12.72 4.71 1.15
C ILE A 103 -11.80 5.81 0.63
N ASP A 104 -10.79 6.15 1.42
CA ASP A 104 -9.84 7.19 1.04
C ASP A 104 -9.22 6.89 -0.33
N ALA A 105 -9.02 5.61 -0.61
CA ALA A 105 -8.43 5.18 -1.87
C ALA A 105 -9.28 5.67 -3.05
N ALA A 106 -10.60 5.64 -2.88
CA ALA A 106 -11.52 6.08 -3.92
C ALA A 106 -11.58 7.59 -4.01
N LYS A 107 -10.88 8.26 -3.08
CA LYS A 107 -10.85 9.71 -3.05
C LYS A 107 -9.50 10.24 -3.51
N PHE A 108 -8.45 9.46 -3.27
CA PHE A 108 -7.10 9.85 -3.67
C PHE A 108 -6.41 8.71 -4.42
N PRO A 109 -7.14 8.09 -5.35
CA PRO A 109 -6.61 6.98 -6.16
C PRO A 109 -5.55 7.44 -7.16
N LEU A 110 -4.52 6.63 -7.33
CA LEU A 110 -3.44 6.95 -8.26
C LEU A 110 -3.67 6.28 -9.61
N PRO A 111 -3.14 6.91 -10.67
CA PRO A 111 -3.27 6.39 -12.04
C PRO A 111 -2.45 5.12 -12.25
N MET A 112 -3.02 4.17 -13.00
CA MET A 112 -2.34 2.91 -13.28
C MET A 112 -0.97 3.16 -13.90
N GLU A 113 -0.80 4.32 -14.51
CA GLU A 113 0.46 4.68 -15.15
C GLU A 113 1.63 4.46 -14.20
N VAL A 114 1.36 4.59 -12.90
CA VAL A 114 2.38 4.42 -11.88
C VAL A 114 2.92 2.99 -11.90
N PHE A 115 2.02 2.02 -11.78
CA PHE A 115 2.41 0.62 -11.78
C PHE A 115 2.27 0.01 -13.18
N LYS A 116 2.73 0.75 -14.18
CA LYS A 116 2.67 0.29 -15.57
C LYS A 116 3.94 -0.45 -15.95
N ASP A 117 4.41 -1.32 -15.05
CA ASP A 117 5.62 -2.10 -15.30
C ASP A 117 5.55 -3.45 -14.61
N HIS A 118 6.43 -4.37 -15.01
CA HIS A 118 6.46 -5.70 -14.43
C HIS A 118 7.88 -6.06 -13.99
N ALA A 119 8.03 -7.25 -13.41
CA ALA A 119 9.33 -7.72 -12.94
C ALA A 119 9.64 -9.11 -13.49
N ASP A 120 8.67 -10.00 -13.41
CA ASP A 120 8.85 -11.37 -13.90
C ASP A 120 7.53 -12.14 -13.84
N LEU A 121 7.15 -12.73 -14.96
CA LEU A 121 5.91 -13.50 -15.03
C LEU A 121 6.16 -14.87 -15.66
N SER A 122 5.42 -15.87 -15.19
CA SER A 122 5.55 -17.23 -15.70
C SER A 122 4.19 -17.81 -16.06
N GLY A 123 3.19 -17.51 -15.25
CA GLY A 123 1.85 -18.01 -15.48
C GLY A 123 1.10 -18.30 -14.20
N PRO A 124 1.06 -19.59 -13.81
CA PRO A 124 0.37 -20.03 -12.60
C PRO A 124 1.09 -19.58 -11.33
N SER A 125 0.33 -18.99 -10.41
CA SER A 125 0.90 -18.51 -9.15
C SER A 125 1.24 -19.68 -8.22
N SER A 126 0.26 -20.56 -8.02
CA SER A 126 0.45 -21.71 -7.15
C SER A 126 1.63 -22.56 -7.62
N GLY A 127 2.13 -23.43 -6.74
CA GLY A 127 3.25 -24.28 -7.08
C GLY A 127 2.93 -25.75 -6.90
N GLY A 1 6.68 20.53 -2.64
CA GLY A 1 6.96 20.78 -4.04
C GLY A 1 8.34 20.31 -4.45
N SER A 2 8.39 19.28 -5.30
CA SER A 2 9.65 18.74 -5.76
C SER A 2 9.63 18.52 -7.27
N SER A 3 10.39 19.34 -7.99
CA SER A 3 10.45 19.23 -9.45
C SER A 3 11.73 18.53 -9.90
N GLY A 4 11.66 17.83 -11.02
CA GLY A 4 12.81 17.11 -11.53
C GLY A 4 12.63 16.67 -12.96
N SER A 5 12.85 15.39 -13.22
CA SER A 5 12.72 14.84 -14.57
C SER A 5 11.37 14.14 -14.74
N SER A 6 11.11 13.67 -15.96
CA SER A 6 9.85 12.98 -16.25
C SER A 6 9.90 11.54 -15.75
N GLY A 7 8.75 11.05 -15.30
CA GLY A 7 8.68 9.69 -14.81
C GLY A 7 7.47 9.45 -13.92
N PRO A 8 7.35 8.22 -13.38
CA PRO A 8 6.24 7.85 -12.50
C PRO A 8 6.29 8.56 -11.15
N ILE A 9 7.51 8.79 -10.67
CA ILE A 9 7.70 9.46 -9.38
C ILE A 9 6.72 10.60 -9.21
N ASP A 10 6.63 11.46 -10.23
CA ASP A 10 5.72 12.61 -10.19
C ASP A 10 4.29 12.15 -9.99
N LEU A 11 3.90 11.09 -10.69
CA LEU A 11 2.55 10.55 -10.59
C LEU A 11 2.15 10.35 -9.14
N ILE A 12 3.05 9.79 -8.35
CA ILE A 12 2.79 9.54 -6.94
C ILE A 12 2.86 10.84 -6.13
N THR A 13 1.97 10.97 -5.15
CA THR A 13 1.94 12.16 -4.31
C THR A 13 1.72 11.79 -2.84
N VAL A 14 2.51 12.38 -1.96
CA VAL A 14 2.41 12.12 -0.53
C VAL A 14 0.95 11.90 -0.13
N GLY A 15 0.72 10.85 0.65
CA GLY A 15 -0.63 10.53 1.11
C GLY A 15 -1.25 9.41 0.31
N SER A 16 -0.93 9.34 -0.97
CA SER A 16 -1.47 8.30 -1.85
C SER A 16 -1.55 6.96 -1.11
N LEU A 17 -2.74 6.40 -1.03
CA LEU A 17 -2.95 5.13 -0.37
C LEU A 17 -2.55 3.96 -1.27
N ILE A 18 -1.81 3.02 -0.72
CA ILE A 18 -1.36 1.86 -1.48
C ILE A 18 -1.24 0.63 -0.58
N GLU A 19 -1.32 -0.55 -1.19
CA GLU A 19 -1.22 -1.80 -0.45
C GLU A 19 0.23 -2.21 -0.26
N LEU A 20 0.47 -3.19 0.60
CA LEU A 20 1.82 -3.67 0.87
C LEU A 20 1.79 -5.12 1.35
N GLN A 21 2.85 -5.87 1.04
CA GLN A 21 2.95 -7.26 1.43
C GLN A 21 3.73 -7.41 2.73
N ASP A 22 3.17 -8.18 3.66
CA ASP A 22 3.82 -8.40 4.96
C ASP A 22 5.23 -8.93 4.78
N SER A 23 6.07 -8.73 5.79
CA SER A 23 7.46 -9.18 5.74
C SER A 23 7.60 -10.56 6.35
N GLN A 24 6.46 -11.17 6.69
CA GLN A 24 6.46 -12.50 7.29
C GLN A 24 5.73 -13.50 6.38
N ASN A 25 4.65 -13.06 5.77
CA ASN A 25 3.87 -13.91 4.89
C ASN A 25 3.28 -13.11 3.73
N PRO A 26 3.53 -13.58 2.50
CA PRO A 26 3.04 -12.91 1.28
C PRO A 26 1.52 -13.03 1.13
N PHE A 27 1.01 -14.23 1.38
CA PHE A 27 -0.42 -14.49 1.27
C PHE A 27 -1.23 -13.35 1.90
N GLN A 28 -0.73 -12.83 3.02
CA GLN A 28 -1.40 -11.75 3.72
C GLN A 28 -0.82 -10.40 3.31
N TYR A 29 -1.63 -9.35 3.43
CA TYR A 29 -1.20 -8.00 3.08
C TYR A 29 -1.80 -6.96 4.02
N TRP A 30 -1.50 -5.69 3.76
CA TRP A 30 -2.02 -4.61 4.59
C TRP A 30 -2.10 -3.31 3.79
N ILE A 31 -2.84 -2.34 4.32
CA ILE A 31 -3.00 -1.05 3.65
C ILE A 31 -2.09 -0.01 4.28
N VAL A 32 -1.43 0.78 3.43
CA VAL A 32 -0.53 1.83 3.90
C VAL A 32 -0.78 3.14 3.16
N SER A 33 -0.19 4.22 3.67
CA SER A 33 -0.35 5.53 3.06
C SER A 33 0.99 6.23 2.91
N VAL A 34 1.28 6.75 1.71
CA VAL A 34 2.51 7.44 1.45
C VAL A 34 2.74 8.57 2.45
N ILE A 35 3.81 8.44 3.25
CA ILE A 35 4.14 9.45 4.25
C ILE A 35 5.05 10.52 3.66
N GLU A 36 6.08 10.09 2.95
CA GLU A 36 7.03 11.02 2.34
C GLU A 36 7.60 10.43 1.05
N ASN A 37 7.87 11.31 0.08
CA ASN A 37 8.42 10.88 -1.19
C ASN A 37 9.70 11.64 -1.52
N VAL A 38 10.85 10.99 -1.34
CA VAL A 38 12.13 11.60 -1.61
C VAL A 38 12.81 10.96 -2.82
N GLY A 39 12.57 11.54 -3.99
CA GLY A 39 13.16 11.00 -5.20
C GLY A 39 12.83 9.54 -5.42
N GLY A 40 11.60 9.16 -5.09
CA GLY A 40 11.18 7.78 -5.26
C GLY A 40 11.13 7.03 -3.95
N ARG A 41 11.66 7.64 -2.90
CA ARG A 41 11.68 7.02 -1.58
C ARG A 41 10.35 7.22 -0.86
N LEU A 42 9.42 6.31 -1.06
CA LEU A 42 8.11 6.39 -0.43
C LEU A 42 8.13 5.76 0.95
N ARG A 43 7.94 6.58 1.98
CA ARG A 43 7.93 6.10 3.36
C ARG A 43 6.54 5.66 3.77
N LEU A 44 6.28 4.35 3.67
CA LEU A 44 4.98 3.81 4.04
C LEU A 44 4.89 3.58 5.55
N ARG A 45 3.67 3.68 6.08
CA ARG A 45 3.45 3.48 7.51
C ARG A 45 2.09 2.83 7.77
N TYR A 46 2.11 1.58 8.21
CA TYR A 46 0.88 0.86 8.49
C TYR A 46 -0.19 1.78 9.04
N VAL A 47 -1.38 1.71 8.48
CA VAL A 47 -2.50 2.55 8.92
C VAL A 47 -2.85 2.28 10.38
N GLY A 48 -3.03 3.35 11.14
CA GLY A 48 -3.36 3.21 12.54
C GLY A 48 -2.22 3.63 13.46
N LEU A 49 -0.99 3.50 12.96
CA LEU A 49 0.20 3.87 13.74
C LEU A 49 0.80 5.17 13.22
N GLU A 50 -0.06 6.05 12.71
CA GLU A 50 0.39 7.33 12.19
C GLU A 50 1.10 8.14 13.27
N ASP A 51 0.50 8.18 14.45
CA ASP A 51 1.07 8.91 15.58
C ASP A 51 2.50 8.46 15.87
N THR A 52 2.67 7.16 16.10
CA THR A 52 3.97 6.59 16.38
C THR A 52 4.78 6.41 15.10
N GLU A 53 6.06 6.76 15.15
CA GLU A 53 6.93 6.63 13.99
C GLU A 53 8.02 5.59 14.25
N SER A 54 7.61 4.43 14.76
CA SER A 54 8.55 3.35 15.05
C SER A 54 8.27 2.13 14.16
N TYR A 55 6.99 1.84 13.96
CA TYR A 55 6.59 0.71 13.13
C TYR A 55 6.40 1.13 11.68
N ASP A 56 7.31 1.96 11.19
CA ASP A 56 7.24 2.45 9.82
C ASP A 56 8.21 1.68 8.92
N GLN A 57 8.19 1.98 7.63
CA GLN A 57 9.06 1.32 6.67
C GLN A 57 9.30 2.20 5.45
N TRP A 58 10.31 1.84 4.66
CA TRP A 58 10.63 2.59 3.45
C TRP A 58 10.73 1.67 2.24
N LEU A 59 10.29 2.17 1.09
CA LEU A 59 10.33 1.39 -0.14
C LEU A 59 10.60 2.29 -1.34
N PHE A 60 10.76 1.67 -2.51
CA PHE A 60 11.03 2.42 -3.73
C PHE A 60 9.92 2.19 -4.76
N TYR A 61 9.29 3.29 -5.19
CA TYR A 61 8.21 3.21 -6.16
C TYR A 61 8.49 2.12 -7.20
N LEU A 62 9.77 1.87 -7.45
CA LEU A 62 10.17 0.86 -8.42
C LEU A 62 10.16 -0.53 -7.79
N ASP A 63 9.19 -0.78 -6.93
CA ASP A 63 9.07 -2.07 -6.26
C ASP A 63 7.87 -2.85 -6.79
N TYR A 64 7.60 -4.00 -6.18
CA TYR A 64 6.49 -4.84 -6.58
C TYR A 64 5.39 -4.86 -5.52
N ARG A 65 5.81 -4.93 -4.26
CA ARG A 65 4.88 -4.97 -3.14
C ARG A 65 3.80 -3.89 -3.31
N LEU A 66 4.21 -2.73 -3.80
CA LEU A 66 3.27 -1.62 -4.01
C LEU A 66 2.16 -2.02 -4.97
N ARG A 67 0.96 -2.18 -4.45
CA ARG A 67 -0.18 -2.56 -5.27
C ARG A 67 -1.36 -1.62 -5.04
N PRO A 68 -2.15 -1.39 -6.08
CA PRO A 68 -3.32 -0.50 -6.02
C PRO A 68 -4.45 -1.11 -5.17
N VAL A 69 -5.14 -0.24 -4.44
CA VAL A 69 -6.25 -0.69 -3.59
C VAL A 69 -7.46 -1.08 -4.43
N GLY A 70 -8.04 -2.22 -4.10
CA GLY A 70 -9.21 -2.70 -4.84
C GLY A 70 -9.02 -4.10 -5.37
N TRP A 71 -7.78 -4.43 -5.76
CA TRP A 71 -7.47 -5.75 -6.30
C TRP A 71 -7.64 -6.83 -5.23
N CYS A 72 -7.15 -6.54 -4.02
CA CYS A 72 -7.25 -7.49 -2.92
C CYS A 72 -8.70 -7.65 -2.46
N GLN A 73 -9.48 -6.59 -2.62
CA GLN A 73 -10.89 -6.61 -2.22
C GLN A 73 -11.53 -7.95 -2.56
N GLU A 74 -11.42 -8.35 -3.82
CA GLU A 74 -11.99 -9.62 -4.26
C GLU A 74 -11.33 -10.79 -3.55
N ASN A 75 -11.67 -12.01 -3.99
CA ASN A 75 -11.11 -13.21 -3.39
C ASN A 75 -9.67 -13.43 -3.85
N LYS A 76 -8.87 -12.38 -3.75
CA LYS A 76 -7.46 -12.45 -4.15
C LYS A 76 -6.60 -12.99 -3.01
N TYR A 77 -6.56 -12.26 -1.90
CA TYR A 77 -5.77 -12.67 -0.75
C TYR A 77 -6.42 -12.19 0.55
N ARG A 78 -5.75 -12.44 1.67
CA ARG A 78 -6.26 -12.03 2.97
C ARG A 78 -5.75 -10.65 3.34
N MET A 79 -6.66 -9.79 3.80
CA MET A 79 -6.30 -8.43 4.20
C MET A 79 -6.24 -8.31 5.72
N ASP A 80 -5.09 -8.67 6.29
CA ASP A 80 -4.91 -8.60 7.74
C ASP A 80 -3.50 -8.13 8.08
N PRO A 81 -3.38 -7.28 9.10
CA PRO A 81 -2.10 -6.74 9.55
C PRO A 81 -1.22 -7.80 10.21
N PRO A 82 0.08 -7.51 10.33
CA PRO A 82 1.04 -8.42 10.95
C PRO A 82 0.84 -8.55 12.45
N SER A 83 1.14 -9.73 12.98
CA SER A 83 0.99 -9.99 14.41
C SER A 83 1.91 -9.08 15.23
N GLU A 84 2.79 -8.38 14.54
CA GLU A 84 3.74 -7.48 15.20
C GLU A 84 3.01 -6.25 15.73
N ILE A 85 1.86 -5.93 15.14
CA ILE A 85 1.07 -4.78 15.56
C ILE A 85 -0.35 -5.17 15.89
N TYR A 86 -0.85 -6.20 15.21
CA TYR A 86 -2.21 -6.68 15.43
C TYR A 86 -2.55 -6.65 16.92
N PRO A 87 -1.68 -7.27 17.74
CA PRO A 87 -1.87 -7.34 19.19
C PRO A 87 -1.69 -5.98 19.86
N LEU A 88 -0.84 -5.14 19.26
CA LEU A 88 -0.58 -3.81 19.80
C LEU A 88 -1.87 -3.01 19.94
N LYS A 89 -2.70 -3.07 18.90
CA LYS A 89 -3.97 -2.35 18.91
C LYS A 89 -5.14 -3.31 19.10
N MET A 90 -6.32 -2.77 19.40
CA MET A 90 -7.52 -3.58 19.60
C MET A 90 -8.06 -4.08 18.27
N ALA A 91 -8.40 -5.35 18.22
CA ALA A 91 -8.96 -5.96 17.01
C ALA A 91 -9.89 -4.99 16.29
N SER A 92 -10.60 -4.18 17.06
CA SER A 92 -11.53 -3.20 16.50
C SER A 92 -10.78 -2.05 15.84
N GLU A 93 -9.72 -1.58 16.50
CA GLU A 93 -8.93 -0.49 15.99
C GLU A 93 -8.48 -0.76 14.56
N TRP A 94 -7.74 -1.86 14.38
CA TRP A 94 -7.25 -2.23 13.05
C TRP A 94 -8.38 -2.27 12.05
N LYS A 95 -9.47 -2.94 12.40
CA LYS A 95 -10.63 -3.05 11.53
C LYS A 95 -11.20 -1.68 11.19
N CYS A 96 -11.15 -0.78 12.16
CA CYS A 96 -11.66 0.58 11.97
C CYS A 96 -10.84 1.32 10.92
N THR A 97 -9.58 1.58 11.24
CA THR A 97 -8.69 2.29 10.33
C THR A 97 -8.54 1.53 9.01
N LEU A 98 -8.77 0.22 9.05
CA LEU A 98 -8.67 -0.61 7.86
C LEU A 98 -9.77 -0.27 6.85
N GLU A 99 -10.99 -0.13 7.35
CA GLU A 99 -12.13 0.19 6.50
C GLU A 99 -12.03 1.62 5.99
N LYS A 100 -12.13 2.58 6.92
CA LYS A 100 -12.06 3.99 6.57
C LYS A 100 -11.03 4.22 5.46
N SER A 101 -9.85 3.64 5.62
CA SER A 101 -8.79 3.79 4.64
C SER A 101 -9.22 3.28 3.26
N LEU A 102 -9.76 2.06 3.24
CA LEU A 102 -10.22 1.45 2.00
C LEU A 102 -11.04 2.46 1.18
N ILE A 103 -12.01 3.08 1.84
CA ILE A 103 -12.86 4.07 1.16
C ILE A 103 -12.04 5.23 0.63
N ASP A 104 -11.15 5.75 1.45
CA ASP A 104 -10.29 6.87 1.06
C ASP A 104 -9.56 6.55 -0.24
N ALA A 105 -9.11 5.31 -0.38
CA ALA A 105 -8.40 4.89 -1.58
C ALA A 105 -9.20 5.20 -2.84
N ALA A 106 -10.50 5.02 -2.76
CA ALA A 106 -11.38 5.30 -3.90
C ALA A 106 -11.63 6.80 -4.05
N LYS A 107 -11.17 7.57 -3.08
CA LYS A 107 -11.34 9.02 -3.10
C LYS A 107 -10.04 9.72 -3.47
N PHE A 108 -8.92 9.08 -3.13
CA PHE A 108 -7.61 9.64 -3.43
C PHE A 108 -6.69 8.59 -4.05
N PRO A 109 -7.24 7.82 -5.01
CA PRO A 109 -6.50 6.75 -5.68
C PRO A 109 -5.43 7.31 -6.63
N LEU A 110 -4.66 6.41 -7.24
CA LEU A 110 -3.60 6.82 -8.16
C LEU A 110 -3.83 6.22 -9.55
N PRO A 111 -3.25 6.86 -10.57
CA PRO A 111 -3.37 6.40 -11.96
C PRO A 111 -2.59 5.10 -12.21
N MET A 112 -3.27 4.14 -12.84
CA MET A 112 -2.64 2.85 -13.13
C MET A 112 -1.25 3.05 -13.73
N GLU A 113 -1.11 4.06 -14.58
CA GLU A 113 0.16 4.35 -15.23
C GLU A 113 1.32 4.06 -14.28
N VAL A 114 1.19 4.50 -13.04
CA VAL A 114 2.24 4.29 -12.03
C VAL A 114 2.62 2.82 -11.94
N PHE A 115 1.64 1.98 -11.62
CA PHE A 115 1.89 0.54 -11.50
C PHE A 115 1.76 -0.14 -12.86
N LYS A 116 2.32 0.49 -13.89
CA LYS A 116 2.28 -0.05 -15.24
C LYS A 116 3.38 -1.09 -15.44
N ASP A 117 3.05 -2.34 -15.15
CA ASP A 117 4.01 -3.44 -15.31
C ASP A 117 3.73 -4.22 -16.59
N HIS A 118 2.53 -4.75 -16.70
CA HIS A 118 2.13 -5.53 -17.88
C HIS A 118 0.62 -5.67 -17.96
N ALA A 119 0.12 -6.02 -19.14
CA ALA A 119 -1.31 -6.19 -19.35
C ALA A 119 -1.96 -6.85 -18.14
N ASP A 120 -3.22 -6.50 -17.89
CA ASP A 120 -3.96 -7.05 -16.76
C ASP A 120 -4.57 -8.41 -17.13
N LEU A 121 -3.74 -9.28 -17.68
CA LEU A 121 -4.20 -10.62 -18.08
C LEU A 121 -5.11 -11.22 -17.02
N SER A 122 -6.12 -11.97 -17.46
CA SER A 122 -7.07 -12.59 -16.55
C SER A 122 -6.45 -13.81 -15.87
N GLY A 123 -7.02 -14.21 -14.74
CA GLY A 123 -6.51 -15.36 -14.02
C GLY A 123 -7.60 -16.34 -13.66
N PRO A 124 -8.15 -17.01 -14.68
CA PRO A 124 -9.23 -18.00 -14.49
C PRO A 124 -8.72 -19.27 -13.81
N SER A 125 -9.36 -19.63 -12.70
CA SER A 125 -8.98 -20.82 -11.95
C SER A 125 -10.12 -21.84 -11.93
N SER A 126 -9.76 -23.11 -11.78
CA SER A 126 -10.75 -24.18 -11.75
C SER A 126 -10.84 -24.79 -10.36
N GLY A 127 -11.80 -25.69 -10.18
CA GLY A 127 -11.99 -26.33 -8.89
C GLY A 127 -13.16 -27.30 -8.88
#